data_3B2E
#
_entry.id   3B2E
#
_cell.length_a   114.338
_cell.length_b   167.663
_cell.length_c   244.571
_cell.angle_alpha   90.00
_cell.angle_beta   90.00
_cell.angle_gamma   90.00
#
_symmetry.space_group_name_H-M   'C 2 2 21'
#
loop_
_entity.id
_entity.type
_entity.pdbx_description
1 polymer 'ATPase GET3'
2 polymer 'Golgi to ER traffic protein 1'
3 non-polymer "ADENOSINE-5'-DIPHOSPHATE"
#
loop_
_entity_poly.entity_id
_entity_poly.type
_entity_poly.pdbx_seq_one_letter_code
_entity_poly.pdbx_strand_id
1 'polypeptide(L)'
;MDLTVEPNLHSLITSTTHKWIFVGGKGGVGKTTSSCSIAIQMALSQPNKQFLLISTDPAHNLSDAFGEKFGKDARKVTGM
NNLSCMEIDPSAALKDMNDMAVSRANNNGSDGQGDDLGSLLQGGALADLTGSIPGIDEALSFMEVMKHIKRQEQDEGETF
DTVIFDTAPTGHTLRFLQLPNTLSKLLEKFGEITNKLGPMLNSFMGAGNVDISGKLNELKANVETIRQQFTDPDLTTFVC
VCISEFLSLYETERLIQELISYDMDVNSIIVNQLLFAENDQEHNCKRCQARWKMQKKYLDQIDELYEDFHVVKMPLCAGE
IRGLNNLTKFSQFLNKEYNPITDGKVIYELEDKELEHHHHHH
;
A,B,C,D
2 'polypeptide(L)'
;TNKYHEKWISKFAPGNELSKKYLAKVKERHELKEFNNSISAQDNYAKWTKNNRKLDSLDKEINNLKDEIQSENKAFQAHL
HKLR
;
E,F,G,H
#
# COMPACT_ATOMS: atom_id res chain seq x y z
N LEU A 3 -28.16 10.53 16.92
CA LEU A 3 -26.78 10.25 16.44
C LEU A 3 -26.39 11.22 15.31
N THR A 4 -26.69 12.50 15.55
CA THR A 4 -26.41 13.59 14.62
C THR A 4 -24.93 13.98 14.75
N VAL A 5 -24.46 14.86 13.86
CA VAL A 5 -23.05 15.29 13.91
C VAL A 5 -22.87 16.67 14.53
N GLU A 6 -21.77 16.86 15.22
CA GLU A 6 -21.51 18.13 15.88
C GLU A 6 -21.38 19.35 14.95
N PRO A 7 -22.23 20.37 15.12
CA PRO A 7 -22.14 21.56 14.27
C PRO A 7 -20.91 22.44 14.55
N ASN A 8 -19.74 21.82 14.56
CA ASN A 8 -18.49 22.53 14.80
C ASN A 8 -17.31 21.69 14.34
N LEU A 9 -16.12 22.26 14.43
CA LEU A 9 -14.90 21.57 13.99
C LEU A 9 -14.12 21.01 15.18
N HIS A 10 -14.76 20.92 16.34
CA HIS A 10 -14.09 20.43 17.53
C HIS A 10 -13.36 19.14 17.27
N SER A 11 -14.04 18.20 16.64
CA SER A 11 -13.48 16.90 16.31
C SER A 11 -12.18 16.98 15.51
N LEU A 12 -12.04 18.01 14.68
CA LEU A 12 -10.85 18.15 13.86
C LEU A 12 -9.77 18.95 14.59
N ILE A 13 -10.16 19.96 15.34
CA ILE A 13 -9.18 20.76 16.07
C ILE A 13 -8.59 19.93 17.20
N THR A 14 -9.29 18.86 17.54
CA THR A 14 -8.88 17.96 18.61
C THR A 14 -8.12 16.78 18.05
N SER A 15 -8.44 16.42 16.81
CA SER A 15 -7.78 15.29 16.17
C SER A 15 -6.30 15.35 16.30
N THR A 16 -5.72 14.17 16.40
CA THR A 16 -4.28 14.04 16.56
C THR A 16 -3.66 13.37 15.31
N THR A 17 -4.52 12.65 14.59
CA THR A 17 -4.15 11.92 13.39
C THR A 17 -3.81 12.78 12.15
N HIS A 18 -4.61 13.80 11.86
CA HIS A 18 -4.39 14.67 10.70
C HIS A 18 -3.04 15.34 10.61
N LYS A 19 -2.56 15.55 9.39
CA LYS A 19 -1.28 16.19 9.15
C LYS A 19 -1.44 17.27 8.09
N TRP A 20 -2.43 17.08 7.22
CA TRP A 20 -2.73 18.00 6.13
C TRP A 20 -4.16 18.50 6.19
N ILE A 21 -4.33 19.81 6.18
CA ILE A 21 -5.67 20.40 6.20
C ILE A 21 -5.78 21.51 5.15
N PHE A 22 -6.78 21.39 4.27
CA PHE A 22 -6.99 22.37 3.22
C PHE A 22 -8.26 23.20 3.46
N VAL A 23 -8.14 24.51 3.30
CA VAL A 23 -9.24 25.45 3.50
C VAL A 23 -9.44 26.21 2.20
N GLY A 24 -10.65 26.20 1.63
CA GLY A 24 -10.86 26.95 0.40
C GLY A 24 -12.25 27.46 0.15
N GLY A 25 -12.41 28.44 -0.72
CA GLY A 25 -13.71 28.97 -1.04
C GLY A 25 -13.66 30.25 -1.87
N LYS A 26 -14.21 30.19 -3.08
CA LYS A 26 -14.21 31.36 -3.99
C LYS A 26 -15.21 32.43 -3.56
N GLY A 27 -14.97 33.67 -3.99
CA GLY A 27 -15.83 34.80 -3.64
C GLY A 27 -15.23 35.36 -2.37
N GLY A 28 -15.59 36.57 -1.97
CA GLY A 28 -15.00 37.08 -0.74
C GLY A 28 -15.72 36.56 0.48
N VAL A 29 -15.72 35.24 0.67
CA VAL A 29 -16.45 34.63 1.76
C VAL A 29 -15.77 34.48 3.13
N GLY A 30 -14.44 34.49 3.18
CA GLY A 30 -13.79 34.36 4.47
C GLY A 30 -12.83 33.19 4.53
N LYS A 31 -12.33 32.77 3.38
CA LYS A 31 -11.38 31.68 3.27
C LYS A 31 -10.18 31.99 4.15
N THR A 32 -9.51 33.11 3.89
CA THR A 32 -8.34 33.52 4.67
C THR A 32 -8.59 33.54 6.18
N THR A 33 -9.66 34.21 6.58
CA THR A 33 -10.01 34.30 7.98
C THR A 33 -10.22 32.93 8.59
N SER A 34 -10.93 32.08 7.88
CA SER A 34 -11.17 30.74 8.37
C SER A 34 -9.85 29.99 8.42
N SER A 35 -9.01 30.18 7.40
CA SER A 35 -7.72 29.54 7.37
C SER A 35 -6.96 29.84 8.62
N CYS A 36 -6.90 31.13 8.96
CA CYS A 36 -6.21 31.51 10.18
C CYS A 36 -6.90 30.93 11.41
N SER A 37 -8.22 31.05 11.47
CA SER A 37 -8.95 30.54 12.62
C SER A 37 -8.75 29.05 12.87
N ILE A 38 -8.85 28.23 11.83
CA ILE A 38 -8.63 26.81 12.02
C ILE A 38 -7.22 26.59 12.53
N ALA A 39 -6.29 27.38 12.02
CA ALA A 39 -4.89 27.28 12.44
C ALA A 39 -4.74 27.61 13.92
N ILE A 40 -5.02 28.86 14.27
CA ILE A 40 -4.94 29.28 15.66
C ILE A 40 -5.64 28.30 16.60
N GLN A 41 -6.86 27.90 16.26
CA GLN A 41 -7.58 26.99 17.10
C GLN A 41 -6.81 25.69 17.32
N MET A 42 -6.31 25.08 16.24
CA MET A 42 -5.55 23.83 16.36
C MET A 42 -4.30 24.02 17.17
N ALA A 43 -3.62 25.14 16.98
CA ALA A 43 -2.40 25.44 17.73
C ALA A 43 -2.66 25.54 19.24
N LEU A 44 -3.67 26.29 19.62
CA LEU A 44 -3.98 26.48 21.03
C LEU A 44 -4.42 25.20 21.71
N SER A 45 -5.06 24.30 20.97
CA SER A 45 -5.55 23.07 21.55
C SER A 45 -4.59 21.89 21.57
N GLN A 46 -3.37 22.08 21.06
CA GLN A 46 -2.36 21.00 21.03
C GLN A 46 -0.98 21.64 21.14
N PRO A 47 -0.59 22.13 22.32
CA PRO A 47 0.69 22.78 22.59
C PRO A 47 1.93 21.99 22.20
N ASN A 48 1.85 20.67 22.36
CA ASN A 48 2.97 19.79 22.02
C ASN A 48 3.36 19.92 20.56
N LYS A 49 2.42 19.66 19.66
CA LYS A 49 2.65 19.74 18.22
C LYS A 49 3.06 21.14 17.72
N GLN A 50 3.73 21.17 16.58
CA GLN A 50 4.16 22.43 15.96
C GLN A 50 3.38 22.62 14.65
N PHE A 51 2.87 23.83 14.40
CA PHE A 51 2.04 24.10 13.21
C PHE A 51 2.53 25.11 12.19
N LEU A 52 2.12 24.90 10.93
CA LEU A 52 2.47 25.78 9.82
C LEU A 52 1.25 26.17 8.98
N LEU A 53 1.05 27.47 8.81
CA LEU A 53 -0.05 28.01 8.01
C LEU A 53 0.63 28.57 6.78
N ILE A 54 0.39 27.97 5.63
CA ILE A 54 1.03 28.39 4.40
C ILE A 54 0.04 28.90 3.37
N SER A 55 0.40 29.96 2.66
CA SER A 55 -0.47 30.55 1.63
C SER A 55 0.23 30.81 0.29
N THR A 56 -0.45 30.43 -0.79
CA THR A 56 0.10 30.62 -2.14
C THR A 56 -0.20 32.01 -2.71
N ASP A 57 -1.26 32.64 -2.22
CA ASP A 57 -1.68 33.97 -2.66
C ASP A 57 -0.57 35.02 -2.78
N PRO A 58 -0.49 35.70 -3.95
CA PRO A 58 0.48 36.74 -4.26
C PRO A 58 0.24 38.02 -3.48
N ALA A 59 -1.02 38.27 -3.14
CA ALA A 59 -1.41 39.47 -2.41
C ALA A 59 -0.97 39.48 -0.94
N HIS A 60 -0.32 38.41 -0.50
CA HIS A 60 0.15 38.31 0.89
C HIS A 60 -0.97 38.63 1.88
N ASN A 61 -1.95 37.72 1.94
CA ASN A 61 -3.09 37.86 2.80
C ASN A 61 -2.81 37.56 4.27
N LEU A 62 -2.20 36.41 4.55
CA LEU A 62 -1.91 36.07 5.93
C LEU A 62 -1.23 37.23 6.63
N SER A 63 -0.40 37.97 5.90
CA SER A 63 0.29 39.11 6.46
C SER A 63 -0.67 40.21 6.81
N ASP A 64 -1.68 40.39 5.98
CA ASP A 64 -2.72 41.39 6.23
C ASP A 64 -3.59 40.98 7.41
N ALA A 65 -3.96 39.71 7.41
CA ALA A 65 -4.80 39.12 8.45
C ALA A 65 -4.28 39.31 9.85
N PHE A 66 -3.00 38.97 10.04
CA PHE A 66 -2.37 39.08 11.35
C PHE A 66 -1.78 40.45 11.66
N GLY A 67 -1.43 41.20 10.63
CA GLY A 67 -0.83 42.51 10.83
C GLY A 67 0.66 42.35 11.06
N GLU A 68 1.24 41.33 10.46
CA GLU A 68 2.66 41.04 10.57
C GLU A 68 3.18 40.76 9.17
N LYS A 69 4.46 41.01 8.92
CA LYS A 69 5.02 40.76 7.60
C LYS A 69 5.65 39.37 7.49
N PHE A 70 4.89 38.41 6.98
CA PHE A 70 5.39 37.05 6.83
C PHE A 70 5.92 36.92 5.40
N GLY A 71 7.09 36.31 5.25
CA GLY A 71 7.66 36.17 3.92
C GLY A 71 7.84 34.72 3.49
N LYS A 72 8.89 34.46 2.71
CA LYS A 72 9.18 33.11 2.23
C LYS A 72 9.79 32.33 3.38
N ASP A 73 10.17 33.06 4.42
CA ASP A 73 10.77 32.49 5.61
C ASP A 73 9.80 32.25 6.76
N ALA A 74 9.46 30.98 6.97
CA ALA A 74 8.54 30.57 8.01
C ALA A 74 8.85 31.21 9.35
N ARG A 75 8.18 32.32 9.65
CA ARG A 75 8.36 32.99 10.93
C ARG A 75 7.26 32.45 11.86
N LYS A 76 7.28 32.84 13.12
CA LYS A 76 6.26 32.37 14.05
C LYS A 76 5.35 33.54 14.37
N VAL A 77 4.08 33.24 14.60
CA VAL A 77 3.15 34.32 14.89
C VAL A 77 3.46 34.96 16.21
N THR A 78 3.63 36.27 16.16
CA THR A 78 3.94 37.07 17.34
C THR A 78 2.80 36.97 18.35
N GLY A 79 2.97 36.10 19.35
CA GLY A 79 1.95 35.94 20.36
C GLY A 79 1.56 34.48 20.48
N MET A 80 2.01 33.68 19.52
CA MET A 80 1.72 32.26 19.49
C MET A 80 2.95 31.49 19.92
N ASN A 81 2.92 30.18 19.80
CA ASN A 81 4.06 29.38 20.20
C ASN A 81 4.32 28.16 19.33
N ASN A 82 3.34 27.78 18.53
CA ASN A 82 3.47 26.64 17.65
C ASN A 82 2.80 26.89 16.31
N LEU A 83 2.45 28.14 16.05
CA LEU A 83 1.83 28.49 14.79
C LEU A 83 2.83 29.35 14.03
N SER A 84 3.16 28.92 12.83
CA SER A 84 4.09 29.63 12.00
C SER A 84 3.50 29.81 10.60
N CYS A 85 3.53 31.04 10.11
CA CYS A 85 3.00 31.34 8.80
C CYS A 85 4.07 31.48 7.75
N MET A 86 3.74 31.06 6.53
CA MET A 86 4.68 31.10 5.42
C MET A 86 3.94 31.47 4.14
N GLU A 87 4.40 32.53 3.48
CA GLU A 87 3.79 33.02 2.23
C GLU A 87 4.75 32.92 1.05
N ILE A 88 4.45 32.04 0.11
CA ILE A 88 5.31 31.88 -1.06
C ILE A 88 4.54 31.93 -2.37
N ASP A 89 5.25 32.22 -3.46
CA ASP A 89 4.63 32.27 -4.78
C ASP A 89 5.32 31.21 -5.65
N PRO A 90 4.60 30.12 -5.98
CA PRO A 90 5.13 29.03 -6.80
C PRO A 90 5.09 29.27 -8.31
N SER A 91 4.18 30.15 -8.74
CA SER A 91 4.03 30.46 -10.16
C SER A 91 5.25 31.21 -10.69
N ALA A 92 5.95 31.88 -9.77
CA ALA A 92 7.13 32.66 -10.09
C ALA A 92 8.44 31.87 -9.95
N ALA A 93 8.48 30.96 -9.00
CA ALA A 93 9.68 30.14 -8.78
C ALA A 93 9.83 29.07 -9.86
N LEU A 94 8.71 28.50 -10.30
CA LEU A 94 8.70 27.46 -11.33
C LEU A 94 8.91 28.09 -12.70
N LYS A 95 8.80 29.41 -12.77
CA LYS A 95 8.97 30.17 -14.01
C LYS A 95 10.42 30.60 -14.24
N ASP A 96 11.26 30.48 -13.20
CA ASP A 96 12.67 30.86 -13.30
C ASP A 96 13.54 29.70 -13.77
N MET A 97 13.34 28.52 -13.19
CA MET A 97 14.10 27.34 -13.59
C MET A 97 13.47 26.79 -14.88
N ASN A 98 12.92 27.73 -15.66
CA ASN A 98 12.27 27.45 -16.94
C ASN A 98 12.50 28.67 -17.84
N ASP A 99 13.67 29.28 -17.67
CA ASP A 99 14.08 30.45 -18.45
C ASP A 99 15.42 30.19 -19.16
N LEU A 126 10.38 22.38 -24.28
CA LEU A 126 10.16 23.08 -23.03
C LEU A 126 8.91 22.58 -22.32
N ALA A 127 8.28 23.44 -21.51
CA ALA A 127 7.09 23.05 -20.77
C ALA A 127 5.96 22.64 -21.71
N ASP A 128 6.23 22.74 -23.00
CA ASP A 128 5.26 22.35 -24.00
C ASP A 128 4.52 21.08 -23.62
N LEU A 129 5.16 20.11 -22.99
CA LEU A 129 4.34 18.94 -22.71
C LEU A 129 3.53 19.13 -21.45
N THR A 130 3.69 20.30 -20.82
CA THR A 130 2.97 20.64 -19.59
C THR A 130 1.58 21.15 -19.95
N GLY A 131 1.53 22.20 -20.77
CA GLY A 131 0.27 22.74 -21.19
C GLY A 131 -0.51 21.72 -22.00
N SER A 132 0.21 20.72 -22.50
CA SER A 132 -0.41 19.67 -23.30
C SER A 132 -1.16 18.70 -22.40
N ILE A 133 -0.54 18.37 -21.26
CA ILE A 133 -1.13 17.44 -20.30
C ILE A 133 -1.70 18.22 -19.11
N PRO A 134 -3.03 18.12 -18.91
CA PRO A 134 -3.72 18.82 -17.81
C PRO A 134 -3.40 18.29 -16.43
N GLY A 135 -2.83 19.15 -15.58
CA GLY A 135 -2.51 18.73 -14.23
C GLY A 135 -1.06 18.84 -13.85
N ILE A 136 -0.18 18.86 -14.85
CA ILE A 136 1.25 18.94 -14.56
C ILE A 136 1.58 20.24 -13.82
N ASP A 137 1.41 21.37 -14.50
CA ASP A 137 1.71 22.67 -13.91
C ASP A 137 1.41 22.71 -12.42
N GLU A 138 0.26 22.15 -12.05
CA GLU A 138 -0.18 22.10 -10.65
C GLU A 138 0.76 21.21 -9.83
N ALA A 139 0.83 19.93 -10.19
CA ALA A 139 1.70 18.99 -9.49
C ALA A 139 3.10 19.56 -9.35
N LEU A 140 3.55 20.25 -10.39
CA LEU A 140 4.87 20.86 -10.39
C LEU A 140 4.93 21.96 -9.35
N SER A 141 4.00 22.91 -9.47
CA SER A 141 3.95 24.04 -8.56
C SER A 141 3.78 23.62 -7.10
N PHE A 142 3.08 22.52 -6.88
CA PHE A 142 2.84 22.01 -5.52
C PHE A 142 4.11 21.47 -4.90
N MET A 143 4.80 20.61 -5.63
CA MET A 143 6.04 20.01 -5.14
C MET A 143 7.08 21.11 -4.93
N GLU A 144 6.92 22.20 -5.68
CA GLU A 144 7.84 23.32 -5.55
C GLU A 144 7.63 23.90 -4.15
N VAL A 145 6.39 23.83 -3.68
CA VAL A 145 6.06 24.33 -2.35
C VAL A 145 6.62 23.35 -1.32
N MET A 146 6.14 22.11 -1.37
CA MET A 146 6.61 21.05 -0.46
C MET A 146 8.11 21.18 -0.23
N LYS A 147 8.81 21.49 -1.31
CA LYS A 147 10.26 21.65 -1.27
C LYS A 147 10.59 22.79 -0.31
N HIS A 148 10.11 23.99 -0.62
CA HIS A 148 10.36 25.16 0.21
C HIS A 148 10.05 24.93 1.67
N ILE A 149 9.22 23.91 1.95
CA ILE A 149 8.86 23.58 3.33
C ILE A 149 9.91 22.71 4.02
N LYS A 150 10.22 21.56 3.43
CA LYS A 150 11.22 20.67 4.01
C LYS A 150 12.55 21.40 4.16
N ARG A 151 12.79 22.39 3.30
CA ARG A 151 14.01 23.19 3.36
C ARG A 151 14.02 23.94 4.69
N GLN A 152 12.89 24.54 5.03
CA GLN A 152 12.74 25.29 6.27
C GLN A 152 12.98 24.37 7.46
N GLU A 153 12.44 23.15 7.37
CA GLU A 153 12.57 22.17 8.45
C GLU A 153 14.01 21.69 8.59
N GLN A 154 14.84 22.06 7.62
CA GLN A 154 16.25 21.69 7.61
C GLN A 154 17.08 22.81 8.27
N ASP A 155 17.05 23.97 7.62
CA ASP A 155 17.78 25.15 8.10
C ASP A 155 17.32 25.55 9.49
N GLU A 156 16.13 25.09 9.87
CA GLU A 156 15.57 25.40 11.18
C GLU A 156 15.58 24.15 12.07
N GLY A 157 15.74 22.99 11.46
CA GLY A 157 15.76 21.74 12.22
C GLY A 157 14.56 21.64 13.13
N GLU A 158 13.39 21.98 12.58
CA GLU A 158 12.12 21.99 13.30
C GLU A 158 11.02 21.34 12.48
N THR A 159 10.65 20.12 12.86
CA THR A 159 9.62 19.37 12.16
C THR A 159 8.17 19.84 12.43
N PHE A 160 7.42 20.08 11.35
CA PHE A 160 6.03 20.53 11.43
C PHE A 160 5.12 19.33 11.43
N ASP A 161 4.32 19.20 12.48
CA ASP A 161 3.41 18.08 12.63
C ASP A 161 2.18 18.18 11.76
N THR A 162 1.69 19.41 11.56
CA THR A 162 0.55 19.62 10.71
C THR A 162 0.62 20.96 9.99
N VAL A 163 0.27 20.91 8.72
CA VAL A 163 0.29 22.07 7.85
C VAL A 163 -1.12 22.37 7.33
N ILE A 164 -1.46 23.66 7.34
CA ILE A 164 -2.78 24.09 6.89
C ILE A 164 -2.60 24.88 5.59
N PHE A 165 -3.34 24.51 4.55
CA PHE A 165 -3.22 25.18 3.28
C PHE A 165 -4.31 26.16 2.97
N ASP A 166 -3.93 27.41 2.77
CA ASP A 166 -4.85 28.47 2.41
C ASP A 166 -4.98 28.35 0.89
N THR A 167 -5.61 27.27 0.43
CA THR A 167 -5.77 27.03 -1.01
C THR A 167 -5.98 28.32 -1.76
N ALA A 168 -5.38 28.41 -2.94
CA ALA A 168 -5.49 29.60 -3.78
C ALA A 168 -6.93 29.89 -4.18
N PRO A 169 -7.31 31.19 -4.22
CA PRO A 169 -8.65 31.64 -4.59
C PRO A 169 -9.20 31.15 -5.95
N THR A 170 -8.40 31.30 -6.99
CA THR A 170 -8.81 30.90 -8.34
C THR A 170 -7.92 29.82 -8.92
N GLY A 171 -8.52 29.00 -9.78
CA GLY A 171 -7.78 27.92 -10.39
C GLY A 171 -7.95 26.70 -9.51
N HIS A 172 -7.77 25.51 -10.09
CA HIS A 172 -7.92 24.28 -9.34
C HIS A 172 -6.60 23.77 -8.76
N THR A 173 -5.95 24.65 -8.02
CA THR A 173 -4.68 24.40 -7.35
C THR A 173 -4.32 22.93 -7.13
N LEU A 174 -5.21 22.13 -6.54
CA LEU A 174 -4.86 20.72 -6.34
C LEU A 174 -5.65 19.74 -7.19
N ARG A 175 -5.47 19.85 -8.50
CA ARG A 175 -6.13 19.00 -9.47
C ARG A 175 -5.19 17.85 -9.84
N PHE A 176 -3.90 18.04 -9.57
CA PHE A 176 -2.89 17.03 -9.89
C PHE A 176 -3.21 15.64 -9.36
N LEU A 177 -4.17 15.54 -8.44
CA LEU A 177 -4.52 14.24 -7.90
C LEU A 177 -5.07 13.29 -8.97
N GLN A 178 -5.39 13.83 -10.15
CA GLN A 178 -5.91 13.03 -11.25
C GLN A 178 -4.77 12.65 -12.19
N LEU A 179 -3.67 13.41 -12.11
CA LEU A 179 -2.49 13.20 -12.93
C LEU A 179 -2.14 11.72 -13.13
N PRO A 180 -2.02 10.96 -12.02
CA PRO A 180 -1.69 9.55 -12.12
C PRO A 180 -2.57 8.79 -13.11
N ASN A 181 -3.84 8.64 -12.74
CA ASN A 181 -4.79 7.92 -13.60
C ASN A 181 -4.77 8.46 -15.03
N THR A 182 -4.79 9.79 -15.16
CA THR A 182 -4.77 10.40 -16.49
C THR A 182 -3.53 9.92 -17.26
N LEU A 183 -2.34 10.04 -16.66
CA LEU A 183 -1.09 9.64 -17.31
C LEU A 183 -1.06 8.18 -17.77
N SER A 184 -1.90 7.34 -17.18
CA SER A 184 -1.98 5.93 -17.56
C SER A 184 -2.80 5.90 -18.84
N LYS A 185 -3.87 6.69 -18.84
CA LYS A 185 -4.77 6.83 -19.99
C LYS A 185 -4.11 7.44 -21.22
N LEU A 186 -2.79 7.51 -21.24
CA LEU A 186 -2.03 8.05 -22.38
C LEU A 186 -0.62 7.48 -22.44
N LEU A 187 -0.48 6.22 -22.06
CA LEU A 187 0.82 5.53 -22.10
C LEU A 187 0.71 4.21 -22.86
N GLU A 188 -0.29 3.40 -22.52
CA GLU A 188 -0.48 2.13 -23.20
C GLU A 188 -0.92 2.35 -24.65
N LYS A 189 -1.50 3.51 -24.91
CA LYS A 189 -1.99 3.85 -26.25
C LYS A 189 -1.23 5.03 -26.89
N PHE A 190 -0.12 5.43 -26.27
CA PHE A 190 0.70 6.54 -26.79
C PHE A 190 2.18 6.42 -26.39
N GLY A 191 3.04 7.14 -27.10
CA GLY A 191 4.47 7.09 -26.82
C GLY A 191 4.86 7.56 -25.44
N GLY A 208 17.29 13.16 -27.26
CA GLY A 208 16.45 12.60 -26.22
C GLY A 208 14.96 12.75 -26.52
N ASN A 209 14.49 12.02 -27.51
CA ASN A 209 13.06 12.04 -27.91
C ASN A 209 12.23 11.03 -27.12
N VAL A 210 12.82 10.49 -26.06
CA VAL A 210 12.15 9.51 -25.20
C VAL A 210 12.57 9.72 -23.74
N ASP A 211 13.44 10.70 -23.51
CA ASP A 211 13.91 11.02 -22.16
C ASP A 211 12.76 11.74 -21.46
N ILE A 212 11.73 12.04 -22.26
CA ILE A 212 10.53 12.71 -21.80
C ILE A 212 9.66 11.65 -21.13
N SER A 213 9.59 10.49 -21.78
CA SER A 213 8.81 9.37 -21.27
C SER A 213 9.52 8.74 -20.06
N GLY A 214 10.70 9.26 -19.74
CA GLY A 214 11.45 8.74 -18.61
C GLY A 214 11.24 9.53 -17.32
N LYS A 215 11.39 10.85 -17.41
CA LYS A 215 11.21 11.72 -16.25
C LYS A 215 9.71 12.00 -16.03
N LEU A 216 8.88 11.24 -16.76
CA LEU A 216 7.43 11.38 -16.67
C LEU A 216 6.84 10.20 -15.89
N ASN A 217 7.59 9.10 -15.80
CA ASN A 217 7.17 7.92 -15.04
C ASN A 217 7.68 8.15 -13.63
N GLU A 218 8.75 8.94 -13.57
CA GLU A 218 9.38 9.33 -12.32
C GLU A 218 8.44 10.30 -11.59
N LEU A 219 7.53 10.91 -12.37
CA LEU A 219 6.57 11.85 -11.81
C LEU A 219 5.33 11.13 -11.35
N LYS A 220 4.73 10.34 -12.23
CA LYS A 220 3.52 9.60 -11.85
C LYS A 220 3.74 8.79 -10.57
N ALA A 221 4.83 9.08 -9.88
CA ALA A 221 5.14 8.41 -8.62
C ALA A 221 5.08 9.45 -7.51
N ASN A 222 5.88 10.50 -7.65
CA ASN A 222 5.90 11.57 -6.66
C ASN A 222 4.49 12.02 -6.35
N VAL A 223 3.64 12.03 -7.38
CA VAL A 223 2.25 12.46 -7.25
C VAL A 223 1.33 11.35 -6.76
N GLU A 224 1.80 10.11 -6.82
CA GLU A 224 0.95 9.02 -6.39
C GLU A 224 1.28 8.61 -4.97
N THR A 225 2.49 8.91 -4.53
CA THR A 225 2.87 8.60 -3.15
C THR A 225 2.08 9.61 -2.33
N ILE A 226 1.89 10.79 -2.91
CA ILE A 226 1.15 11.89 -2.31
C ILE A 226 -0.33 11.59 -2.32
N ARG A 227 -0.94 11.63 -3.50
CA ARG A 227 -2.37 11.38 -3.62
C ARG A 227 -2.81 10.24 -2.71
N GLN A 228 -1.89 9.32 -2.46
CA GLN A 228 -2.18 8.18 -1.60
C GLN A 228 -2.44 8.72 -0.20
N GLN A 229 -1.60 9.67 0.20
CA GLN A 229 -1.70 10.34 1.49
C GLN A 229 -2.95 11.24 1.55
N PHE A 230 -3.03 12.24 0.68
CA PHE A 230 -4.17 13.14 0.62
C PHE A 230 -5.49 12.39 0.52
N THR A 231 -5.47 11.17 -0.01
CA THR A 231 -6.71 10.45 -0.11
C THR A 231 -7.03 9.58 1.12
N ASP A 232 -6.35 9.87 2.23
CA ASP A 232 -6.52 9.16 3.51
C ASP A 232 -7.23 10.04 4.55
N PRO A 233 -8.54 9.78 4.78
CA PRO A 233 -9.43 10.47 5.71
C PRO A 233 -8.90 10.73 7.11
N ASP A 234 -7.75 10.17 7.44
CA ASP A 234 -7.18 10.32 8.77
C ASP A 234 -6.00 11.22 8.74
N LEU A 235 -5.47 11.48 7.58
CA LEU A 235 -4.26 12.28 7.49
C LEU A 235 -4.51 13.65 6.92
N THR A 236 -5.49 13.75 6.02
CA THR A 236 -5.82 15.03 5.41
C THR A 236 -7.32 15.17 5.15
N THR A 237 -7.79 16.40 5.23
CA THR A 237 -9.19 16.70 5.00
C THR A 237 -9.29 18.14 4.47
N PHE A 238 -10.43 18.47 3.88
CA PHE A 238 -10.67 19.80 3.29
C PHE A 238 -11.86 20.44 4.01
N VAL A 239 -11.77 21.74 4.24
CA VAL A 239 -12.85 22.49 4.88
C VAL A 239 -13.27 23.58 3.92
N CYS A 240 -14.56 23.59 3.56
CA CYS A 240 -15.07 24.59 2.64
C CYS A 240 -15.64 25.77 3.36
N VAL A 241 -15.32 26.95 2.85
CA VAL A 241 -15.84 28.18 3.43
C VAL A 241 -16.85 28.69 2.44
N CYS A 242 -17.97 29.18 2.92
CA CYS A 242 -18.98 29.71 2.01
C CYS A 242 -19.86 30.66 2.76
N ILE A 243 -20.49 31.56 2.02
CA ILE A 243 -21.40 32.55 2.57
C ILE A 243 -22.74 31.89 2.29
N SER A 244 -23.80 32.23 3.02
CA SER A 244 -25.08 31.59 2.79
C SER A 244 -26.03 32.26 1.79
N GLU A 245 -25.62 32.28 0.53
CA GLU A 245 -26.42 32.87 -0.53
C GLU A 245 -26.37 31.85 -1.65
N PHE A 246 -27.18 31.99 -2.70
CA PHE A 246 -27.18 30.98 -3.73
C PHE A 246 -25.90 30.83 -4.50
N LEU A 247 -25.48 31.87 -5.21
CA LEU A 247 -24.24 31.72 -6.00
C LEU A 247 -23.08 31.09 -5.22
N SER A 248 -23.10 31.17 -3.90
CA SER A 248 -22.02 30.57 -3.15
C SER A 248 -22.28 29.14 -2.76
N LEU A 249 -23.50 28.85 -2.31
CA LEU A 249 -23.82 27.48 -1.95
C LEU A 249 -23.64 26.61 -3.17
N TYR A 250 -23.71 27.22 -4.34
CA TYR A 250 -23.56 26.52 -5.60
C TYR A 250 -22.08 26.26 -5.76
N GLU A 251 -21.31 27.33 -5.96
CA GLU A 251 -19.90 27.20 -6.15
C GLU A 251 -19.28 26.19 -5.20
N THR A 252 -19.76 26.12 -3.96
CA THR A 252 -19.16 25.17 -3.02
C THR A 252 -19.69 23.77 -3.27
N GLU A 253 -20.94 23.64 -3.69
CA GLU A 253 -21.46 22.29 -3.98
C GLU A 253 -20.60 21.76 -5.11
N ARG A 254 -20.24 22.65 -6.02
CA ARG A 254 -19.39 22.30 -7.13
C ARG A 254 -18.08 21.80 -6.54
N LEU A 255 -17.45 22.63 -5.73
CA LEU A 255 -16.17 22.27 -5.12
C LEU A 255 -16.21 20.93 -4.42
N ILE A 256 -17.22 20.72 -3.58
CA ILE A 256 -17.33 19.46 -2.89
C ILE A 256 -17.31 18.31 -3.88
N GLN A 257 -17.89 18.52 -5.06
CA GLN A 257 -17.88 17.48 -6.08
C GLN A 257 -16.49 17.32 -6.65
N GLU A 258 -15.85 18.44 -6.98
CA GLU A 258 -14.49 18.38 -7.50
C GLU A 258 -13.60 17.63 -6.53
N LEU A 259 -13.81 17.82 -5.23
CA LEU A 259 -12.98 17.14 -4.24
C LEU A 259 -13.35 15.67 -4.16
N ILE A 260 -14.64 15.36 -4.15
CA ILE A 260 -15.07 13.97 -4.09
C ILE A 260 -14.43 13.18 -5.23
N SER A 261 -14.38 13.78 -6.41
CA SER A 261 -13.78 13.12 -7.55
C SER A 261 -12.31 12.79 -7.26
N TYR A 262 -11.57 13.76 -6.76
CA TYR A 262 -10.16 13.53 -6.46
C TYR A 262 -9.96 12.51 -5.34
N ASP A 263 -11.07 12.07 -4.76
CA ASP A 263 -11.07 11.11 -3.65
C ASP A 263 -10.43 11.68 -2.38
N MET A 264 -10.55 12.99 -2.25
CA MET A 264 -10.06 13.75 -1.11
C MET A 264 -11.22 13.77 -0.11
N ASP A 265 -10.94 14.05 1.15
CA ASP A 265 -12.00 14.05 2.14
C ASP A 265 -12.62 15.40 2.44
N VAL A 266 -13.92 15.51 2.15
CA VAL A 266 -14.68 16.73 2.42
C VAL A 266 -15.75 16.37 3.41
N ASN A 267 -15.64 16.95 4.60
CA ASN A 267 -16.60 16.63 5.64
C ASN A 267 -17.17 17.82 6.37
N SER A 268 -16.53 18.98 6.23
CA SER A 268 -17.02 20.14 6.93
C SER A 268 -17.05 21.43 6.11
N ILE A 269 -18.12 22.17 6.29
CA ILE A 269 -18.36 23.43 5.60
C ILE A 269 -18.56 24.49 6.66
N ILE A 270 -17.85 25.61 6.60
CA ILE A 270 -18.09 26.66 7.57
C ILE A 270 -18.84 27.77 6.87
N VAL A 271 -20.08 28.00 7.28
CA VAL A 271 -20.96 29.01 6.67
C VAL A 271 -20.68 30.33 7.36
N ASN A 272 -19.95 31.21 6.69
CA ASN A 272 -19.54 32.48 7.27
C ASN A 272 -20.44 33.67 7.02
N GLN A 273 -20.19 34.75 7.77
CA GLN A 273 -20.94 36.02 7.69
C GLN A 273 -22.43 35.97 7.93
N LEU A 274 -22.87 35.11 8.83
CA LEU A 274 -24.28 35.02 9.11
C LEU A 274 -24.70 36.16 9.99
N LEU A 275 -25.95 36.60 9.85
CA LEU A 275 -26.50 37.68 10.69
C LEU A 275 -27.05 37.21 12.07
N PHE A 276 -28.16 36.46 12.02
CA PHE A 276 -28.88 35.99 13.19
C PHE A 276 -29.55 37.28 13.68
N ALA A 277 -30.04 38.13 12.76
CA ALA A 277 -30.55 39.47 13.17
C ALA A 277 -31.53 39.56 14.35
N GLU A 278 -32.46 38.61 14.41
CA GLU A 278 -33.46 38.58 15.47
C GLU A 278 -32.83 38.65 16.86
N ASN A 279 -31.58 38.18 16.96
CA ASN A 279 -30.87 38.15 18.24
C ASN A 279 -30.03 39.39 18.61
N ASP A 280 -30.30 40.53 17.95
CA ASP A 280 -29.61 41.77 18.28
C ASP A 280 -30.34 42.45 19.43
N GLN A 281 -29.70 43.41 20.09
CA GLN A 281 -30.34 44.08 21.23
C GLN A 281 -31.69 44.72 20.83
N GLU A 282 -31.86 45.01 19.53
CA GLU A 282 -33.11 45.59 19.03
C GLU A 282 -33.18 45.84 17.52
N HIS A 283 -34.39 45.67 16.99
CA HIS A 283 -34.75 45.85 15.58
C HIS A 283 -34.58 47.31 15.13
N ASN A 284 -33.64 47.53 14.21
CA ASN A 284 -33.37 48.87 13.69
C ASN A 284 -33.47 48.91 12.16
N CYS A 285 -32.42 48.44 11.50
CA CYS A 285 -32.32 48.37 10.04
C CYS A 285 -33.23 47.25 9.50
N LYS A 286 -34.09 47.59 8.55
CA LYS A 286 -35.01 46.60 7.97
C LYS A 286 -34.36 45.86 6.80
N ARG A 287 -33.47 46.52 6.06
CA ARG A 287 -32.81 45.88 4.90
C ARG A 287 -31.95 44.71 5.35
N CYS A 288 -31.48 44.77 6.60
CA CYS A 288 -30.68 43.72 7.19
C CYS A 288 -31.61 42.54 7.45
N GLN A 289 -32.50 42.72 8.44
CA GLN A 289 -33.48 41.71 8.82
C GLN A 289 -34.17 41.02 7.64
N ALA A 290 -34.04 41.60 6.46
CA ALA A 290 -34.63 40.98 5.27
C ALA A 290 -33.66 39.93 4.76
N ARG A 291 -32.37 40.24 4.85
CA ARG A 291 -31.32 39.31 4.41
C ARG A 291 -31.27 38.09 5.30
N TRP A 292 -31.29 38.30 6.61
CA TRP A 292 -31.25 37.17 7.53
C TRP A 292 -32.32 36.18 7.12
N LYS A 293 -33.50 36.69 6.81
CA LYS A 293 -34.62 35.84 6.42
C LYS A 293 -34.20 34.90 5.30
N MET A 294 -33.47 35.44 4.32
CA MET A 294 -33.01 34.62 3.21
C MET A 294 -31.92 33.65 3.63
N GLN A 295 -30.93 34.11 4.36
CA GLN A 295 -29.86 33.23 4.79
C GLN A 295 -30.45 32.07 5.55
N LYS A 296 -31.33 32.36 6.50
CA LYS A 296 -31.96 31.32 7.30
C LYS A 296 -32.57 30.28 6.38
N LYS A 297 -33.21 30.73 5.32
CA LYS A 297 -33.82 29.81 4.37
C LYS A 297 -32.80 28.83 3.81
N TYR A 298 -31.67 29.32 3.33
CA TYR A 298 -30.66 28.42 2.79
C TYR A 298 -29.96 27.57 3.84
N LEU A 299 -29.77 28.10 5.04
CA LEU A 299 -29.10 27.31 6.08
C LEU A 299 -29.86 26.02 6.24
N ASP A 300 -31.18 26.13 6.38
CA ASP A 300 -32.06 24.97 6.54
C ASP A 300 -31.83 23.99 5.41
N GLN A 301 -31.65 24.52 4.21
CA GLN A 301 -31.44 23.71 3.04
C GLN A 301 -30.07 23.03 3.11
N ILE A 302 -29.04 23.77 3.50
CA ILE A 302 -27.69 23.20 3.61
C ILE A 302 -27.73 22.05 4.59
N ASP A 303 -28.39 22.28 5.72
CA ASP A 303 -28.51 21.27 6.77
C ASP A 303 -29.13 20.00 6.19
N GLU A 304 -30.16 20.19 5.36
CA GLU A 304 -30.87 19.09 4.74
C GLU A 304 -30.01 18.42 3.68
N LEU A 305 -29.28 19.22 2.92
CA LEU A 305 -28.43 18.67 1.87
C LEU A 305 -27.24 17.88 2.39
N TYR A 306 -26.57 18.40 3.41
CA TYR A 306 -25.42 17.71 3.99
C TYR A 306 -25.68 17.33 5.46
N GLU A 307 -26.35 16.20 5.68
CA GLU A 307 -26.67 15.77 7.02
C GLU A 307 -25.46 15.15 7.73
N ASP A 308 -24.59 14.55 6.95
CA ASP A 308 -23.40 13.88 7.46
C ASP A 308 -22.21 14.84 7.61
N PHE A 309 -22.42 16.09 7.23
CA PHE A 309 -21.38 17.11 7.30
C PHE A 309 -21.37 17.94 8.58
N HIS A 310 -20.22 18.55 8.85
CA HIS A 310 -20.08 19.43 10.00
C HIS A 310 -20.39 20.81 9.47
N VAL A 311 -21.62 21.27 9.63
CA VAL A 311 -21.97 22.59 9.12
C VAL A 311 -21.77 23.61 10.22
N VAL A 312 -20.72 24.42 10.10
CA VAL A 312 -20.40 25.43 11.11
C VAL A 312 -20.87 26.84 10.84
N LYS A 313 -21.78 27.35 11.67
CA LYS A 313 -22.30 28.69 11.50
C LYS A 313 -21.43 29.73 12.21
N MET A 314 -20.94 30.71 11.46
CA MET A 314 -20.12 31.78 12.00
C MET A 314 -20.88 33.09 11.86
N PRO A 315 -20.88 33.93 12.89
CA PRO A 315 -21.55 35.21 12.92
C PRO A 315 -20.80 36.28 12.20
N LEU A 316 -21.53 37.29 11.73
CA LEU A 316 -20.94 38.42 11.02
C LEU A 316 -20.66 39.49 12.04
N CYS A 317 -19.38 39.78 12.28
CA CYS A 317 -18.97 40.79 13.24
C CYS A 317 -18.96 42.18 12.62
N ALA A 318 -19.07 43.20 13.47
CA ALA A 318 -19.06 44.57 12.99
C ALA A 318 -17.64 44.98 12.61
N GLY A 319 -17.39 45.04 11.31
CA GLY A 319 -16.08 45.44 10.84
C GLY A 319 -14.99 44.37 10.93
N GLU A 320 -13.89 44.62 10.22
CA GLU A 320 -12.76 43.69 10.13
C GLU A 320 -12.49 42.84 11.38
N ILE A 321 -11.85 41.71 11.11
CA ILE A 321 -11.40 40.74 12.10
C ILE A 321 -9.96 40.55 11.76
N ARG A 322 -9.14 41.49 12.20
CA ARG A 322 -7.72 41.43 11.92
C ARG A 322 -6.91 41.31 13.19
N GLY A 323 -5.72 40.73 13.07
CA GLY A 323 -4.84 40.59 14.22
C GLY A 323 -5.23 39.53 15.24
N LEU A 324 -4.23 38.75 15.67
CA LEU A 324 -4.39 37.66 16.62
C LEU A 324 -5.42 37.82 17.76
N ASN A 325 -5.45 38.96 18.41
CA ASN A 325 -6.38 39.19 19.50
C ASN A 325 -7.85 38.97 19.11
N ASN A 326 -8.15 39.26 17.85
CA ASN A 326 -9.51 39.10 17.34
C ASN A 326 -9.67 37.79 16.59
N LEU A 327 -8.71 37.46 15.74
CA LEU A 327 -8.76 36.21 15.02
C LEU A 327 -9.00 35.10 16.04
N THR A 328 -8.37 35.22 17.19
CA THR A 328 -8.54 34.21 18.21
C THR A 328 -9.95 34.27 18.73
N LYS A 329 -10.35 35.41 19.28
CA LYS A 329 -11.70 35.55 19.81
C LYS A 329 -12.77 35.03 18.84
N PHE A 330 -12.63 35.35 17.56
CA PHE A 330 -13.60 34.91 16.56
C PHE A 330 -13.48 33.43 16.28
N SER A 331 -12.25 32.93 16.23
CA SER A 331 -11.97 31.55 15.94
C SER A 331 -12.52 30.53 16.91
N GLN A 332 -12.80 30.91 18.15
CA GLN A 332 -13.27 29.93 19.10
C GLN A 332 -14.63 29.42 18.77
N PHE A 333 -15.35 30.11 17.89
CA PHE A 333 -16.68 29.65 17.50
C PHE A 333 -16.62 28.54 16.43
N LEU A 334 -15.43 27.97 16.23
CA LEU A 334 -15.24 26.88 15.29
C LEU A 334 -15.18 25.66 16.18
N ASN A 335 -14.95 25.89 17.46
CA ASN A 335 -14.87 24.80 18.40
C ASN A 335 -16.19 24.64 19.11
N LYS A 336 -16.54 25.59 19.95
CA LYS A 336 -17.80 25.55 20.64
C LYS A 336 -18.67 26.43 19.75
N GLU A 337 -19.73 25.85 19.18
CA GLU A 337 -20.60 26.60 18.28
C GLU A 337 -21.15 27.88 18.87
N TYR A 338 -21.17 28.91 18.05
CA TYR A 338 -21.65 30.23 18.44
C TYR A 338 -23.14 30.23 18.75
N ASN A 339 -23.48 30.81 19.89
CA ASN A 339 -24.88 30.92 20.32
C ASN A 339 -25.19 32.40 20.30
N PRO A 340 -26.06 32.81 19.37
CA PRO A 340 -26.51 34.20 19.16
C PRO A 340 -27.01 34.91 20.42
N ILE A 341 -27.61 34.16 21.32
CA ILE A 341 -28.12 34.69 22.57
C ILE A 341 -26.96 35.07 23.49
N THR A 342 -26.35 34.06 24.09
CA THR A 342 -25.27 34.25 25.01
C THR A 342 -24.05 35.00 24.45
N ASP A 343 -23.47 34.47 23.38
CA ASP A 343 -22.29 35.04 22.75
C ASP A 343 -22.50 36.35 21.97
N GLY A 344 -23.73 36.85 21.95
CA GLY A 344 -24.02 38.08 21.23
C GLY A 344 -23.04 39.22 21.44
N LYS A 345 -22.51 39.33 22.65
CA LYS A 345 -21.57 40.40 23.00
C LYS A 345 -20.23 40.23 22.30
N VAL A 346 -19.62 39.08 22.52
CA VAL A 346 -18.30 38.72 21.97
C VAL A 346 -18.07 39.08 20.49
N ILE A 347 -19.13 39.37 19.75
CA ILE A 347 -18.98 39.73 18.33
C ILE A 347 -18.94 41.24 18.17
N TYR A 348 -18.88 41.95 19.30
CA TYR A 348 -18.85 43.40 19.31
C TYR A 348 -17.61 43.93 20.01
N GLU A 349 -16.74 43.01 20.45
CA GLU A 349 -15.49 43.41 21.10
C GLU A 349 -14.46 43.59 20.00
N LEU A 350 -14.87 43.18 18.81
CA LEU A 350 -14.02 43.20 17.62
C LEU A 350 -14.07 44.55 16.90
N GLU A 351 -13.21 45.47 17.34
CA GLU A 351 -13.11 46.80 16.77
C GLU A 351 -14.47 47.51 16.73
N PRO B 14 -24.62 -6.13 -26.27
CA PRO B 14 -24.41 -5.96 -27.73
C PRO B 14 -25.71 -5.53 -28.40
N GLY B 15 -26.82 -6.10 -27.95
CA GLY B 15 -28.12 -5.78 -28.51
C GLY B 15 -29.11 -5.68 -27.38
N ASN B 16 -28.83 -6.40 -26.29
CA ASN B 16 -29.70 -6.40 -25.10
C ASN B 16 -29.05 -5.57 -24.00
N GLU B 17 -27.77 -5.24 -24.18
CA GLU B 17 -27.06 -4.46 -23.19
C GLU B 17 -26.68 -3.10 -23.72
N LEU B 18 -26.23 -3.03 -24.96
CA LEU B 18 -25.85 -1.75 -25.52
C LEU B 18 -27.08 -1.04 -26.08
N SER B 19 -28.25 -1.66 -25.93
CA SER B 19 -29.49 -1.07 -26.40
C SER B 19 -30.43 -0.82 -25.25
N LYS B 20 -30.79 -1.87 -24.53
CA LYS B 20 -31.69 -1.73 -23.40
C LYS B 20 -31.09 -0.87 -22.28
N LYS B 21 -29.77 -0.73 -22.27
CA LYS B 21 -29.10 0.10 -21.27
C LYS B 21 -28.93 1.53 -21.77
N TYR B 22 -28.21 1.68 -22.88
CA TYR B 22 -27.97 2.99 -23.46
C TYR B 22 -29.27 3.75 -23.70
N LEU B 23 -30.40 3.08 -23.50
CA LEU B 23 -31.70 3.73 -23.67
C LEU B 23 -32.34 3.99 -22.32
N ALA B 24 -32.46 2.95 -21.51
CA ALA B 24 -33.06 3.08 -20.18
C ALA B 24 -32.45 4.30 -19.47
N LYS B 25 -31.12 4.42 -19.55
CA LYS B 25 -30.41 5.53 -18.93
C LYS B 25 -30.64 6.84 -19.69
N VAL B 26 -30.09 6.95 -20.90
CA VAL B 26 -30.26 8.16 -21.69
C VAL B 26 -31.71 8.62 -21.68
N LYS B 27 -32.64 7.70 -21.45
CA LYS B 27 -34.04 8.04 -21.41
C LYS B 27 -34.43 8.52 -20.02
N GLU B 28 -34.00 7.80 -18.98
CA GLU B 28 -34.31 8.22 -17.61
C GLU B 28 -33.69 9.57 -17.30
N ARG B 29 -32.46 9.76 -17.77
CA ARG B 29 -31.75 11.02 -17.56
C ARG B 29 -32.57 12.14 -18.18
N HIS B 30 -33.00 11.90 -19.40
CA HIS B 30 -33.81 12.85 -20.14
C HIS B 30 -35.17 13.01 -19.50
N GLU B 31 -35.53 12.08 -18.62
CA GLU B 31 -36.81 12.15 -17.93
C GLU B 31 -36.65 12.92 -16.64
N LEU B 32 -35.44 12.89 -16.10
CA LEU B 32 -35.14 13.61 -14.86
C LEU B 32 -34.87 15.06 -15.21
N LYS B 33 -34.00 15.27 -16.19
CA LYS B 33 -33.63 16.61 -16.63
C LYS B 33 -34.86 17.46 -16.85
N GLU B 34 -35.94 16.85 -17.34
CA GLU B 34 -37.17 17.59 -17.57
C GLU B 34 -37.93 17.81 -16.27
N PHE B 35 -37.66 16.97 -15.29
CA PHE B 35 -38.31 17.11 -13.99
C PHE B 35 -37.59 18.14 -13.14
N ASN B 36 -36.29 18.27 -13.33
CA ASN B 36 -35.50 19.23 -12.57
C ASN B 36 -35.89 20.65 -12.97
N ASN B 37 -36.21 20.85 -14.24
CA ASN B 37 -36.59 22.16 -14.72
C ASN B 37 -38.04 22.47 -14.39
N SER B 38 -38.52 21.96 -13.27
CA SER B 38 -39.89 22.21 -12.85
C SER B 38 -39.96 22.57 -11.39
N ILE B 39 -38.80 22.74 -10.77
CA ILE B 39 -38.71 23.11 -9.37
C ILE B 39 -37.76 24.27 -9.21
N SER B 40 -38.00 25.09 -8.19
CA SER B 40 -37.14 26.25 -7.95
C SER B 40 -35.81 25.85 -7.34
N ALA B 41 -34.75 26.03 -8.10
CA ALA B 41 -33.43 25.70 -7.62
C ALA B 41 -33.21 26.57 -6.40
N GLN B 42 -34.12 27.49 -6.17
CA GLN B 42 -34.02 28.39 -5.03
C GLN B 42 -34.85 27.94 -3.85
N ASP B 43 -36.11 27.57 -4.09
CA ASP B 43 -36.98 27.13 -3.01
C ASP B 43 -36.78 25.68 -2.64
N ASN B 44 -36.18 24.91 -3.55
CA ASN B 44 -35.95 23.50 -3.31
C ASN B 44 -34.49 23.17 -3.56
N TYR B 45 -33.60 24.10 -3.22
CA TYR B 45 -32.18 23.90 -3.43
C TYR B 45 -31.84 22.47 -3.10
N ALA B 46 -32.44 22.01 -2.01
CA ALA B 46 -32.28 20.66 -1.49
C ALA B 46 -32.35 19.64 -2.62
N LYS B 47 -33.59 19.31 -3.00
CA LYS B 47 -33.87 18.36 -4.08
C LYS B 47 -33.08 18.70 -5.32
N TRP B 48 -33.28 19.91 -5.82
CA TRP B 48 -32.59 20.36 -7.01
C TRP B 48 -31.14 19.88 -7.08
N THR B 49 -30.36 20.15 -6.05
CA THR B 49 -28.95 19.76 -6.06
C THR B 49 -28.79 18.25 -6.04
N LYS B 50 -29.76 17.57 -5.42
CA LYS B 50 -29.73 16.10 -5.34
C LYS B 50 -29.84 15.62 -6.77
N ASN B 51 -30.95 15.96 -7.42
CA ASN B 51 -31.19 15.58 -8.79
C ASN B 51 -30.01 15.89 -9.69
N ASN B 52 -29.38 17.04 -9.52
CA ASN B 52 -28.23 17.34 -10.35
C ASN B 52 -27.14 16.31 -10.13
N ARG B 53 -26.82 16.04 -8.87
CA ARG B 53 -25.78 15.06 -8.56
C ARG B 53 -26.05 13.76 -9.32
N LYS B 54 -27.33 13.37 -9.37
CA LYS B 54 -27.74 12.16 -10.07
C LYS B 54 -27.40 12.33 -11.55
N LEU B 55 -27.97 13.35 -12.18
CA LEU B 55 -27.72 13.61 -13.59
C LEU B 55 -26.23 13.67 -13.92
N ASP B 56 -25.40 13.84 -12.90
CA ASP B 56 -23.97 13.93 -13.13
C ASP B 56 -23.35 12.55 -13.18
N SER B 57 -24.07 11.55 -12.67
CA SER B 57 -23.59 10.18 -12.69
C SER B 57 -24.03 9.58 -14.03
N LEU B 58 -25.33 9.63 -14.29
CA LEU B 58 -25.88 9.11 -15.52
C LEU B 58 -25.11 9.70 -16.69
N ASP B 59 -24.60 10.90 -16.52
CA ASP B 59 -23.83 11.55 -17.58
C ASP B 59 -22.50 10.81 -17.79
N LYS B 60 -22.04 10.13 -16.75
CA LYS B 60 -20.79 9.39 -16.86
C LYS B 60 -21.03 7.95 -17.27
N GLU B 61 -22.03 7.29 -16.69
CA GLU B 61 -22.32 5.90 -17.02
C GLU B 61 -23.09 5.75 -18.33
N ILE B 62 -23.18 6.83 -19.09
CA ILE B 62 -23.82 6.83 -20.39
C ILE B 62 -22.68 7.18 -21.33
N ASN B 63 -21.62 7.70 -20.74
CA ASN B 63 -20.44 8.06 -21.49
C ASN B 63 -19.47 6.90 -21.35
N ASN B 64 -19.90 5.88 -20.61
CA ASN B 64 -19.11 4.66 -20.41
C ASN B 64 -19.66 3.62 -21.37
N LEU B 65 -20.98 3.54 -21.45
CA LEU B 65 -21.64 2.60 -22.35
C LEU B 65 -21.39 3.07 -23.78
N LYS B 66 -20.77 4.25 -23.92
CA LYS B 66 -20.46 4.80 -25.23
C LYS B 66 -19.10 4.24 -25.65
N ASP B 67 -18.32 3.81 -24.65
CA ASP B 67 -17.00 3.23 -24.91
C ASP B 67 -17.09 1.72 -24.84
N GLU B 68 -18.08 1.22 -24.11
CA GLU B 68 -18.31 -0.22 -23.98
C GLU B 68 -18.89 -0.71 -25.30
N ILE B 69 -19.67 0.16 -25.93
CA ILE B 69 -20.32 -0.12 -27.19
C ILE B 69 -19.35 0.23 -28.31
N GLN B 70 -18.22 0.83 -27.92
CA GLN B 70 -17.17 1.22 -28.86
C GLN B 70 -15.94 0.33 -28.77
N SER B 71 -15.78 -0.40 -27.66
CA SER B 71 -14.64 -1.31 -27.51
C SER B 71 -15.05 -2.65 -28.09
N GLU B 72 -16.36 -2.79 -28.31
CA GLU B 72 -16.96 -3.99 -28.87
C GLU B 72 -17.13 -3.87 -30.39
N ASN B 73 -16.38 -2.94 -31.00
CA ASN B 73 -16.43 -2.72 -32.44
C ASN B 73 -15.01 -2.66 -33.00
N LYS B 74 -14.08 -2.19 -32.16
CA LYS B 74 -12.67 -2.11 -32.53
C LYS B 74 -12.12 -3.47 -32.11
N ALA B 75 -13.03 -4.32 -31.63
CA ALA B 75 -12.72 -5.68 -31.17
C ALA B 75 -13.21 -6.76 -32.14
N PHE B 76 -14.43 -6.61 -32.65
CA PHE B 76 -14.97 -7.59 -33.60
C PHE B 76 -14.35 -7.40 -34.98
N GLN B 77 -13.55 -6.34 -35.12
CA GLN B 77 -12.90 -6.06 -36.39
C GLN B 77 -11.38 -6.17 -36.27
N ALA B 78 -10.90 -6.24 -35.03
CA ALA B 78 -9.47 -6.37 -34.77
C ALA B 78 -9.21 -7.88 -34.65
N HIS B 79 -10.31 -8.63 -34.53
CA HIS B 79 -10.27 -10.09 -34.41
C HIS B 79 -11.22 -10.70 -35.47
N LEU B 80 -10.78 -10.66 -36.73
CA LEU B 80 -11.54 -11.19 -37.86
C LEU B 80 -13.04 -10.92 -37.73
N THR C 4 -21.25 59.44 -25.20
CA THR C 4 -21.11 58.15 -25.95
C THR C 4 -22.20 57.16 -25.52
N VAL C 5 -21.88 56.31 -24.54
CA VAL C 5 -22.84 55.32 -24.06
C VAL C 5 -23.35 55.67 -22.68
N GLU C 6 -24.58 56.14 -22.62
CA GLU C 6 -25.19 56.56 -21.37
C GLU C 6 -25.45 55.43 -20.38
N PRO C 7 -25.19 55.69 -19.09
CA PRO C 7 -25.40 54.71 -18.01
C PRO C 7 -26.85 54.43 -17.67
N ASN C 8 -27.65 54.12 -18.69
CA ASN C 8 -29.05 53.79 -18.49
C ASN C 8 -29.60 53.08 -19.72
N LEU C 9 -30.86 52.65 -19.64
CA LEU C 9 -31.47 51.95 -20.77
C LEU C 9 -32.41 52.85 -21.55
N HIS C 10 -32.26 54.16 -21.39
CA HIS C 10 -33.15 55.08 -22.09
C HIS C 10 -33.21 54.78 -23.57
N SER C 11 -32.05 54.56 -24.16
CA SER C 11 -31.98 54.29 -25.59
C SER C 11 -32.78 53.05 -26.01
N LEU C 12 -32.98 52.09 -25.11
CA LEU C 12 -33.73 50.91 -25.43
C LEU C 12 -35.22 51.08 -25.09
N ILE C 13 -35.51 51.77 -24.01
CA ILE C 13 -36.90 51.99 -23.64
C ILE C 13 -37.54 52.93 -24.62
N THR C 14 -36.70 53.66 -25.35
CA THR C 14 -37.17 54.63 -26.33
C THR C 14 -37.18 54.03 -27.72
N SER C 15 -36.32 53.05 -27.93
CA SER C 15 -36.22 52.37 -29.22
C SER C 15 -37.58 51.98 -29.73
N THR C 16 -37.71 52.04 -31.05
CA THR C 16 -38.96 51.70 -31.73
C THR C 16 -38.77 50.43 -32.56
N THR C 17 -37.52 50.16 -32.91
CA THR C 17 -37.15 49.01 -33.73
C THR C 17 -37.26 47.64 -33.06
N HIS C 18 -36.82 47.51 -31.82
CA HIS C 18 -36.87 46.22 -31.12
C HIS C 18 -38.24 45.58 -30.98
N LYS C 19 -38.26 44.24 -30.98
CA LYS C 19 -39.51 43.49 -30.84
C LYS C 19 -39.34 42.39 -29.81
N TRP C 20 -38.08 41.99 -29.61
CA TRP C 20 -37.76 40.94 -28.65
C TRP C 20 -36.71 41.41 -27.65
N ILE C 21 -37.01 41.28 -26.36
CA ILE C 21 -36.06 41.66 -25.33
C ILE C 21 -35.98 40.58 -24.25
N PHE C 22 -34.74 40.14 -23.98
CA PHE C 22 -34.50 39.09 -22.99
C PHE C 22 -33.81 39.63 -21.76
N VAL C 23 -34.31 39.26 -20.58
CA VAL C 23 -33.75 39.70 -19.31
C VAL C 23 -33.36 38.44 -18.52
N GLY C 24 -32.11 38.35 -18.07
CA GLY C 24 -31.74 37.16 -17.31
C GLY C 24 -30.60 37.34 -16.32
N GLY C 25 -30.49 36.44 -15.35
CA GLY C 25 -29.42 36.53 -14.36
C GLY C 25 -29.60 35.55 -13.20
N LYS C 26 -28.65 34.63 -13.05
CA LYS C 26 -28.70 33.63 -11.98
C LYS C 26 -28.38 34.23 -10.62
N GLY C 27 -28.86 33.57 -9.55
CA GLY C 27 -28.64 34.04 -8.18
C GLY C 27 -29.84 34.94 -7.89
N GLY C 28 -30.11 35.24 -6.64
CA GLY C 28 -31.26 36.09 -6.38
C GLY C 28 -30.91 37.56 -6.57
N VAL C 29 -30.53 37.91 -7.79
CA VAL C 29 -30.09 39.27 -8.10
C VAL C 29 -31.14 40.31 -8.47
N GLY C 30 -32.29 39.90 -8.96
CA GLY C 30 -33.30 40.88 -9.34
C GLY C 30 -33.76 40.78 -10.78
N LYS C 31 -33.60 39.58 -11.36
CA LYS C 31 -34.02 39.33 -12.73
C LYS C 31 -35.48 39.68 -12.90
N THR C 32 -36.33 39.04 -12.10
CA THR C 32 -37.76 39.30 -12.19
C THR C 32 -38.14 40.77 -12.04
N THR C 33 -37.60 41.42 -11.03
CA THR C 33 -37.88 42.84 -10.80
C THR C 33 -37.43 43.66 -11.99
N SER C 34 -36.25 43.38 -12.51
CA SER C 34 -35.77 44.10 -13.66
C SER C 34 -36.67 43.80 -14.84
N SER C 35 -37.06 42.54 -14.99
CA SER C 35 -37.94 42.16 -16.08
C SER C 35 -39.17 43.00 -16.08
N CYS C 36 -39.79 43.12 -14.92
CA CYS C 36 -40.98 43.95 -14.83
C CYS C 36 -40.64 45.42 -15.08
N SER C 37 -39.57 45.91 -14.48
CA SER C 37 -39.19 47.30 -14.67
C SER C 37 -38.96 47.67 -16.13
N ILE C 38 -38.19 46.87 -16.85
CA ILE C 38 -37.94 47.18 -18.26
C ILE C 38 -39.28 47.17 -18.99
N ALA C 39 -40.17 46.27 -18.61
CA ALA C 39 -41.48 46.19 -19.22
C ALA C 39 -42.28 47.46 -18.96
N ILE C 40 -42.62 47.71 -17.71
CA ILE C 40 -43.35 48.91 -17.33
C ILE C 40 -42.77 50.16 -17.98
N GLN C 41 -41.45 50.32 -17.90
CA GLN C 41 -40.84 51.50 -18.48
C GLN C 41 -41.13 51.60 -19.96
N MET C 42 -40.93 50.52 -20.71
CA MET C 42 -41.20 50.55 -22.15
C MET C 42 -42.65 50.85 -22.46
N ALA C 43 -43.55 50.27 -21.68
CA ALA C 43 -44.96 50.50 -21.88
C ALA C 43 -45.36 51.96 -21.66
N LEU C 44 -44.88 52.57 -20.58
CA LEU C 44 -45.22 53.95 -20.29
C LEU C 44 -44.66 54.92 -21.30
N SER C 45 -43.53 54.57 -21.89
CA SER C 45 -42.89 55.46 -22.85
C SER C 45 -43.32 55.32 -24.31
N GLN C 46 -44.22 54.39 -24.60
CA GLN C 46 -44.71 54.18 -25.96
C GLN C 46 -46.16 53.70 -25.89
N PRO C 47 -47.10 54.60 -25.59
CA PRO C 47 -48.54 54.33 -25.47
C PRO C 47 -49.18 53.63 -26.66
N ASN C 48 -48.72 53.99 -27.85
CA ASN C 48 -49.21 53.43 -29.10
C ASN C 48 -49.06 51.91 -29.13
N LYS C 49 -47.82 51.44 -29.01
CA LYS C 49 -47.52 50.02 -29.03
C LYS C 49 -48.16 49.21 -27.88
N GLN C 50 -48.33 47.91 -28.11
CA GLN C 50 -48.90 47.00 -27.11
C GLN C 50 -47.80 46.02 -26.65
N PHE C 51 -47.68 45.81 -25.34
CA PHE C 51 -46.63 44.96 -24.77
C PHE C 51 -47.00 43.69 -24.02
N LEU C 52 -46.11 42.70 -24.07
CA LEU C 52 -46.31 41.43 -23.40
C LEU C 52 -45.08 41.02 -22.57
N LEU C 53 -45.30 40.74 -21.29
CA LEU C 53 -44.23 40.31 -20.38
C LEU C 53 -44.55 38.85 -20.11
N ILE C 54 -43.70 37.95 -20.60
CA ILE C 54 -43.95 36.53 -20.43
C ILE C 54 -42.86 35.83 -19.61
N SER C 55 -43.28 34.91 -18.75
CA SER C 55 -42.35 34.17 -17.88
C SER C 55 -42.54 32.65 -17.92
N THR C 56 -41.42 31.94 -18.01
CA THR C 56 -41.43 30.47 -18.04
C THR C 56 -41.45 29.86 -16.64
N ASP C 57 -40.95 30.59 -15.66
CA ASP C 57 -40.89 30.09 -14.28
C ASP C 57 -42.16 29.47 -13.72
N PRO C 58 -42.03 28.26 -13.12
CA PRO C 58 -43.11 27.48 -12.53
C PRO C 58 -43.64 28.11 -11.25
N ALA C 59 -42.77 28.83 -10.54
CA ALA C 59 -43.13 29.48 -9.28
C ALA C 59 -44.07 30.68 -9.43
N HIS C 60 -44.42 31.01 -10.68
CA HIS C 60 -45.31 32.15 -10.93
C HIS C 60 -44.82 33.41 -10.21
N ASN C 61 -43.70 33.93 -10.68
CA ASN C 61 -43.07 35.12 -10.13
C ASN C 61 -43.78 36.41 -10.50
N LEU C 62 -44.00 36.63 -11.79
CA LEU C 62 -44.67 37.85 -12.22
C LEU C 62 -45.92 38.10 -11.39
N SER C 63 -46.61 37.04 -11.01
CA SER C 63 -47.81 37.13 -10.22
C SER C 63 -47.49 37.66 -8.84
N ASP C 64 -46.38 37.21 -8.31
CA ASP C 64 -45.91 37.62 -7.00
C ASP C 64 -45.50 39.10 -7.04
N ALA C 65 -44.72 39.44 -8.06
CA ALA C 65 -44.18 40.76 -8.29
C ALA C 65 -45.22 41.86 -8.32
N PHE C 66 -46.28 41.63 -9.09
CA PHE C 66 -47.35 42.60 -9.24
C PHE C 66 -48.44 42.49 -8.19
N GLY C 67 -48.62 41.30 -7.62
CA GLY C 67 -49.66 41.11 -6.64
C GLY C 67 -50.98 40.81 -7.35
N GLU C 68 -50.89 40.20 -8.53
CA GLU C 68 -52.06 39.84 -9.33
C GLU C 68 -51.88 38.41 -9.78
N LYS C 69 -52.98 37.71 -10.04
CA LYS C 69 -52.88 36.32 -10.48
C LYS C 69 -52.88 36.19 -12.00
N PHE C 70 -51.71 36.15 -12.61
CA PHE C 70 -51.61 36.01 -14.05
C PHE C 70 -51.48 34.53 -14.37
N GLY C 71 -52.22 34.06 -15.37
CA GLY C 71 -52.16 32.65 -15.73
C GLY C 71 -51.64 32.40 -17.14
N LYS C 72 -52.16 31.35 -17.78
CA LYS C 72 -51.76 30.99 -19.15
C LYS C 72 -52.44 31.97 -20.10
N ASP C 73 -53.41 32.70 -19.56
CA ASP C 73 -54.19 33.67 -20.30
C ASP C 73 -53.69 35.10 -20.16
N ALA C 74 -53.04 35.59 -21.21
CA ALA C 74 -52.50 36.94 -21.24
C ALA C 74 -53.50 37.99 -20.76
N ARG C 75 -53.41 38.35 -19.48
CA ARG C 75 -54.28 39.37 -18.91
C ARG C 75 -53.50 40.68 -19.00
N LYS C 76 -54.13 41.80 -18.65
CA LYS C 76 -53.42 43.06 -18.70
C LYS C 76 -53.18 43.52 -17.28
N VAL C 77 -52.07 44.22 -17.06
CA VAL C 77 -51.75 44.66 -15.72
C VAL C 77 -52.75 45.68 -15.23
N THR C 78 -53.35 45.38 -14.09
CA THR C 78 -54.33 46.25 -13.48
C THR C 78 -53.69 47.60 -13.13
N GLY C 79 -53.91 48.59 -13.99
CA GLY C 79 -53.35 49.90 -13.75
C GLY C 79 -52.55 50.36 -14.95
N MET C 80 -52.29 49.44 -15.86
CA MET C 80 -51.55 49.74 -17.08
C MET C 80 -52.50 49.80 -18.26
N ASN C 81 -51.97 49.88 -19.47
CA ASN C 81 -52.83 49.95 -20.63
C ASN C 81 -52.30 49.25 -21.86
N ASN C 82 -51.03 48.91 -21.84
CA ASN C 82 -50.41 48.21 -22.95
C ASN C 82 -49.41 47.17 -22.46
N LEU C 83 -49.45 46.86 -21.17
CA LEU C 83 -48.57 45.86 -20.62
C LEU C 83 -49.45 44.69 -20.21
N SER C 84 -49.11 43.52 -20.74
CA SER C 84 -49.85 42.32 -20.42
C SER C 84 -48.88 41.21 -20.04
N CYS C 85 -49.15 40.56 -18.91
CA CYS C 85 -48.30 39.49 -18.43
C CYS C 85 -48.88 38.11 -18.71
N MET C 86 -47.99 37.17 -18.97
CA MET C 86 -48.38 35.82 -19.29
C MET C 86 -47.40 34.83 -18.68
N GLU C 87 -47.91 33.91 -17.87
CA GLU C 87 -47.09 32.89 -17.21
C GLU C 87 -47.44 31.48 -17.66
N ILE C 88 -46.52 30.83 -18.35
CA ILE C 88 -46.77 29.48 -18.83
C ILE C 88 -45.63 28.52 -18.49
N ASP C 89 -45.93 27.23 -18.51
CA ASP C 89 -44.94 26.20 -18.23
C ASP C 89 -44.81 25.31 -19.48
N PRO C 90 -43.68 25.43 -20.21
CA PRO C 90 -43.43 24.64 -21.43
C PRO C 90 -43.00 23.20 -21.16
N SER C 91 -42.68 22.90 -19.91
CA SER C 91 -42.32 21.53 -19.50
C SER C 91 -43.64 20.83 -19.17
N ALA C 92 -44.50 21.51 -18.39
CA ALA C 92 -45.81 20.97 -18.01
C ALA C 92 -46.76 21.11 -19.19
N ALA C 93 -46.20 21.17 -20.39
CA ALA C 93 -46.96 21.29 -21.62
C ALA C 93 -46.32 20.39 -22.68
N LEU C 94 -45.05 20.04 -22.47
CA LEU C 94 -44.28 19.16 -23.37
C LEU C 94 -44.66 17.70 -23.03
N LYS C 95 -45.00 17.52 -21.76
CA LYS C 95 -45.42 16.24 -21.21
C LYS C 95 -46.94 16.18 -21.45
N ASP C 96 -47.41 17.02 -22.35
CA ASP C 96 -48.83 17.12 -22.73
C ASP C 96 -48.98 17.34 -24.25
N MET C 97 -47.85 17.57 -24.92
CA MET C 97 -47.81 17.76 -26.37
C MET C 97 -47.87 16.38 -27.03
N ASN C 98 -46.84 15.58 -26.75
CA ASN C 98 -46.69 14.23 -27.27
C ASN C 98 -47.48 13.21 -26.43
N ASP C 99 -47.67 13.52 -25.14
CA ASP C 99 -48.40 12.64 -24.21
C ASP C 99 -49.90 12.55 -24.55
N MET C 100 -50.21 12.82 -25.81
CA MET C 100 -51.58 12.80 -26.32
C MET C 100 -51.92 11.46 -26.98
N GLY C 124 -41.32 3.92 -30.89
CA GLY C 124 -41.17 5.37 -30.91
C GLY C 124 -39.78 5.80 -31.32
N ALA C 125 -39.70 7.00 -31.89
CA ALA C 125 -38.47 7.62 -32.35
C ALA C 125 -38.27 9.07 -32.21
N LEU C 126 -39.40 9.77 -32.21
CA LEU C 126 -39.38 11.23 -32.07
C LEU C 126 -39.05 11.64 -30.63
N ALA C 127 -38.73 10.65 -29.79
CA ALA C 127 -38.40 10.90 -28.38
C ALA C 127 -36.93 10.55 -28.08
N ASP C 128 -36.45 9.47 -28.66
CA ASP C 128 -35.08 9.03 -28.43
C ASP C 128 -34.03 9.72 -29.28
N LEU C 129 -34.31 10.93 -29.74
CA LEU C 129 -33.30 11.62 -30.53
C LEU C 129 -33.12 13.04 -30.02
N THR C 130 -33.91 13.41 -29.01
CA THR C 130 -33.86 14.73 -28.42
C THR C 130 -32.71 14.81 -27.42
N GLY C 131 -32.73 13.92 -26.43
CA GLY C 131 -31.67 13.90 -25.45
C GLY C 131 -30.35 13.56 -26.11
N SER C 132 -30.43 12.99 -27.30
CA SER C 132 -29.23 12.61 -28.06
C SER C 132 -28.59 13.86 -28.67
N ILE C 133 -29.43 14.74 -29.20
CA ILE C 133 -28.97 15.97 -29.84
C ILE C 133 -29.19 17.16 -28.90
N PRO C 134 -28.10 17.82 -28.49
CA PRO C 134 -28.16 18.98 -27.58
C PRO C 134 -28.78 20.23 -28.18
N GLY C 135 -29.87 20.69 -27.61
CA GLY C 135 -30.50 21.89 -28.10
C GLY C 135 -31.94 21.72 -28.55
N ILE C 136 -32.33 20.49 -28.87
CA ILE C 136 -33.68 20.26 -29.32
C ILE C 136 -34.70 20.63 -28.25
N ASP C 137 -34.70 19.90 -27.14
CA ASP C 137 -35.63 20.15 -26.05
C ASP C 137 -35.94 21.63 -25.89
N GLU C 138 -34.90 22.46 -25.97
CA GLU C 138 -35.05 23.90 -25.85
C GLU C 138 -35.85 24.47 -27.03
N ALA C 139 -35.32 24.30 -28.24
CA ALA C 139 -36.00 24.79 -29.44
C ALA C 139 -37.46 24.34 -29.44
N LEU C 140 -37.69 23.11 -28.97
CA LEU C 140 -39.05 22.58 -28.91
C LEU C 140 -39.86 23.36 -27.89
N SER C 141 -39.36 23.42 -26.66
CA SER C 141 -40.04 24.14 -25.59
C SER C 141 -40.30 25.60 -25.93
N PHE C 142 -39.39 26.22 -26.68
CA PHE C 142 -39.55 27.62 -27.04
C PHE C 142 -40.67 27.84 -28.04
N MET C 143 -40.69 27.04 -29.11
CA MET C 143 -41.73 27.17 -30.11
C MET C 143 -43.07 26.83 -29.49
N GLU C 144 -43.04 26.04 -28.41
CA GLU C 144 -44.27 25.67 -27.72
C GLU C 144 -44.82 26.96 -27.11
N VAL C 145 -43.90 27.83 -26.70
CA VAL C 145 -44.26 29.12 -26.11
C VAL C 145 -44.82 30.00 -27.23
N MET C 146 -43.96 30.32 -28.20
CA MET C 146 -44.35 31.16 -29.33
C MET C 146 -45.75 30.82 -29.81
N LYS C 147 -46.06 29.52 -29.78
CA LYS C 147 -47.37 29.03 -30.18
C LYS C 147 -48.42 29.65 -29.25
N HIS C 148 -48.31 29.36 -27.96
CA HIS C 148 -49.23 29.85 -26.94
C HIS C 148 -49.44 31.37 -27.06
N ILE C 149 -48.49 32.06 -27.68
CA ILE C 149 -48.57 33.51 -27.85
C ILE C 149 -49.44 33.91 -29.04
N LYS C 150 -49.09 33.41 -30.23
CA LYS C 150 -49.84 33.72 -31.44
C LYS C 150 -51.29 33.30 -31.25
N ARG C 151 -51.52 32.28 -30.43
CA ARG C 151 -52.87 31.79 -30.14
C ARG C 151 -53.64 32.91 -29.46
N GLN C 152 -53.01 33.54 -28.46
CA GLN C 152 -53.62 34.63 -27.72
C GLN C 152 -53.95 35.78 -28.65
N GLU C 153 -53.03 36.06 -29.58
CA GLU C 153 -53.20 37.15 -30.54
C GLU C 153 -54.32 36.86 -31.53
N GLN C 154 -54.81 35.62 -31.50
CA GLN C 154 -55.89 35.19 -32.38
C GLN C 154 -57.22 35.33 -31.65
N ASP C 155 -57.37 34.57 -30.56
CA ASP C 155 -58.58 34.59 -29.74
C ASP C 155 -58.85 35.99 -29.19
N GLU C 156 -57.80 36.82 -29.16
CA GLU C 156 -57.93 38.18 -28.67
C GLU C 156 -57.84 39.19 -29.82
N GLY C 157 -57.34 38.73 -30.98
CA GLY C 157 -57.21 39.61 -32.14
C GLY C 157 -56.48 40.89 -31.76
N GLU C 158 -55.40 40.72 -30.99
CA GLU C 158 -54.58 41.85 -30.56
C GLU C 158 -53.09 41.55 -30.72
N THR C 159 -52.50 42.20 -31.70
CA THR C 159 -51.08 42.03 -32.01
C THR C 159 -50.12 42.72 -31.02
N PHE C 160 -49.16 41.95 -30.53
CA PHE C 160 -48.14 42.42 -29.58
C PHE C 160 -46.94 42.93 -30.36
N ASP C 161 -46.61 44.19 -30.18
CA ASP C 161 -45.49 44.82 -30.87
C ASP C 161 -44.13 44.43 -30.32
N THR C 162 -44.07 44.22 -29.00
CA THR C 162 -42.84 43.83 -28.35
C THR C 162 -43.10 42.92 -27.16
N VAL C 163 -42.29 41.86 -27.07
CA VAL C 163 -42.40 40.91 -26.00
C VAL C 163 -41.10 40.86 -25.21
N ILE C 164 -41.25 40.79 -23.89
CA ILE C 164 -40.11 40.77 -22.98
C ILE C 164 -40.06 39.39 -22.32
N PHE C 165 -38.89 38.76 -22.38
CA PHE C 165 -38.73 37.43 -21.82
C PHE C 165 -38.02 37.37 -20.50
N ASP C 166 -38.72 36.89 -19.48
CA ASP C 166 -38.17 36.73 -18.15
C ASP C 166 -37.44 35.38 -18.22
N THR C 167 -36.34 35.33 -18.98
CA THR C 167 -35.58 34.08 -19.16
C THR C 167 -35.57 33.27 -17.89
N ALA C 168 -35.67 31.95 -18.03
CA ALA C 168 -35.69 31.05 -16.88
C ALA C 168 -34.39 31.12 -16.08
N PRO C 169 -34.50 31.03 -14.75
CA PRO C 169 -33.38 31.09 -13.81
C PRO C 169 -32.22 30.11 -14.05
N THR C 170 -32.55 28.83 -14.21
CA THR C 170 -31.56 27.78 -14.44
C THR C 170 -31.72 27.09 -15.78
N GLY C 171 -30.60 26.62 -16.31
CA GLY C 171 -30.63 25.96 -17.60
C GLY C 171 -30.39 27.00 -18.66
N HIS C 172 -29.92 26.58 -19.83
CA HIS C 172 -29.64 27.51 -20.92
C HIS C 172 -30.81 27.65 -21.88
N THR C 173 -31.96 28.00 -21.30
CA THR C 173 -33.21 28.19 -22.02
C THR C 173 -33.09 28.49 -23.52
N LEU C 174 -32.28 29.45 -23.92
CA LEU C 174 -32.17 29.73 -25.35
C LEU C 174 -30.82 29.36 -25.96
N ARG C 175 -30.53 28.06 -25.93
CA ARG C 175 -29.29 27.52 -26.49
C ARG C 175 -29.56 27.02 -27.91
N PHE C 176 -30.84 26.80 -28.22
CA PHE C 176 -31.22 26.29 -29.53
C PHE C 176 -30.67 27.10 -30.69
N LEU C 177 -30.16 28.29 -30.42
CA LEU C 177 -29.61 29.10 -31.49
C LEU C 177 -28.41 28.44 -32.17
N GLN C 178 -27.89 27.38 -31.54
CA GLN C 178 -26.74 26.66 -32.12
C GLN C 178 -27.23 25.43 -32.87
N LEU C 179 -28.47 25.03 -32.60
CA LEU C 179 -29.10 23.87 -33.22
C LEU C 179 -28.81 23.79 -34.73
N PRO C 180 -29.06 24.89 -35.47
CA PRO C 180 -28.81 24.89 -36.91
C PRO C 180 -27.42 24.37 -37.28
N ASN C 181 -26.37 25.09 -36.92
CA ASN C 181 -25.03 24.64 -37.25
C ASN C 181 -24.73 23.23 -36.70
N THR C 182 -25.48 22.80 -35.69
CA THR C 182 -25.31 21.47 -35.10
C THR C 182 -26.11 20.42 -35.90
N LEU C 183 -27.33 20.76 -36.32
CA LEU C 183 -28.14 19.85 -37.11
C LEU C 183 -27.54 19.69 -38.50
N SER C 184 -26.62 20.56 -38.86
CA SER C 184 -25.99 20.48 -40.17
C SER C 184 -24.92 19.40 -40.17
N LYS C 185 -24.32 19.16 -39.00
CA LYS C 185 -23.31 18.13 -38.89
C LYS C 185 -23.93 16.75 -38.97
N LEU C 186 -25.26 16.68 -38.86
CA LEU C 186 -25.99 15.41 -38.95
C LEU C 186 -26.63 15.21 -40.31
N LEU C 187 -27.11 16.29 -40.92
CA LEU C 187 -27.71 16.19 -42.24
C LEU C 187 -26.60 16.08 -43.29
N GLU C 188 -25.35 16.14 -42.82
CA GLU C 188 -24.16 16.02 -43.66
C GLU C 188 -23.40 14.78 -43.20
N LYS C 189 -23.98 14.08 -42.24
CA LYS C 189 -23.41 12.84 -41.70
C LYS C 189 -24.37 11.70 -42.06
N PHE C 190 -25.66 11.85 -41.68
CA PHE C 190 -26.66 10.83 -41.98
C PHE C 190 -26.68 10.60 -43.49
N GLY C 191 -26.02 11.48 -44.23
CA GLY C 191 -25.93 11.36 -45.67
C GLY C 191 -24.55 10.86 -46.07
N GLU C 192 -23.50 11.44 -45.47
CA GLU C 192 -22.12 11.07 -45.78
C GLU C 192 -21.83 9.61 -45.41
N ILE C 193 -22.85 8.91 -44.91
CA ILE C 193 -22.75 7.51 -44.54
C ILE C 193 -23.73 6.76 -45.43
N THR C 194 -24.70 7.48 -45.97
CA THR C 194 -25.70 6.93 -46.87
C THR C 194 -25.19 7.05 -48.32
N ASN C 195 -24.03 7.69 -48.47
CA ASN C 195 -23.40 7.90 -49.79
C ASN C 195 -21.92 7.51 -49.83
N LYS C 196 -21.44 6.85 -48.78
CA LYS C 196 -20.05 6.39 -48.69
C LYS C 196 -20.09 4.85 -48.63
N LEU C 197 -21.29 4.34 -48.39
CA LEU C 197 -21.57 2.91 -48.34
C LEU C 197 -22.80 2.74 -49.22
N GLY C 198 -22.60 2.95 -50.52
CA GLY C 198 -23.67 2.87 -51.51
C GLY C 198 -24.40 1.56 -51.69
N PRO C 199 -23.70 0.47 -52.03
CA PRO C 199 -24.37 -0.84 -52.20
C PRO C 199 -25.12 -1.23 -50.93
N MET C 200 -24.62 -0.74 -49.80
CA MET C 200 -25.19 -1.00 -48.47
C MET C 200 -25.95 0.23 -47.94
N LEU C 201 -26.24 1.19 -48.83
CA LEU C 201 -27.00 2.39 -48.48
C LEU C 201 -28.29 2.19 -49.25
N ASN C 202 -28.18 1.38 -50.30
CA ASN C 202 -29.29 1.01 -51.16
C ASN C 202 -29.86 -0.26 -50.55
N SER C 203 -28.98 -1.25 -50.34
CA SER C 203 -29.39 -2.49 -49.72
C SER C 203 -29.80 -2.08 -48.31
N PHE C 204 -29.29 -0.94 -47.87
CA PHE C 204 -29.60 -0.43 -46.56
C PHE C 204 -31.04 0.07 -46.55
N MET C 205 -31.96 -0.90 -46.65
CA MET C 205 -33.36 -0.58 -46.62
C MET C 205 -33.61 0.14 -45.31
N GLY C 206 -33.52 1.46 -45.32
CA GLY C 206 -33.76 2.22 -44.10
C GLY C 206 -35.15 1.92 -43.58
N ALA C 207 -35.26 0.98 -42.63
CA ALA C 207 -36.56 0.62 -42.06
C ALA C 207 -37.34 1.87 -41.69
N GLY C 208 -36.59 2.92 -41.39
CA GLY C 208 -37.19 4.19 -41.04
C GLY C 208 -37.02 5.10 -42.24
N ASN C 209 -38.12 5.59 -42.78
CA ASN C 209 -38.10 6.46 -43.96
C ASN C 209 -37.21 7.71 -43.82
N VAL C 210 -37.15 8.50 -44.89
CA VAL C 210 -36.35 9.72 -44.91
C VAL C 210 -36.86 10.66 -43.81
N ASP C 211 -37.97 10.27 -43.18
CA ASP C 211 -38.61 11.02 -42.12
C ASP C 211 -37.62 11.63 -41.14
N ILE C 212 -36.81 10.80 -40.49
CA ILE C 212 -35.83 11.32 -39.54
C ILE C 212 -34.89 12.34 -40.20
N SER C 213 -34.36 12.03 -41.37
CA SER C 213 -33.46 12.95 -42.07
C SER C 213 -34.21 14.00 -42.88
N GLY C 214 -35.52 14.12 -42.62
CA GLY C 214 -36.33 15.08 -43.34
C GLY C 214 -37.26 15.88 -42.45
N LYS C 215 -37.69 15.29 -41.35
CA LYS C 215 -38.57 15.98 -40.41
C LYS C 215 -37.68 16.74 -39.41
N LEU C 216 -36.45 16.24 -39.21
CA LEU C 216 -35.47 16.90 -38.35
C LEU C 216 -34.54 17.61 -39.31
N ASN C 217 -35.10 17.96 -40.46
CA ASN C 217 -34.38 18.65 -41.51
C ASN C 217 -35.11 19.98 -41.66
N GLU C 218 -36.39 19.96 -41.35
CA GLU C 218 -37.25 21.13 -41.41
C GLU C 218 -37.07 21.96 -40.13
N LEU C 219 -36.43 21.35 -39.13
CA LEU C 219 -36.18 22.05 -37.87
C LEU C 219 -35.12 23.11 -38.16
N LYS C 220 -34.05 22.70 -38.84
CA LYS C 220 -32.96 23.60 -39.22
C LYS C 220 -33.47 24.81 -40.03
N ALA C 221 -34.80 24.93 -40.09
CA ALA C 221 -35.47 26.00 -40.81
C ALA C 221 -36.49 26.66 -39.89
N ASN C 222 -37.42 25.84 -39.39
CA ASN C 222 -38.47 26.29 -38.48
C ASN C 222 -37.82 26.93 -37.24
N VAL C 223 -36.50 26.83 -37.19
CA VAL C 223 -35.70 27.37 -36.10
C VAL C 223 -34.43 27.95 -36.71
N GLU C 224 -34.62 28.65 -37.82
CA GLU C 224 -33.52 29.30 -38.51
C GLU C 224 -34.08 30.63 -38.98
N THR C 225 -35.39 30.74 -38.94
CA THR C 225 -36.05 31.98 -39.30
C THR C 225 -36.10 32.70 -37.95
N ILE C 226 -36.59 31.98 -36.94
CA ILE C 226 -36.69 32.49 -35.59
C ILE C 226 -35.30 32.93 -35.16
N ARG C 227 -34.29 32.32 -35.75
CA ARG C 227 -32.93 32.68 -35.41
C ARG C 227 -32.48 33.98 -36.04
N GLN C 228 -32.92 34.27 -37.26
CA GLN C 228 -32.46 35.52 -37.86
C GLN C 228 -33.32 36.66 -37.39
N GLN C 229 -34.06 36.37 -36.34
CA GLN C 229 -34.92 37.34 -35.69
C GLN C 229 -34.06 37.77 -34.51
N PHE C 230 -33.75 36.79 -33.66
CA PHE C 230 -32.95 36.97 -32.47
C PHE C 230 -31.48 37.25 -32.73
N THR C 231 -31.10 37.54 -33.97
CA THR C 231 -29.69 37.83 -34.20
C THR C 231 -29.54 39.20 -34.89
N ASP C 232 -30.67 39.90 -34.98
CA ASP C 232 -30.75 41.23 -35.58
C ASP C 232 -30.57 42.27 -34.49
N PRO C 233 -29.39 42.87 -34.43
CA PRO C 233 -29.06 43.89 -33.43
C PRO C 233 -30.14 44.96 -33.22
N ASP C 234 -31.14 45.00 -34.11
CA ASP C 234 -32.17 46.03 -34.00
C ASP C 234 -33.55 45.48 -33.72
N LEU C 235 -33.67 44.17 -33.64
CA LEU C 235 -34.96 43.55 -33.38
C LEU C 235 -35.00 42.91 -32.00
N THR C 236 -33.85 42.42 -31.55
CA THR C 236 -33.78 41.77 -30.25
C THR C 236 -32.45 42.02 -29.55
N THR C 237 -32.50 42.08 -28.22
CA THR C 237 -31.32 42.31 -27.42
C THR C 237 -31.53 41.66 -26.06
N PHE C 238 -30.44 41.45 -25.32
CA PHE C 238 -30.47 40.82 -24.01
C PHE C 238 -29.95 41.81 -22.96
N VAL C 239 -30.56 41.80 -21.78
CA VAL C 239 -30.12 42.65 -20.69
C VAL C 239 -29.79 41.75 -19.52
N CYS C 240 -28.56 41.86 -19.02
CA CYS C 240 -28.12 41.03 -17.91
C CYS C 240 -28.31 41.73 -16.59
N VAL C 241 -28.82 40.99 -15.62
CA VAL C 241 -29.01 41.53 -14.29
C VAL C 241 -27.96 40.88 -13.44
N CYS C 242 -27.34 41.65 -12.55
CA CYS C 242 -26.33 41.08 -11.69
C CYS C 242 -26.18 41.95 -10.48
N ILE C 243 -25.68 41.35 -9.40
CA ILE C 243 -25.44 42.06 -8.16
C ILE C 243 -23.94 42.35 -8.25
N SER C 244 -23.44 43.33 -7.53
CA SER C 244 -22.03 43.67 -7.64
C SER C 244 -21.07 42.96 -6.67
N GLU C 245 -20.95 41.66 -6.81
CA GLU C 245 -20.07 40.87 -5.97
C GLU C 245 -19.32 39.96 -6.94
N PHE C 246 -18.29 39.25 -6.48
CA PHE C 246 -17.54 38.45 -7.43
C PHE C 246 -18.29 37.29 -8.06
N LEU C 247 -18.77 36.35 -7.27
CA LEU C 247 -19.47 35.21 -7.86
C LEU C 247 -20.54 35.60 -8.87
N SER C 248 -21.04 36.83 -8.79
CA SER C 248 -22.07 37.26 -9.75
C SER C 248 -21.49 37.92 -10.99
N LEU C 249 -20.50 38.78 -10.81
CA LEU C 249 -19.90 39.42 -11.95
C LEU C 249 -19.28 38.36 -12.83
N TYR C 250 -18.99 37.21 -12.23
CA TYR C 250 -18.40 36.08 -12.95
C TYR C 250 -19.52 35.45 -13.74
N GLU C 251 -20.47 34.85 -13.04
CA GLU C 251 -21.58 34.22 -13.69
C GLU C 251 -22.13 35.02 -14.85
N THR C 252 -22.14 36.34 -14.74
CA THR C 252 -22.68 37.12 -15.83
C THR C 252 -21.65 37.31 -16.94
N GLU C 253 -20.37 37.37 -16.60
CA GLU C 253 -19.36 37.48 -17.65
C GLU C 253 -19.48 36.20 -18.46
N ARG C 254 -19.75 35.10 -17.76
CA ARG C 254 -19.93 33.84 -18.43
C ARG C 254 -21.11 33.99 -19.38
N LEU C 255 -22.25 34.40 -18.84
CA LEU C 255 -23.44 34.57 -19.65
C LEU C 255 -23.21 35.44 -20.88
N ILE C 256 -22.59 36.59 -20.70
CA ILE C 256 -22.31 37.46 -21.82
C ILE C 256 -21.57 36.68 -22.89
N GLN C 257 -20.69 35.76 -22.49
CA GLN C 257 -19.94 34.97 -23.47
C GLN C 257 -20.87 33.98 -24.14
N GLU C 258 -21.69 33.30 -23.35
CA GLU C 258 -22.64 32.35 -23.91
C GLU C 258 -23.52 33.04 -24.94
N LEU C 259 -23.90 34.29 -24.67
CA LEU C 259 -24.74 35.00 -25.62
C LEU C 259 -23.94 35.44 -26.83
N ILE C 260 -22.72 35.93 -26.63
CA ILE C 260 -21.90 36.34 -27.76
C ILE C 260 -21.74 35.18 -28.73
N SER C 261 -21.55 33.99 -28.20
CA SER C 261 -21.41 32.80 -29.04
C SER C 261 -22.65 32.61 -29.90
N TYR C 262 -23.83 32.67 -29.28
CA TYR C 262 -25.08 32.50 -30.02
C TYR C 262 -25.30 33.62 -31.04
N ASP C 263 -24.41 34.61 -31.04
CA ASP C 263 -24.52 35.76 -31.94
C ASP C 263 -25.73 36.63 -31.61
N MET C 264 -26.14 36.60 -30.34
CA MET C 264 -27.24 37.41 -29.86
C MET C 264 -26.62 38.72 -29.39
N ASP C 265 -27.44 39.75 -29.23
CA ASP C 265 -26.89 41.02 -28.83
C ASP C 265 -26.94 41.34 -27.34
N VAL C 266 -25.77 41.50 -26.74
CA VAL C 266 -25.65 41.84 -25.33
C VAL C 266 -24.97 43.18 -25.26
N ASN C 267 -25.71 44.16 -24.76
CA ASN C 267 -25.18 45.49 -24.69
C ASN C 267 -25.37 46.21 -23.37
N SER C 268 -26.27 45.69 -22.54
CA SER C 268 -26.53 46.33 -21.28
C SER C 268 -26.63 45.40 -20.09
N ILE C 269 -26.04 45.84 -18.98
CA ILE C 269 -26.02 45.10 -17.73
C ILE C 269 -26.61 46.00 -16.68
N ILE C 270 -27.59 45.54 -15.90
CA ILE C 270 -28.12 46.38 -14.86
C ILE C 270 -27.58 45.82 -13.54
N VAL C 271 -26.75 46.60 -12.85
CA VAL C 271 -26.14 46.17 -11.59
C VAL C 271 -27.08 46.55 -10.46
N ASN C 272 -27.77 45.56 -9.92
CA ASN C 272 -28.78 45.76 -8.90
C ASN C 272 -28.33 45.66 -7.46
N GLN C 273 -29.20 46.12 -6.55
CA GLN C 273 -28.96 46.12 -5.11
C GLN C 273 -27.75 46.86 -4.59
N LEU C 274 -27.38 47.94 -5.26
CA LEU C 274 -26.23 48.70 -4.85
C LEU C 274 -26.71 49.53 -3.69
N LEU C 275 -25.98 49.58 -2.60
CA LEU C 275 -26.44 50.46 -1.53
C LEU C 275 -25.44 51.61 -1.55
N PHE C 276 -25.77 52.71 -2.20
CA PHE C 276 -24.84 53.83 -2.33
C PHE C 276 -24.44 54.47 -1.03
N ALA C 277 -24.36 53.64 0.01
CA ALA C 277 -24.01 54.05 1.38
C ALA C 277 -23.04 55.22 1.56
N GLU C 278 -22.31 55.59 0.50
CA GLU C 278 -21.33 56.68 0.58
C GLU C 278 -22.00 57.95 1.11
N ASN C 279 -23.32 57.97 0.99
CA ASN C 279 -24.13 59.08 1.46
C ASN C 279 -25.53 58.49 1.63
N ASP C 280 -26.02 58.47 2.87
CA ASP C 280 -27.35 57.92 3.14
C ASP C 280 -28.15 58.71 4.20
N GLN C 281 -29.46 58.51 4.19
CA GLN C 281 -30.38 59.17 5.13
C GLN C 281 -30.75 58.23 6.28
N GLU C 282 -30.35 58.61 7.49
CA GLU C 282 -30.58 57.82 8.71
C GLU C 282 -29.53 56.70 8.78
N HIS C 283 -28.41 56.92 8.08
CA HIS C 283 -27.31 55.96 8.02
C HIS C 283 -26.22 56.31 9.01
N ASN C 284 -25.88 55.33 9.85
CA ASN C 284 -24.84 55.48 10.88
C ASN C 284 -24.41 54.07 11.33
N CYS C 285 -24.66 53.08 10.48
CA CYS C 285 -24.31 51.68 10.74
C CYS C 285 -22.93 51.33 10.17
N LYS C 286 -22.11 50.63 10.95
CA LYS C 286 -20.77 50.26 10.54
C LYS C 286 -20.66 49.20 9.44
N ARG C 287 -21.35 48.07 9.62
CA ARG C 287 -21.31 46.96 8.65
C ARG C 287 -21.66 47.38 7.22
N CYS C 288 -22.84 47.99 7.07
CA CYS C 288 -23.30 48.43 5.76
C CYS C 288 -22.27 49.21 4.99
N GLN C 289 -21.48 50.03 5.67
CA GLN C 289 -20.49 50.79 4.93
C GLN C 289 -19.27 49.99 4.53
N ALA C 290 -19.18 48.76 5.02
CA ALA C 290 -18.04 47.93 4.65
C ALA C 290 -18.30 47.28 3.30
N ARG C 291 -19.56 46.87 3.10
CA ARG C 291 -19.97 46.23 1.86
C ARG C 291 -19.91 47.21 0.71
N TRP C 292 -20.47 48.38 0.90
CA TRP C 292 -20.45 49.40 -0.14
C TRP C 292 -19.04 49.54 -0.65
N LYS C 293 -18.08 49.60 0.27
CA LYS C 293 -16.69 49.75 -0.14
C LYS C 293 -16.29 48.68 -1.15
N MET C 294 -16.74 47.45 -0.93
CA MET C 294 -16.43 46.36 -1.85
C MET C 294 -17.18 46.53 -3.16
N GLN C 295 -18.47 46.80 -3.10
CA GLN C 295 -19.27 46.96 -4.33
C GLN C 295 -18.61 48.02 -5.19
N LYS C 296 -18.33 49.16 -4.58
CA LYS C 296 -17.71 50.28 -5.29
C LYS C 296 -16.49 49.78 -6.05
N LYS C 297 -15.69 48.96 -5.38
CA LYS C 297 -14.50 48.43 -6.01
C LYS C 297 -14.82 47.71 -7.31
N TYR C 298 -15.78 46.79 -7.27
CA TYR C 298 -16.13 46.07 -8.47
C TYR C 298 -16.84 46.91 -9.53
N LEU C 299 -17.64 47.88 -9.12
CA LEU C 299 -18.33 48.72 -10.10
C LEU C 299 -17.28 49.33 -11.02
N ASP C 300 -16.24 49.90 -10.41
CA ASP C 300 -15.17 50.52 -11.16
C ASP C 300 -14.58 49.53 -12.13
N GLN C 301 -14.46 48.28 -11.71
CA GLN C 301 -13.92 47.24 -12.58
C GLN C 301 -14.88 46.94 -13.71
N ILE C 302 -16.18 46.83 -13.40
CA ILE C 302 -17.16 46.54 -14.44
C ILE C 302 -17.11 47.62 -15.49
N ASP C 303 -17.05 48.87 -15.02
CA ASP C 303 -17.00 50.00 -15.93
C ASP C 303 -15.80 49.88 -16.85
N GLU C 304 -14.68 49.45 -16.30
CA GLU C 304 -13.43 49.28 -17.04
C GLU C 304 -13.55 48.10 -17.99
N LEU C 305 -14.17 47.02 -17.53
CA LEU C 305 -14.29 45.83 -18.36
C LEU C 305 -15.25 46.00 -19.52
N TYR C 306 -16.39 46.66 -19.30
CA TYR C 306 -17.36 46.88 -20.38
C TYR C 306 -17.55 48.39 -20.63
N GLU C 307 -16.67 48.98 -21.43
CA GLU C 307 -16.74 50.41 -21.71
C GLU C 307 -17.83 50.73 -22.73
N ASP C 308 -18.08 49.78 -23.62
CA ASP C 308 -19.07 49.95 -24.68
C ASP C 308 -20.47 49.53 -24.24
N PHE C 309 -20.58 49.09 -23.00
CA PHE C 309 -21.85 48.63 -22.45
C PHE C 309 -22.63 49.69 -21.68
N HIS C 310 -23.93 49.46 -21.54
CA HIS C 310 -24.80 50.35 -20.78
C HIS C 310 -24.81 49.77 -19.38
N VAL C 311 -23.97 50.28 -18.49
CA VAL C 311 -23.95 49.74 -17.13
C VAL C 311 -24.88 50.53 -16.27
N VAL C 312 -26.02 49.94 -15.92
CA VAL C 312 -27.04 50.60 -15.12
C VAL C 312 -27.01 50.33 -13.62
N LYS C 313 -26.73 51.35 -12.81
CA LYS C 313 -26.69 51.18 -11.36
C LYS C 313 -28.06 51.39 -10.72
N MET C 314 -28.53 50.38 -10.01
CA MET C 314 -29.82 50.45 -9.32
C MET C 314 -29.56 50.38 -7.83
N PRO C 315 -30.26 51.20 -7.05
CA PRO C 315 -30.13 51.30 -5.61
C PRO C 315 -30.88 50.21 -4.89
N LEU C 316 -30.43 49.87 -3.70
CA LEU C 316 -31.08 48.85 -2.89
C LEU C 316 -32.06 49.54 -1.98
N CYS C 317 -33.34 49.29 -2.19
CA CYS C 317 -34.41 49.89 -1.40
C CYS C 317 -34.67 49.11 -0.12
N ALA C 318 -35.25 49.78 0.86
CA ALA C 318 -35.56 49.16 2.14
C ALA C 318 -36.77 48.24 1.98
N GLY C 319 -36.52 46.93 1.95
CA GLY C 319 -37.61 46.00 1.81
C GLY C 319 -38.19 45.84 0.41
N GLU C 320 -38.96 44.76 0.23
CA GLU C 320 -39.54 44.45 -1.06
C GLU C 320 -40.00 45.61 -1.95
N ILE C 321 -40.04 45.31 -3.24
CA ILE C 321 -40.43 46.21 -4.30
C ILE C 321 -41.49 45.40 -5.02
N ARG C 322 -42.70 45.41 -4.47
CA ARG C 322 -43.80 44.64 -5.04
C ARG C 322 -44.92 45.57 -5.46
N GLY C 323 -45.68 45.14 -6.45
CA GLY C 323 -46.82 45.92 -6.91
C GLY C 323 -46.51 47.14 -7.75
N LEU C 324 -47.27 47.31 -8.83
CA LEU C 324 -47.11 48.40 -9.77
C LEU C 324 -46.69 49.78 -9.25
N ASN C 325 -47.32 50.23 -8.17
CA ASN C 325 -47.00 51.56 -7.62
C ASN C 325 -45.54 51.72 -7.25
N ASN C 326 -44.88 50.61 -6.89
CA ASN C 326 -43.47 50.62 -6.52
C ASN C 326 -42.60 50.19 -7.68
N LEU C 327 -43.00 49.12 -8.35
CA LEU C 327 -42.25 48.65 -9.49
C LEU C 327 -42.03 49.83 -10.42
N THR C 328 -43.06 50.65 -10.57
CA THR C 328 -42.95 51.81 -11.42
C THR C 328 -41.94 52.77 -10.82
N LYS C 329 -42.21 53.26 -9.62
CA LYS C 329 -41.29 54.20 -8.98
C LYS C 329 -39.83 53.74 -9.05
N PHE C 330 -39.59 52.46 -8.82
CA PHE C 330 -38.23 51.94 -8.87
C PHE C 330 -37.71 51.87 -10.28
N SER C 331 -38.58 51.46 -11.20
CA SER C 331 -38.21 51.29 -12.60
C SER C 331 -37.75 52.52 -13.33
N GLN C 332 -38.11 53.71 -12.86
CA GLN C 332 -37.74 54.91 -13.58
C GLN C 332 -36.24 55.13 -13.56
N PHE C 333 -35.55 54.46 -12.66
CA PHE C 333 -34.11 54.61 -12.57
C PHE C 333 -33.37 53.78 -13.61
N LEU C 334 -34.11 53.28 -14.60
CA LEU C 334 -33.54 52.49 -15.69
C LEU C 334 -33.50 53.47 -16.84
N ASN C 335 -34.26 54.55 -16.70
CA ASN C 335 -34.33 55.56 -17.74
C ASN C 335 -33.38 56.69 -17.40
N LYS C 336 -33.72 57.44 -16.39
CA LYS C 336 -32.91 58.54 -15.92
C LYS C 336 -32.11 57.89 -14.81
N GLU C 337 -30.79 57.82 -14.95
CA GLU C 337 -29.97 57.17 -13.92
C GLU C 337 -30.16 57.73 -12.52
N TYR C 338 -30.21 56.83 -11.56
CA TYR C 338 -30.38 57.17 -10.16
C TYR C 338 -29.23 57.98 -9.61
N ASN C 339 -29.57 59.06 -8.92
CA ASN C 339 -28.58 59.94 -8.31
C ASN C 339 -28.81 59.81 -6.81
N PRO C 340 -27.84 59.19 -6.10
CA PRO C 340 -27.87 58.95 -4.64
C PRO C 340 -28.17 60.18 -3.81
N ILE C 341 -27.72 61.34 -4.28
CA ILE C 341 -27.95 62.60 -3.57
C ILE C 341 -29.41 62.99 -3.67
N THR C 342 -29.81 63.48 -4.83
CA THR C 342 -31.18 63.93 -5.04
C THR C 342 -32.26 62.86 -4.82
N ASP C 343 -32.17 61.75 -5.54
CA ASP C 343 -33.14 60.67 -5.44
C ASP C 343 -33.12 59.85 -4.16
N GLY C 344 -32.22 60.19 -3.23
CA GLY C 344 -32.13 59.43 -1.99
C GLY C 344 -33.46 59.13 -1.30
N LYS C 345 -34.41 60.06 -1.40
CA LYS C 345 -35.70 59.86 -0.75
C LYS C 345 -36.54 58.80 -1.42
N VAL C 346 -36.75 58.96 -2.73
CA VAL C 346 -37.56 58.04 -3.53
C VAL C 346 -37.32 56.54 -3.30
N ILE C 347 -36.22 56.17 -2.64
CA ILE C 347 -35.95 54.76 -2.38
C ILE C 347 -36.43 54.39 -0.98
N TYR C 348 -37.16 55.31 -0.35
CA TYR C 348 -37.71 55.09 0.99
C TYR C 348 -39.22 55.23 1.01
N GLU C 349 -39.81 55.46 -0.16
CA GLU C 349 -41.25 55.59 -0.28
C GLU C 349 -41.79 54.18 -0.44
N LEU C 350 -40.84 53.24 -0.39
CA LEU C 350 -41.08 51.82 -0.57
C LEU C 350 -41.01 50.99 0.73
N GLU C 351 -41.42 51.57 1.86
CA GLU C 351 -41.39 50.85 3.15
C GLU C 351 -42.81 50.51 3.63
N PRO D 14 8.37 21.31 -43.87
CA PRO D 14 9.58 21.73 -43.12
C PRO D 14 9.35 21.82 -41.61
N GLY D 15 8.18 21.40 -41.16
CA GLY D 15 7.88 21.48 -39.74
C GLY D 15 7.94 22.93 -39.32
N ASN D 16 7.19 23.78 -40.00
CA ASN D 16 7.17 25.20 -39.65
C ASN D 16 5.84 25.53 -38.98
N GLU D 17 4.76 25.52 -39.77
CA GLU D 17 3.45 25.83 -39.26
C GLU D 17 3.01 24.95 -38.10
N LEU D 18 3.28 23.66 -38.19
CA LEU D 18 2.79 22.81 -37.12
C LEU D 18 3.78 22.74 -35.97
N SER D 19 4.88 23.45 -36.09
CA SER D 19 5.90 23.47 -35.06
C SER D 19 6.06 24.88 -34.51
N LYS D 20 6.43 25.82 -35.38
CA LYS D 20 6.61 27.19 -34.95
C LYS D 20 5.31 27.82 -34.43
N LYS D 21 4.17 27.24 -34.81
CA LYS D 21 2.88 27.74 -34.35
C LYS D 21 2.45 27.03 -33.07
N TYR D 22 2.29 25.71 -33.17
CA TYR D 22 1.87 24.91 -32.03
C TYR D 22 2.77 25.15 -30.82
N LEU D 23 3.85 25.90 -31.01
CA LEU D 23 4.75 26.21 -29.91
C LEU D 23 4.58 27.65 -29.47
N ALA D 24 4.70 28.57 -30.42
CA ALA D 24 4.55 29.99 -30.12
C ALA D 24 3.30 30.21 -29.26
N LYS D 25 2.21 29.57 -29.66
CA LYS D 25 0.93 29.66 -28.95
C LYS D 25 0.99 28.90 -27.62
N VAL D 26 1.03 27.57 -27.68
CA VAL D 26 1.08 26.77 -26.46
C VAL D 26 2.09 27.34 -25.47
N LYS D 27 3.08 28.06 -25.99
CA LYS D 27 4.10 28.66 -25.13
C LYS D 27 3.61 29.99 -24.59
N GLU D 28 3.07 30.84 -25.46
CA GLU D 28 2.57 32.14 -25.02
C GLU D 28 1.43 31.96 -24.03
N ARG D 29 0.56 31.00 -24.31
CA ARG D 29 -0.57 30.72 -23.43
C ARG D 29 -0.04 30.36 -22.06
N HIS D 30 0.95 29.48 -22.06
CA HIS D 30 1.58 29.03 -20.84
C HIS D 30 2.36 30.17 -20.19
N GLU D 31 2.60 31.23 -20.95
CA GLU D 31 3.32 32.39 -20.43
C GLU D 31 2.34 33.37 -19.83
N LEU D 32 1.12 33.34 -20.34
CA LEU D 32 0.06 34.22 -19.85
C LEU D 32 -0.53 33.60 -18.60
N LYS D 33 -0.90 32.33 -18.70
CA LYS D 33 -1.49 31.59 -17.59
C LYS D 33 -0.69 31.80 -16.32
N GLU D 34 0.63 31.90 -16.45
CA GLU D 34 1.48 32.12 -15.29
C GLU D 34 1.44 33.57 -14.85
N PHE D 35 1.08 34.46 -15.78
CA PHE D 35 0.99 35.88 -15.46
C PHE D 35 -0.35 36.19 -14.81
N ASN D 36 -1.38 35.45 -15.18
CA ASN D 36 -2.70 35.66 -14.65
C ASN D 36 -2.74 35.28 -13.16
N ASN D 37 -1.97 34.25 -12.80
CA ASN D 37 -1.93 33.81 -11.41
C ASN D 37 -1.01 34.67 -10.59
N SER D 38 -0.93 35.96 -10.93
CA SER D 38 -0.07 36.87 -10.19
C SER D 38 -0.80 38.18 -9.89
N ILE D 39 -2.08 38.20 -10.21
CA ILE D 39 -2.92 39.38 -9.97
C ILE D 39 -4.19 38.94 -9.26
N SER D 40 -4.76 39.85 -8.46
CA SER D 40 -5.98 39.55 -7.73
C SER D 40 -7.18 39.59 -8.64
N ALA D 41 -7.78 38.43 -8.86
CA ALA D 41 -8.95 38.35 -9.70
C ALA D 41 -10.00 39.22 -9.03
N GLN D 42 -9.68 39.72 -7.84
CA GLN D 42 -10.60 40.55 -7.10
C GLN D 42 -10.27 42.02 -7.25
N ASP D 43 -9.01 42.38 -7.10
CA ASP D 43 -8.61 43.78 -7.21
C ASP D 43 -8.41 44.23 -8.64
N ASN D 44 -8.22 43.26 -9.53
CA ASN D 44 -8.00 43.56 -10.94
C ASN D 44 -8.97 42.76 -11.79
N TYR D 45 -10.19 42.56 -11.29
CA TYR D 45 -11.19 41.80 -12.02
C TYR D 45 -11.09 42.16 -13.49
N ALA D 46 -10.90 43.45 -13.72
CA ALA D 46 -10.78 44.03 -15.05
C ALA D 46 -9.85 43.18 -15.91
N LYS D 47 -8.55 43.40 -15.72
CA LYS D 47 -7.49 42.69 -16.44
C LYS D 47 -7.71 41.20 -16.38
N TRP D 48 -7.78 40.67 -15.17
CA TRP D 48 -7.98 39.25 -14.96
C TRP D 48 -8.95 38.63 -15.96
N THR D 49 -10.15 39.20 -16.05
CA THR D 49 -11.15 38.65 -16.96
C THR D 49 -10.74 38.81 -18.42
N LYS D 50 -9.99 39.86 -18.70
CA LYS D 50 -9.50 40.11 -20.06
C LYS D 50 -8.60 38.92 -20.41
N ASN D 51 -7.54 38.77 -19.63
CA ASN D 51 -6.59 37.70 -19.83
C ASN D 51 -7.27 36.38 -19.97
N ASN D 52 -8.26 36.11 -19.15
CA ASN D 52 -8.96 34.83 -19.28
C ASN D 52 -9.56 34.69 -20.66
N ARG D 53 -10.29 35.72 -21.10
CA ARG D 53 -10.92 35.68 -22.41
C ARG D 53 -9.89 35.30 -23.46
N LYS D 54 -8.69 35.85 -23.33
CA LYS D 54 -7.61 35.55 -24.26
C LYS D 54 -7.29 34.07 -24.17
N LEU D 55 -6.90 33.61 -22.98
CA LEU D 55 -6.58 32.20 -22.78
C LEU D 55 -7.68 31.28 -23.27
N ASP D 56 -8.87 31.81 -23.50
CA ASP D 56 -9.97 30.98 -23.95
C ASP D 56 -9.95 30.85 -25.47
N SER D 57 -9.23 31.75 -26.12
CA SER D 57 -9.10 31.71 -27.57
C SER D 57 -7.95 30.78 -27.88
N LEU D 58 -6.79 31.10 -27.33
CA LEU D 58 -5.59 30.30 -27.55
C LEU D 58 -5.92 28.85 -27.25
N ASP D 59 -6.85 28.61 -26.34
CA ASP D 59 -7.23 27.26 -26.00
C ASP D 59 -7.96 26.61 -27.17
N LYS D 60 -8.56 27.44 -28.04
CA LYS D 60 -9.27 26.91 -29.20
C LYS D 60 -8.36 26.83 -30.41
N GLU D 61 -7.57 27.88 -30.66
CA GLU D 61 -6.67 27.89 -31.81
C GLU D 61 -5.41 27.06 -31.60
N ILE D 62 -5.40 26.27 -30.53
CA ILE D 62 -4.28 25.38 -30.22
C ILE D 62 -4.93 24.01 -30.30
N ASN D 63 -6.26 24.01 -30.26
CA ASN D 63 -7.02 22.79 -30.35
C ASN D 63 -7.45 22.67 -31.80
N ASN D 64 -7.06 23.66 -32.61
CA ASN D 64 -7.35 23.65 -34.04
C ASN D 64 -6.09 23.17 -34.74
N LEU D 65 -4.95 23.67 -34.31
CA LEU D 65 -3.67 23.26 -34.88
C LEU D 65 -3.40 21.82 -34.48
N LYS D 66 -4.28 21.27 -33.63
CA LYS D 66 -4.16 19.90 -33.18
C LYS D 66 -4.89 19.02 -34.20
N ASP D 67 -5.80 19.63 -34.95
CA ASP D 67 -6.56 18.92 -35.97
C ASP D 67 -5.97 19.22 -37.34
N GLU D 68 -5.29 20.36 -37.45
CA GLU D 68 -4.64 20.78 -38.70
C GLU D 68 -3.40 19.91 -38.87
N ILE D 69 -2.81 19.56 -37.73
CA ILE D 69 -1.60 18.74 -37.69
C ILE D 69 -2.02 17.27 -37.65
N GLN D 70 -3.28 16.99 -37.34
CA GLN D 70 -3.71 15.60 -37.25
C GLN D 70 -4.36 15.12 -38.55
N SER D 71 -5.16 15.99 -39.16
CA SER D 71 -5.82 15.66 -40.41
C SER D 71 -4.80 15.72 -41.55
N GLU D 72 -3.55 16.00 -41.19
CA GLU D 72 -2.46 16.06 -42.16
C GLU D 72 -1.93 14.63 -42.30
N ASN D 73 -2.11 13.84 -41.24
CA ASN D 73 -1.71 12.43 -41.21
C ASN D 73 -2.96 11.62 -41.55
N LYS D 74 -3.93 12.32 -42.14
CA LYS D 74 -5.22 11.77 -42.57
C LYS D 74 -5.48 12.23 -44.01
N ALA D 75 -4.63 13.15 -44.48
CA ALA D 75 -4.74 13.70 -45.83
C ALA D 75 -3.36 14.10 -46.35
N VAL E 5 26.41 -16.18 -14.65
CA VAL E 5 25.13 -15.70 -14.04
C VAL E 5 25.37 -14.54 -13.04
N GLU E 6 24.89 -13.34 -13.38
CA GLU E 6 25.07 -12.18 -12.53
C GLU E 6 24.70 -12.47 -11.07
N PRO E 7 25.49 -11.94 -10.13
CA PRO E 7 25.42 -12.02 -8.68
C PRO E 7 24.36 -11.13 -8.05
N ASN E 8 23.13 -11.24 -8.55
CA ASN E 8 22.03 -10.43 -8.05
C ASN E 8 20.70 -11.06 -8.46
N LEU E 9 19.59 -10.48 -7.99
CA LEU E 9 18.27 -10.98 -8.33
C LEU E 9 17.59 -10.12 -9.40
N HIS E 10 18.38 -9.32 -10.10
CA HIS E 10 17.81 -8.43 -11.10
C HIS E 10 16.90 -9.19 -12.06
N SER E 11 17.39 -10.33 -12.54
CA SER E 11 16.62 -11.13 -13.48
C SER E 11 15.26 -11.56 -12.94
N LEU E 12 15.12 -11.70 -11.62
CA LEU E 12 13.85 -12.11 -11.04
C LEU E 12 12.99 -10.90 -10.69
N ILE E 13 13.60 -9.81 -10.27
CA ILE E 13 12.84 -8.62 -9.92
C ILE E 13 12.31 -8.00 -11.19
N THR E 14 12.92 -8.37 -12.31
CA THR E 14 12.54 -7.86 -13.63
C THR E 14 11.58 -8.80 -14.32
N SER E 15 11.69 -10.08 -13.98
CA SER E 15 10.83 -11.11 -14.56
C SER E 15 9.38 -10.68 -14.56
N THR E 16 8.69 -11.10 -15.61
CA THR E 16 7.28 -10.78 -15.78
C THR E 16 6.44 -12.05 -15.66
N THR E 17 7.09 -13.19 -15.92
CA THR E 17 6.46 -14.49 -15.90
C THR E 17 6.06 -15.04 -14.51
N HIS E 18 6.94 -14.90 -13.51
CA HIS E 18 6.67 -15.40 -12.17
C HIS E 18 5.41 -14.88 -11.50
N LYS E 19 4.79 -15.72 -10.67
CA LYS E 19 3.59 -15.34 -9.95
C LYS E 19 3.71 -15.74 -8.49
N TRP E 20 4.55 -16.73 -8.23
CA TRP E 20 4.78 -17.22 -6.88
C TRP E 20 6.27 -17.20 -6.53
N ILE E 21 6.59 -16.57 -5.41
CA ILE E 21 7.98 -16.47 -4.95
C ILE E 21 8.08 -16.82 -3.47
N PHE E 22 8.92 -17.80 -3.14
CA PHE E 22 9.11 -18.22 -1.75
C PHE E 22 10.48 -17.82 -1.22
N VAL E 23 10.50 -17.25 -0.01
CA VAL E 23 11.74 -16.83 0.65
C VAL E 23 11.84 -17.56 1.97
N GLY E 24 12.94 -18.25 2.22
CA GLY E 24 13.05 -18.94 3.49
C GLY E 24 14.47 -19.15 4.01
N GLY E 25 14.61 -19.41 5.31
CA GLY E 25 15.92 -19.63 5.90
C GLY E 25 15.90 -19.67 7.41
N LYS E 26 16.28 -20.81 7.98
CA LYS E 26 16.29 -20.99 9.43
C LYS E 26 17.46 -20.26 10.10
N GLY E 27 17.31 -19.94 11.39
CA GLY E 27 18.33 -19.22 12.13
C GLY E 27 17.99 -17.76 11.97
N GLY E 28 18.51 -16.87 12.79
CA GLY E 28 18.17 -15.45 12.60
C GLY E 28 18.99 -14.83 11.49
N VAL E 29 18.86 -15.35 10.26
CA VAL E 29 19.66 -14.87 9.15
C VAL E 29 19.16 -13.68 8.34
N GLY E 30 17.87 -13.40 8.36
CA GLY E 30 17.38 -12.27 7.60
C GLY E 30 16.30 -12.64 6.59
N LYS E 31 15.60 -13.72 6.86
CA LYS E 31 14.52 -14.21 6.01
C LYS E 31 13.50 -13.09 5.85
N THR E 32 12.95 -12.63 6.95
CA THR E 32 11.95 -11.56 6.95
C THR E 32 12.41 -10.33 6.16
N THR E 33 13.59 -9.82 6.48
CA THR E 33 14.11 -8.64 5.81
C THR E 33 14.27 -8.88 4.32
N SER E 34 14.77 -10.04 3.95
CA SER E 34 14.92 -10.35 2.55
C SER E 34 13.53 -10.46 1.92
N SER E 35 12.60 -11.07 2.65
CA SER E 35 11.24 -11.22 2.15
C SER E 35 10.70 -9.85 1.77
N CYS E 36 10.83 -8.89 2.67
CA CYS E 36 10.37 -7.56 2.39
C CYS E 36 11.15 -6.94 1.25
N SER E 37 12.48 -7.08 1.27
CA SER E 37 13.29 -6.49 0.21
C SER E 37 12.94 -7.01 -1.17
N ILE E 38 12.80 -8.32 -1.33
CA ILE E 38 12.46 -8.85 -2.65
C ILE E 38 11.11 -8.28 -3.05
N ALA E 39 10.21 -8.13 -2.08
CA ALA E 39 8.89 -7.59 -2.33
C ALA E 39 8.99 -6.16 -2.84
N ILE E 40 9.45 -5.26 -1.97
CA ILE E 40 9.62 -3.86 -2.32
C ILE E 40 10.31 -3.69 -3.67
N GLN E 41 11.41 -4.40 -3.87
CA GLN E 41 12.13 -4.29 -5.12
C GLN E 41 11.24 -4.63 -6.31
N MET E 42 10.54 -5.75 -6.24
CA MET E 42 9.66 -6.18 -7.33
C MET E 42 8.56 -5.16 -7.59
N ALA E 43 8.01 -4.62 -6.51
CA ALA E 43 6.93 -3.64 -6.62
C ALA E 43 7.41 -2.35 -7.32
N LEU E 44 8.56 -1.83 -6.91
CA LEU E 44 9.08 -0.60 -7.50
C LEU E 44 9.44 -0.75 -8.95
N SER E 45 9.86 -1.95 -9.34
CA SER E 45 10.28 -2.17 -10.72
C SER E 45 9.19 -2.60 -11.70
N GLN E 46 7.96 -2.73 -11.24
CA GLN E 46 6.83 -3.11 -12.10
C GLN E 46 5.56 -2.45 -11.57
N PRO E 47 5.41 -1.13 -11.78
CA PRO E 47 4.26 -0.34 -11.33
C PRO E 47 2.89 -0.86 -11.75
N ASN E 48 2.82 -1.41 -12.95
CA ASN E 48 1.59 -1.95 -13.51
C ASN E 48 1.02 -3.04 -12.62
N LYS E 49 1.79 -4.10 -12.40
CA LYS E 49 1.34 -5.22 -11.57
C LYS E 49 1.07 -4.87 -10.11
N GLN E 50 0.24 -5.68 -9.45
CA GLN E 50 -0.10 -5.48 -8.05
C GLN E 50 0.50 -6.64 -7.22
N PHE E 51 1.12 -6.32 -6.08
CA PHE E 51 1.79 -7.33 -5.25
C PHE E 51 1.29 -7.58 -3.83
N LEU E 52 1.49 -8.81 -3.37
CA LEU E 52 1.10 -9.22 -2.03
C LEU E 52 2.24 -9.96 -1.30
N LEU E 53 2.56 -9.47 -0.11
CA LEU E 53 3.59 -10.06 0.73
C LEU E 53 2.83 -10.69 1.89
N ILE E 54 2.83 -12.02 1.95
CA ILE E 54 2.09 -12.71 3.00
C ILE E 54 2.99 -13.51 3.93
N SER E 55 2.67 -13.49 5.22
CA SER E 55 3.44 -14.22 6.23
C SER E 55 2.60 -15.09 7.17
N THR E 56 3.07 -16.30 7.41
CA THR E 56 2.42 -17.28 8.27
C THR E 56 2.77 -17.07 9.75
N ASP E 57 3.95 -16.52 9.99
CA ASP E 57 4.43 -16.32 11.36
C ASP E 57 3.46 -15.67 12.34
N PRO E 58 3.30 -16.29 13.52
CA PRO E 58 2.43 -15.84 14.61
C PRO E 58 2.92 -14.57 15.29
N ALA E 59 4.24 -14.39 15.28
CA ALA E 59 4.86 -13.23 15.92
C ALA E 59 4.64 -11.91 15.16
N HIS E 60 3.92 -11.96 14.04
CA HIS E 60 3.65 -10.76 13.24
C HIS E 60 4.91 -9.97 12.96
N ASN E 61 5.78 -10.56 12.13
CA ASN E 61 7.06 -9.98 11.76
C ASN E 61 6.93 -8.84 10.75
N LEU E 62 6.23 -9.09 9.65
CA LEU E 62 6.08 -8.04 8.64
C LEU E 62 5.67 -6.73 9.29
N SER E 63 4.83 -6.82 10.32
CA SER E 63 4.35 -5.65 11.04
C SER E 63 5.51 -4.94 11.72
N ASP E 64 6.40 -5.75 12.29
CA ASP E 64 7.55 -5.21 12.98
C ASP E 64 8.52 -4.59 11.99
N ALA E 65 8.75 -5.30 10.90
CA ALA E 65 9.65 -4.88 9.83
C ALA E 65 9.35 -3.51 9.27
N PHE E 66 8.09 -3.29 8.94
CA PHE E 66 7.64 -2.03 8.35
C PHE E 66 7.28 -0.96 9.37
N GLY E 67 6.88 -1.39 10.57
CA GLY E 67 6.48 -0.44 11.59
C GLY E 67 5.02 -0.06 11.38
N GLU E 68 4.24 -0.98 10.83
CA GLU E 68 2.83 -0.77 10.57
C GLU E 68 2.09 -2.00 11.08
N LYS E 69 0.83 -1.86 11.47
CA LYS E 69 0.06 -3.00 11.96
C LYS E 69 -0.73 -3.70 10.86
N PHE E 70 -0.17 -4.74 10.26
CA PHE E 70 -0.86 -5.48 9.21
C PHE E 70 -1.58 -6.65 9.87
N GLY E 71 -2.82 -6.88 9.48
CA GLY E 71 -3.58 -7.98 10.06
C GLY E 71 -3.98 -9.04 9.06
N LYS E 72 -5.16 -9.65 9.28
CA LYS E 72 -5.68 -10.68 8.39
C LYS E 72 -6.20 -10.01 7.13
N ASP E 73 -6.35 -8.68 7.22
CA ASP E 73 -6.84 -7.86 6.13
C ASP E 73 -5.76 -7.21 5.29
N ALA E 74 -5.54 -7.74 4.10
CA ALA E 74 -4.55 -7.24 3.17
C ALA E 74 -4.59 -5.72 3.02
N ARG E 75 -3.75 -5.02 3.79
CA ARG E 75 -3.67 -3.57 3.71
C ARG E 75 -2.53 -3.26 2.73
N LYS E 76 -2.35 -2.00 2.38
CA LYS E 76 -1.26 -1.64 1.47
C LYS E 76 -0.19 -0.94 2.28
N VAL E 77 1.07 -1.12 1.87
CA VAL E 77 2.16 -0.49 2.59
C VAL E 77 2.10 1.01 2.46
N THR E 78 2.07 1.66 3.61
CA THR E 78 2.04 3.10 3.69
C THR E 78 3.28 3.71 3.04
N GLY E 79 3.14 4.13 1.79
CA GLY E 79 4.27 4.71 1.10
C GLY E 79 4.50 4.00 -0.22
N MET E 80 3.84 2.86 -0.38
CA MET E 80 3.95 2.09 -1.61
C MET E 80 2.70 2.26 -2.44
N ASN E 81 2.55 1.48 -3.50
CA ASN E 81 1.39 1.64 -4.36
C ASN E 81 0.87 0.32 -4.94
N ASN E 82 1.69 -0.73 -4.87
CA ASN E 82 1.29 -2.03 -5.38
C ASN E 82 1.81 -3.15 -4.48
N LEU E 83 2.25 -2.79 -3.29
CA LEU E 83 2.74 -3.78 -2.34
C LEU E 83 1.76 -3.81 -1.18
N SER E 84 1.22 -4.98 -0.91
CA SER E 84 0.26 -5.15 0.14
C SER E 84 0.68 -6.34 1.01
N CYS E 85 0.72 -6.12 2.32
CA CYS E 85 1.12 -7.13 3.28
C CYS E 85 -0.08 -7.78 3.96
N MET E 86 0.04 -9.08 4.22
CA MET E 86 -1.02 -9.82 4.88
C MET E 86 -0.43 -10.85 5.83
N GLU E 87 -0.86 -10.78 7.09
CA GLU E 87 -0.37 -11.70 8.13
C GLU E 87 -1.49 -12.56 8.71
N ILE E 88 -1.43 -13.85 8.46
CA ILE E 88 -2.46 -14.77 8.94
C ILE E 88 -1.86 -15.98 9.65
N ASP E 89 -2.69 -16.62 10.47
CA ASP E 89 -2.26 -17.82 11.21
C ASP E 89 -3.17 -18.97 10.77
N PRO E 90 -2.63 -19.92 9.99
CA PRO E 90 -3.39 -21.09 9.50
C PRO E 90 -3.56 -22.21 10.53
N SER E 91 -2.77 -22.11 11.61
CA SER E 91 -2.78 -23.07 12.71
C SER E 91 -4.10 -22.97 13.50
N ALA E 92 -4.35 -21.79 14.08
CA ALA E 92 -5.57 -21.55 14.85
C ALA E 92 -6.74 -21.33 13.89
N ALA E 93 -6.43 -20.87 12.69
CA ALA E 93 -7.46 -20.64 11.67
C ALA E 93 -8.04 -21.99 11.26
N LEU E 94 -7.17 -22.97 11.06
CA LEU E 94 -7.62 -24.31 10.68
C LEU E 94 -8.10 -25.00 11.96
N LYS E 95 -8.81 -24.23 12.78
CA LYS E 95 -9.38 -24.69 14.04
C LYS E 95 -10.65 -23.86 14.24
N ASP E 96 -11.14 -23.29 13.13
CA ASP E 96 -12.35 -22.47 13.10
C ASP E 96 -13.26 -22.88 11.94
N MET E 97 -12.64 -23.25 10.82
CA MET E 97 -13.40 -23.64 9.63
C MET E 97 -14.00 -25.05 9.71
N ASN E 98 -13.17 -26.03 10.07
CA ASN E 98 -13.66 -27.41 10.18
C ASN E 98 -14.04 -27.72 11.63
N ASP E 99 -13.67 -26.82 12.55
CA ASP E 99 -13.97 -27.01 13.98
C ASP E 99 -15.49 -26.91 14.17
N MET E 100 -16.15 -26.28 13.21
CA MET E 100 -17.60 -26.12 13.24
C MET E 100 -18.25 -27.22 12.37
N ALA E 101 -17.45 -28.21 12.00
CA ALA E 101 -17.91 -29.34 11.17
C ALA E 101 -18.23 -30.58 12.01
N VAL E 102 -18.08 -30.47 13.32
CA VAL E 102 -18.38 -31.56 14.24
C VAL E 102 -19.81 -31.36 14.76
N SER E 103 -20.39 -30.23 14.37
CA SER E 103 -21.77 -29.85 14.74
C SER E 103 -22.63 -29.85 13.48
N ARG E 104 -22.05 -30.31 12.37
CA ARG E 104 -22.73 -30.41 11.07
C ARG E 104 -22.69 -31.87 10.64
N ALA E 105 -21.68 -32.59 11.11
CA ALA E 105 -21.50 -34.00 10.77
C ALA E 105 -22.30 -34.93 11.69
N ASN E 106 -22.91 -34.39 12.73
CA ASN E 106 -23.70 -35.18 13.67
C ASN E 106 -24.94 -34.49 14.20
N ASN E 107 -24.87 -33.17 14.37
CA ASN E 107 -26.00 -32.41 14.89
C ASN E 107 -26.69 -31.52 13.87
N ASN E 108 -27.83 -31.97 13.37
CA ASN E 108 -28.63 -31.25 12.39
C ASN E 108 -29.76 -32.11 11.85
N LEU E 121 -11.30 -28.46 3.96
CA LEU E 121 -12.25 -29.07 3.02
C LEU E 121 -12.50 -30.52 3.43
N GLN E 122 -12.91 -30.70 4.68
CA GLN E 122 -13.21 -32.03 5.21
C GLN E 122 -14.69 -32.13 5.51
N GLY E 123 -15.43 -32.88 4.69
CA GLY E 123 -16.86 -33.03 4.87
C GLY E 123 -17.27 -33.80 6.12
N GLY E 124 -17.16 -33.14 7.26
CA GLY E 124 -17.50 -33.76 8.54
C GLY E 124 -16.31 -33.76 9.48
N ALA E 125 -15.31 -34.59 9.16
CA ALA E 125 -14.09 -34.70 9.96
C ALA E 125 -13.02 -35.46 9.16
N LEU E 126 -11.79 -34.96 9.21
CA LEU E 126 -10.68 -35.58 8.48
C LEU E 126 -9.32 -35.26 9.12
N ALA E 127 -9.20 -35.53 10.43
CA ALA E 127 -7.96 -35.26 11.17
C ALA E 127 -7.36 -36.50 11.88
N ASP E 128 -8.11 -37.59 11.88
CA ASP E 128 -7.70 -38.86 12.52
C ASP E 128 -6.83 -39.69 11.57
N LEU E 129 -6.73 -39.20 10.34
CA LEU E 129 -5.98 -39.78 9.24
C LEU E 129 -4.99 -38.75 8.70
N THR E 130 -4.93 -37.59 9.36
CA THR E 130 -4.02 -36.53 8.98
C THR E 130 -2.64 -36.80 9.57
N GLY E 131 -2.58 -36.96 10.89
CA GLY E 131 -1.32 -37.25 11.54
C GLY E 131 -0.80 -38.61 11.08
N SER E 132 -1.69 -39.42 10.51
CA SER E 132 -1.30 -40.74 10.01
C SER E 132 -0.57 -40.60 8.68
N ILE E 133 -1.06 -39.71 7.82
CA ILE E 133 -0.46 -39.48 6.51
C ILE E 133 0.37 -38.18 6.54
N PRO E 134 1.68 -38.29 6.31
CA PRO E 134 2.60 -37.15 6.30
C PRO E 134 2.41 -36.19 5.14
N GLY E 135 2.07 -34.94 5.45
CA GLY E 135 1.89 -33.96 4.40
C GLY E 135 0.52 -33.33 4.33
N ILE E 136 -0.48 -33.99 4.89
CA ILE E 136 -1.83 -33.45 4.86
C ILE E 136 -1.90 -32.12 5.59
N ASP E 137 -1.70 -32.14 6.90
CA ASP E 137 -1.74 -30.92 7.72
C ASP E 137 -1.25 -29.71 6.95
N GLU E 138 -0.14 -29.88 6.25
CA GLU E 138 0.47 -28.80 5.47
C GLU E 138 -0.43 -28.41 4.30
N ALA E 139 -0.70 -29.35 3.41
CA ALA E 139 -1.56 -29.09 2.26
C ALA E 139 -2.87 -28.42 2.72
N LEU E 140 -3.37 -28.88 3.86
CA LEU E 140 -4.61 -28.32 4.42
C LEU E 140 -4.39 -26.87 4.82
N SER E 141 -3.38 -26.65 5.67
CA SER E 141 -3.06 -25.32 6.15
C SER E 141 -2.74 -24.34 5.02
N PHE E 142 -2.16 -24.85 3.95
CA PHE E 142 -1.81 -23.99 2.81
C PHE E 142 -3.03 -23.53 2.05
N MET E 143 -3.91 -24.46 1.71
CA MET E 143 -5.13 -24.12 0.98
C MET E 143 -5.98 -23.22 1.85
N GLU E 144 -5.81 -23.31 3.16
CA GLU E 144 -6.56 -22.47 4.08
C GLU E 144 -6.09 -21.03 3.83
N VAL E 145 -4.82 -20.89 3.49
CA VAL E 145 -4.24 -19.59 3.20
C VAL E 145 -4.78 -19.12 1.84
N MET E 146 -4.46 -19.87 0.80
CA MET E 146 -4.91 -19.54 -0.56
C MET E 146 -6.35 -19.04 -0.55
N LYS E 147 -7.16 -19.64 0.33
CA LYS E 147 -8.56 -19.30 0.50
C LYS E 147 -8.63 -17.84 0.96
N HIS E 148 -8.06 -17.57 2.13
CA HIS E 148 -8.02 -16.23 2.72
C HIS E 148 -7.56 -15.17 1.72
N ILE E 149 -6.83 -15.60 0.69
CA ILE E 149 -6.31 -14.69 -0.33
C ILE E 149 -7.37 -14.35 -1.39
N LYS E 150 -7.88 -15.38 -2.05
CA LYS E 150 -8.90 -15.17 -3.08
C LYS E 150 -10.10 -14.44 -2.51
N ARG E 151 -10.33 -14.62 -1.20
CA ARG E 151 -11.43 -13.93 -0.52
C ARG E 151 -11.17 -12.43 -0.58
N GLN E 152 -9.94 -12.04 -0.27
CA GLN E 152 -9.55 -10.64 -0.28
C GLN E 152 -9.71 -10.06 -1.69
N GLU E 153 -9.34 -10.86 -2.69
CA GLU E 153 -9.44 -10.44 -4.09
C GLU E 153 -10.89 -10.31 -4.53
N GLN E 154 -11.81 -10.78 -3.68
CA GLN E 154 -13.23 -10.71 -3.97
C GLN E 154 -13.81 -9.46 -3.32
N ASP E 155 -13.74 -9.41 -1.99
CA ASP E 155 -14.26 -8.28 -1.22
C ASP E 155 -13.57 -6.98 -1.62
N GLU E 156 -12.40 -7.12 -2.24
CA GLU E 156 -11.62 -5.96 -2.69
C GLU E 156 -11.67 -5.83 -4.21
N GLY E 157 -12.05 -6.91 -4.89
CA GLY E 157 -12.12 -6.90 -6.34
C GLY E 157 -10.82 -6.40 -6.93
N GLU E 158 -9.71 -6.90 -6.39
CA GLU E 158 -8.37 -6.52 -6.81
C GLU E 158 -7.46 -7.74 -6.95
N THR E 159 -7.18 -8.12 -8.20
CA THR E 159 -6.35 -9.26 -8.53
C THR E 159 -4.84 -9.04 -8.28
N PHE E 160 -4.23 -9.97 -7.55
CA PHE E 160 -2.80 -9.92 -7.25
C PHE E 160 -2.04 -10.71 -8.29
N ASP E 161 -1.13 -10.02 -8.99
CA ASP E 161 -0.34 -10.64 -10.05
C ASP E 161 0.76 -11.55 -9.53
N THR E 162 1.35 -11.18 -8.40
CA THR E 162 2.41 -11.97 -7.80
C THR E 162 2.37 -11.89 -6.29
N VAL E 163 2.55 -13.06 -5.66
CA VAL E 163 2.56 -13.16 -4.22
C VAL E 163 3.90 -13.71 -3.74
N ILE E 164 4.39 -13.12 -2.66
CA ILE E 164 5.67 -13.49 -2.07
C ILE E 164 5.40 -14.16 -0.74
N PHE E 165 5.95 -15.35 -0.53
CA PHE E 165 5.74 -16.07 0.71
C PHE E 165 6.89 -16.03 1.68
N ASP E 166 6.63 -15.47 2.86
CA ASP E 166 7.62 -15.40 3.91
C ASP E 166 7.52 -16.76 4.61
N THR E 167 7.95 -17.81 3.92
CA THR E 167 7.90 -19.18 4.45
C THR E 167 8.14 -19.19 5.94
N ALA E 168 7.40 -20.03 6.66
CA ALA E 168 7.54 -20.13 8.10
C ALA E 168 8.93 -20.59 8.51
N PRO E 169 9.44 -20.04 9.63
CA PRO E 169 10.77 -20.36 10.18
C PRO E 169 11.07 -21.84 10.45
N THR E 170 10.16 -22.50 11.15
CA THR E 170 10.33 -23.92 11.50
C THR E 170 9.25 -24.80 10.91
N GLY E 171 9.62 -26.05 10.64
CA GLY E 171 8.68 -26.98 10.05
C GLY E 171 8.82 -26.89 8.55
N HIS E 172 8.43 -27.94 7.85
CA HIS E 172 8.54 -27.99 6.40
C HIS E 172 7.25 -27.51 5.71
N THR E 173 6.83 -26.31 6.09
CA THR E 173 5.62 -25.68 5.57
C THR E 173 5.13 -26.17 4.20
N LEU E 174 5.99 -26.24 3.19
CA LEU E 174 5.51 -26.72 1.89
C LEU E 174 6.06 -28.08 1.49
N ARG E 175 5.71 -29.09 2.28
CA ARG E 175 6.13 -30.46 2.03
C ARG E 175 5.01 -31.19 1.28
N PHE E 176 3.80 -30.64 1.33
CA PHE E 176 2.65 -31.24 0.67
C PHE E 176 2.87 -31.55 -0.80
N LEU E 177 3.93 -31.01 -1.39
CA LEU E 177 4.20 -31.27 -2.80
C LEU E 177 4.49 -32.76 -3.06
N GLN E 178 4.70 -33.53 -1.99
CA GLN E 178 4.95 -34.96 -2.12
C GLN E 178 3.67 -35.75 -1.90
N LEU E 179 2.68 -35.09 -1.28
CA LEU E 179 1.39 -35.70 -0.98
C LEU E 179 0.84 -36.53 -2.13
N PRO E 180 0.80 -35.98 -3.35
CA PRO E 180 0.29 -36.72 -4.50
C PRO E 180 0.93 -38.11 -4.67
N ASN E 181 2.20 -38.17 -5.07
CA ASN E 181 2.82 -39.48 -5.26
C ASN E 181 3.03 -40.28 -3.97
N THR E 182 2.14 -40.07 -3.01
CA THR E 182 2.15 -40.78 -1.73
C THR E 182 0.72 -41.23 -1.51
N LEU E 183 -0.23 -40.33 -1.75
CA LEU E 183 -1.64 -40.69 -1.64
C LEU E 183 -1.80 -41.73 -2.75
N SER E 184 -1.28 -41.39 -3.93
CA SER E 184 -1.36 -42.26 -5.09
C SER E 184 -1.15 -43.70 -4.63
N LYS E 185 0.04 -44.01 -4.13
CA LYS E 185 0.30 -45.37 -3.67
C LYS E 185 -0.58 -45.87 -2.53
N LEU E 186 -1.35 -44.97 -1.93
CA LEU E 186 -2.26 -45.38 -0.86
C LEU E 186 -3.62 -45.72 -1.45
N LEU E 187 -4.01 -44.98 -2.50
CA LEU E 187 -5.30 -45.22 -3.16
C LEU E 187 -5.09 -46.33 -4.19
N GLU E 188 -3.85 -46.82 -4.24
CA GLU E 188 -3.47 -47.91 -5.13
C GLU E 188 -3.61 -49.15 -4.26
N LYS E 189 -3.47 -48.95 -2.95
CA LYS E 189 -3.58 -50.02 -1.98
C LYS E 189 -5.04 -50.21 -1.55
N PHE E 190 -5.66 -49.14 -1.06
CA PHE E 190 -7.07 -49.20 -0.64
C PHE E 190 -7.93 -49.31 -1.90
N GLY E 191 -7.30 -49.64 -3.01
CA GLY E 191 -7.99 -49.79 -4.28
C GLY E 191 -7.76 -51.16 -4.91
N GLU E 192 -6.55 -51.70 -4.75
CA GLU E 192 -6.23 -53.01 -5.29
C GLU E 192 -6.84 -54.07 -4.40
N ILE E 193 -6.94 -53.77 -3.10
CA ILE E 193 -7.53 -54.68 -2.13
C ILE E 193 -9.06 -54.58 -2.12
N THR E 194 -9.60 -53.65 -2.90
CA THR E 194 -11.05 -53.45 -2.99
C THR E 194 -11.58 -53.80 -4.40
N ASN E 195 -10.66 -54.02 -5.34
CA ASN E 195 -11.04 -54.39 -6.70
C ASN E 195 -11.43 -55.86 -6.69
N LYS E 196 -11.10 -56.55 -5.59
CA LYS E 196 -11.44 -57.96 -5.41
C LYS E 196 -12.46 -58.11 -4.30
N LEU E 197 -13.61 -58.67 -4.66
CA LEU E 197 -14.74 -58.86 -3.74
C LEU E 197 -15.21 -57.48 -3.34
N GLY E 198 -15.28 -56.61 -4.34
CA GLY E 198 -15.72 -55.23 -4.11
C GLY E 198 -17.21 -55.06 -4.32
N PRO E 199 -17.78 -55.61 -5.40
CA PRO E 199 -19.22 -55.44 -5.60
C PRO E 199 -20.06 -55.54 -4.31
N MET E 200 -19.91 -56.65 -3.59
CA MET E 200 -20.68 -56.88 -2.37
C MET E 200 -20.04 -56.38 -1.06
N LEU E 201 -19.03 -57.09 -0.56
CA LEU E 201 -18.38 -56.71 0.69
C LEU E 201 -17.81 -55.28 0.74
N ASN E 202 -17.31 -54.78 -0.38
CA ASN E 202 -16.77 -53.43 -0.43
C ASN E 202 -17.93 -52.46 -0.15
N SER E 203 -19.14 -52.92 -0.46
CA SER E 203 -20.35 -52.15 -0.26
C SER E 203 -20.84 -52.05 1.19
N PHE E 204 -20.72 -53.14 1.93
CA PHE E 204 -21.20 -53.18 3.31
C PHE E 204 -20.28 -52.66 4.41
N MET E 205 -19.04 -52.34 4.05
CA MET E 205 -18.10 -51.87 5.04
C MET E 205 -18.05 -50.36 5.22
N GLY E 206 -18.27 -49.92 6.46
CA GLY E 206 -18.25 -48.50 6.79
C GLY E 206 -19.34 -47.67 6.17
N ALA E 207 -20.30 -47.24 6.98
CA ALA E 207 -21.42 -46.43 6.48
C ALA E 207 -20.98 -45.00 6.10
N GLY E 208 -20.70 -44.16 7.09
CA GLY E 208 -20.27 -42.80 6.81
C GLY E 208 -18.78 -42.71 6.54
N ASN E 209 -18.08 -43.84 6.64
CA ASN E 209 -16.65 -43.92 6.41
C ASN E 209 -16.26 -43.96 4.94
N VAL E 210 -17.04 -44.68 4.14
CA VAL E 210 -16.76 -44.76 2.72
C VAL E 210 -16.72 -43.34 2.16
N ASP E 211 -17.21 -42.41 2.98
CA ASP E 211 -17.24 -40.99 2.64
C ASP E 211 -15.82 -40.42 2.77
N ILE E 212 -15.15 -40.80 3.85
CA ILE E 212 -13.78 -40.34 4.13
C ILE E 212 -12.76 -41.02 3.21
N SER E 213 -13.02 -42.27 2.83
CA SER E 213 -12.13 -43.06 1.98
C SER E 213 -11.93 -42.53 0.56
N GLY E 214 -13.01 -42.08 -0.08
CA GLY E 214 -12.90 -41.57 -1.43
C GLY E 214 -12.62 -40.08 -1.45
N LYS E 215 -12.88 -39.41 -0.32
CA LYS E 215 -12.67 -37.97 -0.19
C LYS E 215 -11.20 -37.60 -0.14
N LEU E 216 -10.37 -38.48 0.44
CA LEU E 216 -8.94 -38.23 0.48
C LEU E 216 -8.44 -38.52 -0.92
N ASN E 217 -9.11 -37.90 -1.89
CA ASN E 217 -8.77 -37.99 -3.30
C ASN E 217 -9.13 -36.64 -3.87
N GLU E 218 -9.88 -35.87 -3.08
CA GLU E 218 -10.28 -34.52 -3.47
C GLU E 218 -9.08 -33.64 -3.14
N LEU E 219 -8.08 -34.27 -2.52
CA LEU E 219 -6.83 -33.63 -2.14
C LEU E 219 -5.89 -33.84 -3.31
N LYS E 220 -5.56 -35.11 -3.59
CA LYS E 220 -4.66 -35.43 -4.71
C LYS E 220 -5.16 -34.80 -6.02
N ALA E 221 -6.33 -34.18 -5.95
CA ALA E 221 -6.93 -33.50 -7.09
C ALA E 221 -6.55 -32.04 -6.95
N ASN E 222 -6.81 -31.47 -5.76
CA ASN E 222 -6.48 -30.07 -5.45
C ASN E 222 -4.98 -29.89 -5.28
N VAL E 223 -4.43 -30.51 -4.24
CA VAL E 223 -3.00 -30.43 -3.98
C VAL E 223 -2.24 -31.09 -5.14
N GLU E 224 -2.65 -30.77 -6.36
CA GLU E 224 -2.01 -31.30 -7.55
C GLU E 224 -2.07 -30.27 -8.68
N THR E 225 -3.08 -29.41 -8.67
CA THR E 225 -3.17 -28.35 -9.68
C THR E 225 -2.30 -27.24 -9.11
N ILE E 226 -1.99 -27.35 -7.82
CA ILE E 226 -1.13 -26.41 -7.11
C ILE E 226 0.29 -26.81 -7.47
N ARG E 227 0.60 -28.10 -7.30
CA ARG E 227 1.91 -28.62 -7.62
C ARG E 227 2.19 -28.58 -9.12
N GLN E 228 1.35 -27.86 -9.86
CA GLN E 228 1.56 -27.74 -11.30
C GLN E 228 1.85 -26.26 -11.54
N GLN E 229 1.99 -25.56 -10.42
CA GLN E 229 2.28 -24.13 -10.37
C GLN E 229 3.62 -24.05 -9.66
N PHE E 230 3.58 -24.43 -8.38
CA PHE E 230 4.74 -24.45 -7.52
C PHE E 230 5.70 -25.50 -8.04
N THR E 231 5.84 -25.54 -9.35
CA THR E 231 6.74 -26.49 -9.98
C THR E 231 7.22 -25.93 -11.29
N ASP E 232 6.70 -24.77 -11.66
CA ASP E 232 7.12 -24.18 -12.91
C ASP E 232 8.21 -23.11 -12.75
N PRO E 233 9.41 -23.39 -13.30
CA PRO E 233 10.58 -22.54 -13.29
C PRO E 233 10.31 -21.12 -13.82
N ASP E 234 9.12 -20.94 -14.38
CA ASP E 234 8.72 -19.66 -14.93
C ASP E 234 7.50 -19.09 -14.23
N LEU E 235 6.94 -19.81 -13.27
CA LEU E 235 5.81 -19.28 -12.53
C LEU E 235 6.13 -19.11 -11.05
N THR E 236 7.00 -19.98 -10.54
CA THR E 236 7.37 -19.94 -9.14
C THR E 236 8.84 -20.33 -8.92
N THR E 237 9.45 -19.72 -7.91
CA THR E 237 10.84 -19.99 -7.58
C THR E 237 11.04 -19.73 -6.08
N PHE E 238 12.13 -20.26 -5.54
CA PHE E 238 12.43 -20.12 -4.12
C PHE E 238 13.77 -19.41 -3.98
N VAL E 239 13.88 -18.53 -2.98
CA VAL E 239 15.14 -17.82 -2.73
C VAL E 239 15.53 -18.13 -1.29
N CYS E 240 16.74 -18.66 -1.13
CA CYS E 240 17.23 -19.02 0.18
C CYS E 240 18.05 -17.92 0.80
N VAL E 241 17.79 -17.67 2.08
CA VAL E 241 18.52 -16.65 2.82
C VAL E 241 19.44 -17.42 3.73
N CYS E 242 20.67 -16.95 3.87
CA CYS E 242 21.61 -17.63 4.75
C CYS E 242 22.68 -16.66 5.15
N ILE E 243 23.31 -16.94 6.29
CA ILE E 243 24.39 -16.14 6.83
C ILE E 243 25.60 -16.95 6.36
N SER E 244 26.78 -16.34 6.26
CA SER E 244 27.96 -17.07 5.79
C SER E 244 28.81 -17.76 6.85
N GLU E 245 28.24 -18.74 7.52
CA GLU E 245 28.94 -19.48 8.57
C GLU E 245 28.63 -20.93 8.27
N PHE E 246 29.29 -21.87 8.94
CA PHE E 246 29.05 -23.27 8.63
C PHE E 246 27.66 -23.78 8.91
N LEU E 247 27.26 -23.77 10.18
CA LEU E 247 25.93 -24.26 10.53
C LEU E 247 24.81 -23.74 9.61
N SER E 248 25.02 -22.59 8.98
CA SER E 248 23.98 -22.06 8.12
C SER E 248 24.14 -22.51 6.68
N LEU E 249 25.35 -22.51 6.15
CA LEU E 249 25.55 -22.95 4.79
C LEU E 249 25.12 -24.40 4.69
N TYR E 250 25.10 -25.07 5.83
CA TYR E 250 24.69 -26.47 5.91
C TYR E 250 23.18 -26.49 5.81
N GLU E 251 22.53 -25.97 6.85
CA GLU E 251 21.08 -25.92 6.88
C GLU E 251 20.49 -25.52 5.54
N THR E 252 21.13 -24.62 4.81
CA THR E 252 20.56 -24.21 3.54
C THR E 252 20.88 -25.22 2.44
N GLU E 253 22.03 -25.86 2.51
CA GLU E 253 22.36 -26.88 1.51
C GLU E 253 21.29 -27.97 1.68
N ARG E 254 20.91 -28.21 2.92
CA ARG E 254 19.89 -29.18 3.21
C ARG E 254 18.62 -28.71 2.52
N LEU E 255 18.21 -27.49 2.83
CA LEU E 255 16.99 -26.90 2.26
C LEU E 255 16.96 -27.02 0.74
N ILE E 256 18.05 -26.61 0.09
CA ILE E 256 18.10 -26.68 -1.36
C ILE E 256 17.81 -28.11 -1.81
N GLN E 257 18.24 -29.09 -1.03
CA GLN E 257 17.99 -30.48 -1.37
C GLN E 257 16.51 -30.78 -1.19
N GLU E 258 15.96 -30.39 -0.05
CA GLU E 258 14.55 -30.61 0.23
C GLU E 258 13.71 -30.01 -0.90
N LEU E 259 14.11 -28.87 -1.42
CA LEU E 259 13.34 -28.24 -2.49
C LEU E 259 13.56 -28.98 -3.80
N ILE E 260 14.80 -29.37 -4.10
CA ILE E 260 15.05 -30.09 -5.34
C ILE E 260 14.19 -31.34 -5.40
N SER E 261 14.04 -32.01 -4.26
CA SER E 261 13.22 -33.21 -4.21
C SER E 261 11.79 -32.87 -4.59
N TYR E 262 11.22 -31.82 -4.00
CA TYR E 262 9.85 -31.43 -4.32
C TYR E 262 9.70 -30.98 -5.77
N ASP E 263 10.82 -30.92 -6.49
CA ASP E 263 10.84 -30.47 -7.88
C ASP E 263 10.46 -29.01 -8.03
N MET E 264 10.76 -28.24 -6.98
CA MET E 264 10.52 -26.80 -6.93
C MET E 264 11.80 -26.17 -7.48
N ASP E 265 11.72 -24.91 -7.89
CA ASP E 265 12.91 -24.28 -8.44
C ASP E 265 13.72 -23.43 -7.47
N VAL E 266 14.97 -23.86 -7.26
CA VAL E 266 15.90 -23.14 -6.37
C VAL E 266 17.04 -22.69 -7.24
N ASN E 267 17.17 -21.38 -7.37
CA ASN E 267 18.20 -20.83 -8.21
C ASN E 267 19.01 -19.69 -7.59
N SER E 268 18.50 -19.12 -6.51
CA SER E 268 19.19 -18.01 -5.90
C SER E 268 19.28 -18.07 -4.39
N ILE E 269 20.45 -17.72 -3.88
CA ILE E 269 20.68 -17.69 -2.45
C ILE E 269 21.23 -16.32 -2.10
N ILE E 270 20.63 -15.65 -1.12
CA ILE E 270 21.14 -14.34 -0.74
C ILE E 270 21.90 -14.51 0.57
N VAL E 271 23.22 -14.28 0.52
CA VAL E 271 24.09 -14.42 1.68
C VAL E 271 24.09 -13.11 2.45
N ASN E 272 23.38 -13.08 3.55
CA ASN E 272 23.19 -11.88 4.36
C ASN E 272 24.19 -11.64 5.49
N GLN E 273 24.18 -10.41 6.01
CA GLN E 273 25.04 -9.99 7.11
C GLN E 273 26.53 -10.08 6.89
N LEU E 274 26.97 -9.92 5.65
CA LEU E 274 28.38 -9.95 5.29
C LEU E 274 28.95 -8.62 5.72
N LEU E 275 29.92 -8.61 6.63
CA LEU E 275 30.51 -7.32 7.04
C LEU E 275 31.86 -7.26 6.35
N PHE E 276 31.98 -6.40 5.35
CA PHE E 276 33.23 -6.34 4.62
C PHE E 276 34.23 -5.43 5.33
N ALA E 277 34.44 -5.69 6.61
CA ALA E 277 35.35 -4.94 7.49
C ALA E 277 36.54 -4.14 6.92
N GLU E 278 37.25 -4.70 5.95
CA GLU E 278 38.41 -4.00 5.36
C GLU E 278 38.03 -2.65 4.75
N ASN E 279 36.82 -2.57 4.19
CA ASN E 279 36.29 -1.37 3.54
C ASN E 279 35.71 -0.30 4.48
N ASP E 280 35.66 -0.59 5.78
CA ASP E 280 35.12 0.35 6.76
C ASP E 280 36.15 1.40 7.18
N GLN E 281 35.73 2.36 8.02
CA GLN E 281 36.61 3.43 8.51
C GLN E 281 37.84 2.84 9.22
N GLU E 282 38.69 3.69 9.79
CA GLU E 282 39.89 3.19 10.47
C GLU E 282 39.58 1.93 11.27
N HIS E 283 40.21 0.83 10.86
CA HIS E 283 40.05 -0.49 11.45
C HIS E 283 40.02 -0.55 12.99
N ASN E 284 38.87 -0.92 13.53
CA ASN E 284 38.67 -1.05 14.98
C ASN E 284 38.26 -2.50 15.29
N CYS E 285 38.46 -2.93 16.53
CA CYS E 285 38.12 -4.30 16.95
C CYS E 285 38.70 -5.31 15.95
N LYS E 286 39.97 -5.66 16.14
CA LYS E 286 40.64 -6.60 15.27
C LYS E 286 39.92 -7.94 15.16
N ARG E 287 39.34 -8.39 16.28
CA ARG E 287 38.59 -9.66 16.35
C ARG E 287 37.38 -9.64 15.39
N CYS E 288 36.82 -8.45 15.21
CA CYS E 288 35.66 -8.27 14.36
C CYS E 288 36.09 -8.07 12.91
N GLN E 289 37.35 -8.40 12.66
CA GLN E 289 37.97 -8.32 11.34
C GLN E 289 38.44 -9.75 11.08
N ALA E 290 38.42 -10.50 12.16
CA ALA E 290 38.78 -11.91 12.18
C ALA E 290 37.62 -12.71 11.59
N ARG E 291 36.40 -12.23 11.84
CA ARG E 291 35.20 -12.90 11.32
C ARG E 291 35.14 -12.78 9.82
N TRP E 292 35.35 -11.57 9.31
CA TRP E 292 35.31 -11.35 7.88
C TRP E 292 36.19 -12.39 7.20
N LYS E 293 37.37 -12.61 7.77
CA LYS E 293 38.32 -13.58 7.25
C LYS E 293 37.63 -14.91 7.01
N MET E 294 36.84 -15.34 8.00
CA MET E 294 36.15 -16.60 7.91
C MET E 294 35.02 -16.57 6.88
N GLN E 295 34.20 -15.52 6.94
CA GLN E 295 33.11 -15.40 5.99
C GLN E 295 33.65 -15.49 4.58
N LYS E 296 34.68 -14.70 4.30
CA LYS E 296 35.30 -14.67 2.98
C LYS E 296 35.61 -16.08 2.56
N LYS E 297 36.17 -16.85 3.47
CA LYS E 297 36.53 -18.21 3.19
C LYS E 297 35.34 -19.01 2.66
N TYR E 298 34.23 -18.96 3.36
CA TYR E 298 33.07 -19.71 2.91
C TYR E 298 32.39 -19.13 1.67
N LEU E 299 32.44 -17.81 1.48
CA LEU E 299 31.85 -17.21 0.28
C LEU E 299 32.45 -17.89 -0.93
N ASP E 300 33.77 -17.95 -0.95
CA ASP E 300 34.49 -18.56 -2.04
C ASP E 300 34.04 -19.98 -2.26
N GLN E 301 33.76 -20.67 -1.18
CA GLN E 301 33.28 -22.04 -1.24
C GLN E 301 31.87 -22.08 -1.83
N ILE E 302 31.00 -21.20 -1.38
CA ILE E 302 29.62 -21.13 -1.87
C ILE E 302 29.65 -20.92 -3.37
N ASP E 303 30.48 -19.97 -3.79
CA ASP E 303 30.61 -19.64 -5.21
C ASP E 303 31.01 -20.88 -5.99
N GLU E 304 31.92 -21.64 -5.43
CA GLU E 304 32.41 -22.86 -6.06
C GLU E 304 31.34 -23.95 -6.06
N LEU E 305 30.61 -24.05 -4.95
CA LEU E 305 29.58 -25.06 -4.83
C LEU E 305 28.37 -24.82 -5.73
N TYR E 306 27.93 -23.57 -5.83
CA TYR E 306 26.79 -23.21 -6.67
C TYR E 306 27.20 -22.24 -7.79
N GLU E 307 27.76 -22.76 -8.88
CA GLU E 307 28.20 -21.91 -9.98
C GLU E 307 27.05 -21.40 -10.82
N ASP E 308 26.01 -22.21 -10.90
CA ASP E 308 24.81 -21.93 -11.70
C ASP E 308 23.79 -21.08 -10.93
N PHE E 309 24.09 -20.80 -9.67
CA PHE E 309 23.20 -20.04 -8.79
C PHE E 309 23.46 -18.53 -8.76
N HIS E 310 22.44 -17.78 -8.36
CA HIS E 310 22.57 -16.35 -8.21
C HIS E 310 22.95 -16.15 -6.75
N VAL E 311 24.24 -16.01 -6.48
CA VAL E 311 24.69 -15.81 -5.11
C VAL E 311 24.75 -14.33 -4.81
N VAL E 312 23.79 -13.84 -4.02
CA VAL E 312 23.71 -12.41 -3.69
C VAL E 312 24.33 -12.01 -2.36
N LYS E 313 25.38 -11.20 -2.40
CA LYS E 313 26.03 -10.75 -1.17
C LYS E 313 25.41 -9.47 -0.63
N MET E 314 24.94 -9.53 0.61
CA MET E 314 24.33 -8.37 1.25
C MET E 314 25.21 -7.97 2.43
N PRO E 315 25.44 -6.67 2.60
CA PRO E 315 26.27 -6.08 3.65
C PRO E 315 25.56 -6.02 4.98
N LEU E 316 26.32 -6.04 6.06
CA LEU E 316 25.78 -5.96 7.40
C LEU E 316 25.78 -4.50 7.81
N CYS E 317 24.59 -3.93 7.97
CA CYS E 317 24.42 -2.54 8.33
C CYS E 317 24.49 -2.34 9.84
N ALA E 318 24.84 -1.12 10.26
CA ALA E 318 24.94 -0.81 11.68
C ALA E 318 23.55 -0.69 12.27
N GLY E 319 23.12 -1.70 13.02
CA GLY E 319 21.80 -1.65 13.63
C GLY E 319 20.63 -1.94 12.72
N GLU E 320 19.48 -2.22 13.33
CA GLU E 320 18.28 -2.57 12.57
C GLU E 320 18.03 -1.89 11.24
N ILE E 321 17.26 -2.60 10.42
CA ILE E 321 16.85 -2.15 9.10
C ILE E 321 15.35 -2.29 9.17
N ARG E 322 14.71 -1.28 9.75
CA ARG E 322 13.27 -1.29 9.92
C ARG E 322 12.62 -0.14 9.16
N GLY E 323 11.38 -0.33 8.76
CA GLY E 323 10.66 0.72 8.05
C GLY E 323 11.05 0.96 6.62
N LEU E 324 10.03 1.12 5.76
CA LEU E 324 10.19 1.35 4.33
C LEU E 324 11.38 2.17 3.84
N ASN E 325 11.63 3.31 4.47
CA ASN E 325 12.73 4.15 4.01
C ASN E 325 14.08 3.47 4.04
N ASN E 326 14.23 2.49 4.92
CA ASN E 326 15.49 1.75 5.03
C ASN E 326 15.39 0.42 4.28
N LEU E 327 14.28 -0.29 4.47
CA LEU E 327 14.10 -1.56 3.79
C LEU E 327 14.34 -1.31 2.31
N THR E 328 13.88 -0.16 1.83
CA THR E 328 14.06 0.18 0.43
C THR E 328 15.55 0.38 0.17
N LYS E 329 16.14 1.35 0.84
CA LYS E 329 17.57 1.63 0.67
C LYS E 329 18.43 0.36 0.68
N PHE E 330 18.14 -0.53 1.62
CA PHE E 330 18.91 -1.79 1.74
C PHE E 330 18.58 -2.74 0.61
N SER E 331 17.31 -2.81 0.27
CA SER E 331 16.84 -3.73 -0.76
C SER E 331 17.38 -3.52 -2.15
N GLN E 332 17.86 -2.33 -2.46
CA GLN E 332 18.35 -2.10 -3.81
C GLN E 332 19.58 -2.91 -4.13
N PHE E 333 20.24 -3.43 -3.10
CA PHE E 333 21.45 -4.22 -3.32
C PHE E 333 21.12 -5.68 -3.70
N LEU E 334 19.86 -5.91 -4.05
CA LEU E 334 19.40 -7.22 -4.48
C LEU E 334 19.31 -7.12 -5.99
N ASN E 335 19.30 -5.87 -6.45
CA ASN E 335 19.21 -5.58 -7.88
C ASN E 335 20.60 -5.33 -8.42
N LYS E 336 21.17 -4.20 -8.07
CA LYS E 336 22.51 -3.88 -8.50
C LYS E 336 23.34 -4.32 -7.30
N GLU E 337 24.22 -5.29 -7.53
CA GLU E 337 25.06 -5.82 -6.47
C GLU E 337 25.83 -4.76 -5.69
N TYR E 338 25.85 -4.93 -4.37
CA TYR E 338 26.53 -4.03 -3.47
C TYR E 338 28.04 -4.02 -3.68
N ASN E 339 28.61 -2.82 -3.80
CA ASN E 339 30.04 -2.66 -3.96
C ASN E 339 30.54 -1.98 -2.69
N PRO E 340 31.32 -2.71 -1.87
CA PRO E 340 31.88 -2.25 -0.61
C PRO E 340 32.63 -0.93 -0.68
N ILE E 341 33.26 -0.66 -1.81
CA ILE E 341 34.00 0.59 -1.99
C ILE E 341 33.02 1.76 -2.14
N THR E 342 32.39 1.85 -3.29
CA THR E 342 31.42 2.90 -3.61
C THR E 342 30.28 3.04 -2.60
N ASP E 343 29.50 1.97 -2.49
CA ASP E 343 28.33 1.93 -1.63
C ASP E 343 28.59 1.92 -0.12
N GLY E 344 29.85 1.94 0.27
CA GLY E 344 30.18 1.91 1.69
C GLY E 344 29.37 2.85 2.58
N LYS E 345 29.04 4.03 2.06
CA LYS E 345 28.29 5.01 2.83
C LYS E 345 26.84 4.59 3.08
N VAL E 346 26.15 4.29 2.00
CA VAL E 346 24.73 3.88 2.01
C VAL E 346 24.34 2.86 3.11
N ILE E 347 25.32 2.20 3.71
CA ILE E 347 25.00 1.23 4.76
C ILE E 347 25.15 1.87 6.13
N TYR E 348 25.32 3.18 6.14
CA TYR E 348 25.45 3.93 7.39
C TYR E 348 24.39 5.02 7.50
N GLU E 349 23.50 5.07 6.53
CA GLU E 349 22.40 6.04 6.53
C GLU E 349 21.26 5.42 7.34
N LEU E 350 21.46 4.22 7.87
CA LEU E 350 20.41 3.64 8.69
C LEU E 350 20.92 3.42 10.10
N GLU E 351 21.64 4.44 10.61
CA GLU E 351 22.25 4.46 11.96
C GLU E 351 23.70 3.97 11.95
N ILE F 9 19.72 -67.41 -17.08
CA ILE F 9 19.59 -65.94 -16.83
C ILE F 9 19.68 -65.59 -15.33
N SER F 10 19.09 -66.45 -14.49
CA SER F 10 19.07 -66.25 -13.04
C SER F 10 20.46 -66.34 -12.40
N LYS F 11 21.38 -67.01 -13.07
CA LYS F 11 22.76 -67.15 -12.59
C LYS F 11 23.52 -65.86 -12.92
N PHE F 12 23.21 -65.27 -14.07
CA PHE F 12 23.83 -64.04 -14.56
C PHE F 12 23.17 -62.83 -13.91
N ALA F 13 21.84 -62.79 -13.97
CA ALA F 13 21.07 -61.69 -13.37
C ALA F 13 21.16 -61.81 -11.84
N PRO F 14 20.25 -62.56 -11.16
CA PRO F 14 20.45 -62.59 -9.70
C PRO F 14 21.69 -63.38 -9.28
N GLY F 15 22.83 -62.70 -9.33
CA GLY F 15 24.08 -63.31 -8.96
C GLY F 15 25.24 -62.45 -9.42
N ASN F 16 25.62 -62.58 -10.69
CA ASN F 16 26.74 -61.77 -11.20
C ASN F 16 26.47 -60.26 -11.24
N GLU F 17 25.20 -59.86 -11.14
CA GLU F 17 24.85 -58.44 -11.15
C GLU F 17 24.59 -57.97 -9.71
N LEU F 18 23.57 -58.54 -9.10
CA LEU F 18 23.25 -58.27 -7.69
C LEU F 18 24.48 -58.51 -6.83
N SER F 19 25.60 -58.85 -7.46
CA SER F 19 26.85 -59.07 -6.75
C SER F 19 27.89 -58.05 -7.17
N LYS F 20 28.22 -58.03 -8.46
CA LYS F 20 29.22 -57.08 -8.96
C LYS F 20 28.77 -55.63 -8.79
N LYS F 21 27.46 -55.41 -8.64
CA LYS F 21 26.94 -54.05 -8.45
C LYS F 21 26.84 -53.72 -6.96
N TYR F 22 26.05 -54.51 -6.23
CA TYR F 22 25.87 -54.30 -4.79
C TYR F 22 27.21 -54.24 -4.06
N LEU F 23 28.29 -54.54 -4.77
CA LEU F 23 29.63 -54.48 -4.17
C LEU F 23 30.39 -53.27 -4.67
N ALA F 24 30.50 -53.14 -6.00
CA ALA F 24 31.20 -52.00 -6.59
C ALA F 24 30.74 -50.70 -5.91
N LYS F 25 29.42 -50.57 -5.73
CA LYS F 25 28.84 -49.39 -5.10
C LYS F 25 29.12 -49.37 -3.59
N VAL F 26 28.49 -50.28 -2.84
CA VAL F 26 28.70 -50.34 -1.40
C VAL F 26 30.18 -50.25 -1.05
N LYS F 27 31.04 -50.63 -1.99
CA LYS F 27 32.47 -50.57 -1.77
C LYS F 27 32.99 -49.17 -2.09
N GLU F 28 32.59 -48.62 -3.24
CA GLU F 28 33.05 -47.27 -3.62
C GLU F 28 32.55 -46.25 -2.60
N ARG F 29 31.30 -46.41 -2.17
CA ARG F 29 30.72 -45.51 -1.18
C ARG F 29 31.57 -45.54 0.07
N HIS F 30 31.89 -46.75 0.49
CA HIS F 30 32.70 -46.96 1.67
C HIS F 30 34.13 -46.47 1.43
N GLU F 31 34.48 -46.25 0.16
CA GLU F 31 35.81 -45.77 -0.19
C GLU F 31 35.80 -44.25 -0.19
N LEU F 32 34.64 -43.68 -0.46
CA LEU F 32 34.49 -42.24 -0.49
C LEU F 32 34.31 -41.74 0.93
N LYS F 33 33.39 -42.37 1.65
CA LYS F 33 33.10 -42.01 3.03
C LYS F 33 34.38 -41.89 3.83
N GLU F 34 35.35 -42.74 3.54
CA GLU F 34 36.62 -42.67 4.26
C GLU F 34 37.49 -41.54 3.74
N PHE F 35 37.23 -41.11 2.51
CA PHE F 35 37.99 -40.01 1.93
C PHE F 35 37.42 -38.67 2.38
N ASN F 36 36.12 -38.63 2.63
CA ASN F 36 35.47 -37.41 3.07
C ASN F 36 35.92 -37.04 4.47
N ASN F 37 36.18 -38.05 5.31
CA ASN F 37 36.62 -37.81 6.67
C ASN F 37 38.11 -37.53 6.72
N SER F 38 38.63 -36.89 5.68
CA SER F 38 40.06 -36.57 5.63
C SER F 38 40.25 -35.13 5.16
N ILE F 39 39.15 -34.40 5.02
CA ILE F 39 39.21 -33.01 4.59
C ILE F 39 38.36 -32.17 5.54
N SER F 40 38.73 -30.90 5.69
CA SER F 40 38.00 -30.01 6.57
C SER F 40 36.70 -29.56 5.95
N ALA F 41 35.60 -30.01 6.52
CA ALA F 41 34.30 -29.63 6.02
C ALA F 41 34.22 -28.12 6.14
N GLN F 42 35.24 -27.54 6.77
CA GLN F 42 35.29 -26.10 6.94
C GLN F 42 36.17 -25.42 5.90
N ASP F 43 37.37 -25.96 5.69
CA ASP F 43 38.29 -25.36 4.72
C ASP F 43 38.00 -25.77 3.29
N ASN F 44 37.28 -26.88 3.14
CA ASN F 44 36.94 -27.39 1.82
C ASN F 44 35.44 -27.62 1.71
N TYR F 45 34.66 -26.76 2.35
CA TYR F 45 33.21 -26.89 2.34
C TYR F 45 32.79 -27.30 0.94
N ALA F 46 33.44 -26.68 -0.03
CA ALA F 46 33.22 -26.93 -1.45
C ALA F 46 33.11 -28.42 -1.72
N LYS F 47 34.28 -29.05 -1.83
CA LYS F 47 34.41 -30.49 -2.09
C LYS F 47 33.56 -31.28 -1.13
N TRP F 48 33.81 -31.10 0.16
CA TRP F 48 33.07 -31.80 1.20
C TRP F 48 31.60 -31.97 0.87
N THR F 49 30.91 -30.86 0.59
CA THR F 49 29.48 -30.92 0.29
C THR F 49 29.21 -31.66 -1.01
N LYS F 50 30.16 -31.60 -1.94
CA LYS F 50 30.02 -32.30 -3.22
C LYS F 50 29.97 -33.78 -2.88
N ASN F 51 31.06 -34.25 -2.28
CA ASN F 51 31.18 -35.65 -1.89
C ASN F 51 29.95 -36.13 -1.13
N ASN F 52 29.45 -35.31 -0.22
CA ASN F 52 28.26 -35.74 0.50
C ASN F 52 27.11 -35.99 -0.45
N ARG F 53 26.86 -35.03 -1.34
CA ARG F 53 25.78 -35.16 -2.32
C ARG F 53 25.89 -36.51 -3.02
N LYS F 54 27.11 -36.87 -3.36
CA LYS F 54 27.37 -38.14 -4.04
C LYS F 54 26.94 -39.28 -3.10
N LEU F 55 27.54 -39.34 -1.92
CA LEU F 55 27.21 -40.38 -0.95
C LEU F 55 25.72 -40.46 -0.67
N ASP F 56 24.97 -39.42 -1.05
CA ASP F 56 23.53 -39.42 -0.82
C ASP F 56 22.80 -40.13 -1.95
N SER F 57 23.48 -40.29 -3.08
CA SER F 57 22.89 -40.97 -4.23
C SER F 57 23.18 -42.45 -4.04
N LEU F 58 24.46 -42.78 -3.89
CA LEU F 58 24.87 -44.17 -3.71
C LEU F 58 24.07 -44.77 -2.57
N ASP F 59 23.68 -43.94 -1.62
CA ASP F 59 22.88 -44.42 -0.49
C ASP F 59 21.49 -44.84 -0.97
N LYS F 60 21.05 -44.27 -2.09
CA LYS F 60 19.75 -44.62 -2.62
C LYS F 60 19.83 -45.74 -3.64
N GLU F 61 20.82 -45.68 -4.53
CA GLU F 61 20.98 -46.72 -5.55
C GLU F 61 21.63 -48.00 -5.01
N ILE F 62 21.74 -48.08 -3.69
CA ILE F 62 22.28 -49.25 -3.03
C ILE F 62 21.12 -49.74 -2.21
N ASN F 63 20.14 -48.86 -2.05
CA ASN F 63 18.94 -49.20 -1.31
C ASN F 63 17.90 -49.57 -2.35
N ASN F 64 18.30 -49.51 -3.62
CA ASN F 64 17.44 -49.90 -4.73
C ASN F 64 17.82 -51.31 -5.13
N LEU F 65 19.13 -51.56 -5.20
CA LEU F 65 19.63 -52.88 -5.53
C LEU F 65 19.32 -53.83 -4.38
N LYS F 66 18.79 -53.27 -3.29
CA LYS F 66 18.42 -54.06 -2.11
C LYS F 66 17.00 -54.56 -2.34
N ASP F 67 16.26 -53.87 -3.20
CA ASP F 67 14.89 -54.25 -3.51
C ASP F 67 14.85 -54.98 -4.84
N GLU F 68 15.86 -54.73 -5.68
CA GLU F 68 15.98 -55.40 -6.98
C GLU F 68 16.42 -56.83 -6.73
N ILE F 69 17.21 -56.98 -5.68
CA ILE F 69 17.74 -58.27 -5.27
C ILE F 69 16.72 -58.93 -4.34
N GLN F 70 15.69 -58.17 -3.99
CA GLN F 70 14.63 -58.62 -3.09
C GLN F 70 13.25 -58.83 -3.73
N SER F 71 12.79 -57.87 -4.53
CA SER F 71 11.48 -57.99 -5.18
C SER F 71 11.58 -58.96 -6.35
N GLU F 72 12.42 -59.98 -6.17
CA GLU F 72 12.66 -61.02 -7.17
C GLU F 72 12.56 -62.41 -6.50
N ASN F 73 12.61 -62.43 -5.17
CA ASN F 73 12.54 -63.66 -4.39
C ASN F 73 11.17 -63.85 -3.73
N LYS F 74 10.16 -63.20 -4.29
CA LYS F 74 8.78 -63.32 -3.78
C LYS F 74 7.76 -63.35 -4.92
N ALA F 75 8.22 -63.72 -6.12
CA ALA F 75 7.34 -63.77 -7.30
C ALA F 75 8.12 -64.12 -8.56
N VAL G 5 23.20 -24.99 40.58
CA VAL G 5 24.48 -25.60 40.10
C VAL G 5 25.52 -24.50 39.89
N GLU G 6 26.80 -24.90 39.76
CA GLU G 6 27.89 -23.95 39.56
C GLU G 6 28.08 -23.59 38.08
N PRO G 7 28.36 -22.30 37.76
CA PRO G 7 28.56 -21.91 36.35
C PRO G 7 30.00 -22.04 35.87
N ASN G 8 30.63 -23.18 36.13
CA ASN G 8 32.01 -23.42 35.73
C ASN G 8 32.32 -24.91 35.77
N LEU G 9 33.52 -25.27 35.33
CA LEU G 9 33.92 -26.68 35.33
C LEU G 9 34.84 -27.02 36.48
N HIS G 10 34.87 -26.17 37.49
CA HIS G 10 35.75 -26.38 38.64
C HIS G 10 35.61 -27.80 39.17
N SER G 11 34.37 -28.22 39.35
CA SER G 11 34.07 -29.55 39.87
C SER G 11 34.70 -30.67 39.04
N LEU G 12 34.87 -30.47 37.74
CA LEU G 12 35.46 -31.49 36.89
C LEU G 12 36.98 -31.36 36.81
N ILE G 13 37.48 -30.12 36.82
CA ILE G 13 38.93 -29.91 36.75
C ILE G 13 39.54 -30.36 38.06
N THR G 14 38.71 -30.43 39.10
CA THR G 14 39.17 -30.82 40.42
C THR G 14 38.93 -32.30 40.66
N SER G 15 37.95 -32.85 39.97
CA SER G 15 37.61 -34.26 40.10
C SER G 15 38.85 -35.13 40.01
N THR G 16 38.83 -36.21 40.77
CA THR G 16 39.93 -37.15 40.83
C THR G 16 39.51 -38.49 40.21
N THR G 17 38.20 -38.72 40.21
CA THR G 17 37.60 -39.95 39.70
C THR G 17 37.65 -40.15 38.17
N HIS G 18 37.34 -39.10 37.41
CA HIS G 18 37.33 -39.20 35.94
C HIS G 18 38.63 -39.65 35.28
N LYS G 19 38.49 -40.36 34.16
CA LYS G 19 39.64 -40.87 33.43
C LYS G 19 39.49 -40.55 31.95
N TRP G 20 38.23 -40.41 31.53
CA TRP G 20 37.90 -40.10 30.15
C TRP G 20 37.04 -38.84 30.03
N ILE G 21 37.48 -37.91 29.20
CA ILE G 21 36.73 -36.67 29.01
C ILE G 21 36.64 -36.34 27.52
N PHE G 22 35.42 -36.15 27.04
CA PHE G 22 35.16 -35.84 25.64
C PHE G 22 34.69 -34.41 25.44
N VAL G 23 35.29 -33.71 24.47
CA VAL G 23 34.93 -32.33 24.17
C VAL G 23 34.51 -32.27 22.70
N GLY G 24 33.32 -31.75 22.41
CA GLY G 24 32.90 -31.68 21.02
C GLY G 24 31.93 -30.57 20.67
N GLY G 25 31.83 -30.22 19.39
CA GLY G 25 30.93 -29.18 18.96
C GLY G 25 31.12 -28.76 17.51
N LYS G 26 30.11 -28.97 16.69
CA LYS G 26 30.17 -28.62 15.26
C LYS G 26 30.09 -27.11 15.03
N GLY G 27 30.61 -26.66 13.89
CA GLY G 27 30.62 -25.24 13.55
C GLY G 27 31.94 -24.71 14.10
N GLY G 28 32.40 -23.55 13.67
CA GLY G 28 33.65 -23.06 14.22
C GLY G 28 33.45 -22.40 15.58
N VAL G 29 32.96 -23.16 16.55
CA VAL G 29 32.66 -22.63 17.86
C VAL G 29 33.76 -22.55 18.91
N GLY G 30 34.79 -23.38 18.79
CA GLY G 30 35.85 -23.33 19.78
C GLY G 30 36.11 -24.65 20.46
N LYS G 31 35.75 -25.74 19.78
CA LYS G 31 35.95 -27.10 20.28
C LYS G 31 37.42 -27.29 20.63
N THR G 32 38.28 -27.10 19.64
CA THR G 32 39.72 -27.27 19.86
C THR G 32 40.27 -26.43 21.01
N THR G 33 39.94 -25.14 21.02
CA THR G 33 40.40 -24.26 22.08
C THR G 33 39.91 -24.73 23.44
N SER G 34 38.66 -25.14 23.51
CA SER G 34 38.12 -25.62 24.77
C SER G 34 38.84 -26.91 25.12
N SER G 35 39.06 -27.76 24.13
CA SER G 35 39.74 -29.02 24.34
C SER G 35 41.05 -28.76 25.04
N CYS G 36 41.83 -27.85 24.50
CA CYS G 36 43.09 -27.52 25.11
C CYS G 36 42.89 -26.90 26.49
N SER G 37 41.97 -25.97 26.61
CA SER G 37 41.72 -25.32 27.89
C SER G 37 41.37 -26.30 29.00
N ILE G 38 40.44 -27.22 28.73
CA ILE G 38 40.05 -28.18 29.76
C ILE G 38 41.29 -28.99 30.13
N ALA G 39 42.11 -29.31 29.12
CA ALA G 39 43.32 -30.08 29.35
C ALA G 39 44.27 -29.32 30.26
N ILE G 40 44.79 -28.20 29.78
CA ILE G 40 45.69 -27.37 30.55
C ILE G 40 45.19 -27.15 31.98
N GLN G 41 43.92 -26.79 32.10
CA GLN G 41 43.37 -26.54 33.43
C GLN G 41 43.49 -27.76 34.32
N MET G 42 43.09 -28.93 33.81
CA MET G 42 43.17 -30.16 34.59
C MET G 42 44.60 -30.49 34.98
N ALA G 43 45.52 -30.29 34.05
CA ALA G 43 46.92 -30.57 34.30
C ALA G 43 47.51 -29.68 35.39
N LEU G 44 47.24 -28.39 35.32
CA LEU G 44 47.77 -27.47 36.32
C LEU G 44 47.18 -27.69 37.71
N SER G 45 45.96 -28.19 37.78
CA SER G 45 45.32 -28.41 39.07
C SER G 45 45.54 -29.78 39.72
N GLN G 46 46.29 -30.65 39.06
CA GLN G 46 46.59 -31.98 39.61
C GLN G 46 47.98 -32.42 39.12
N PRO G 47 49.06 -31.84 39.69
CA PRO G 47 50.44 -32.13 39.33
C PRO G 47 50.85 -33.58 39.39
N ASN G 48 50.29 -34.31 40.34
CA ASN G 48 50.57 -35.73 40.54
C ASN G 48 50.24 -36.53 39.28
N LYS G 49 48.98 -36.48 38.86
CA LYS G 49 48.52 -37.21 37.68
C LYS G 49 49.19 -36.78 36.37
N GLN G 50 49.18 -37.68 35.39
CA GLN G 50 49.77 -37.44 34.07
C GLN G 50 48.63 -37.38 33.04
N PHE G 51 48.65 -36.38 32.15
CA PHE G 51 47.58 -36.19 31.15
C PHE G 51 47.90 -36.30 29.66
N LEU G 52 46.90 -36.71 28.89
CA LEU G 52 47.03 -36.85 27.45
C LEU G 52 45.87 -36.19 26.70
N LEU G 53 46.21 -35.30 25.77
CA LEU G 53 45.23 -34.61 24.94
C LEU G 53 45.40 -35.21 23.56
N ILE G 54 44.41 -35.95 23.09
CA ILE G 54 44.50 -36.60 21.80
C ILE G 54 43.46 -36.10 20.81
N SER G 55 43.86 -35.96 19.55
CA SER G 55 42.98 -35.48 18.49
C SER G 55 42.98 -36.33 17.22
N THR G 56 41.79 -36.60 16.70
CA THR G 56 41.61 -37.41 15.49
C THR G 56 41.77 -36.58 14.22
N ASP G 57 41.46 -35.29 14.32
CA ASP G 57 41.51 -34.38 13.19
C ASP G 57 42.76 -34.46 12.29
N PRO G 58 42.56 -34.59 10.98
CA PRO G 58 43.62 -34.68 9.96
C PRO G 58 44.36 -33.36 9.77
N ALA G 59 43.67 -32.25 10.02
CA ALA G 59 44.25 -30.92 9.86
C ALA G 59 45.29 -30.56 10.93
N HIS G 60 45.53 -31.48 11.88
CA HIS G 60 46.50 -31.23 12.95
C HIS G 60 46.26 -29.90 13.64
N ASN G 61 45.15 -29.82 14.36
CA ASN G 61 44.73 -28.63 15.07
C ASN G 61 45.52 -28.38 16.34
N LEU G 62 45.62 -29.37 17.22
CA LEU G 62 46.36 -29.18 18.46
C LEU G 62 47.72 -28.56 18.18
N SER G 63 48.32 -28.93 17.06
CA SER G 63 49.63 -28.42 16.67
C SER G 63 49.53 -26.93 16.39
N ASP G 64 48.44 -26.54 15.75
CA ASP G 64 48.22 -25.15 15.41
C ASP G 64 47.94 -24.34 16.68
N ALA G 65 47.09 -24.90 17.54
CA ALA G 65 46.68 -24.28 18.79
C ALA G 65 47.83 -23.90 19.70
N PHE G 66 48.75 -24.85 19.90
CA PHE G 66 49.91 -24.62 20.76
C PHE G 66 51.10 -23.98 20.07
N GLY G 67 51.20 -24.18 18.75
CA GLY G 67 52.33 -23.64 18.02
C GLY G 67 53.51 -24.58 18.11
N GLU G 68 53.22 -25.88 18.25
CA GLU G 68 54.23 -26.92 18.34
C GLU G 68 53.83 -28.03 17.39
N LYS G 69 54.80 -28.79 16.91
CA LYS G 69 54.48 -29.88 15.99
C LYS G 69 54.30 -31.22 16.70
N PHE G 70 53.05 -31.56 17.02
CA PHE G 70 52.77 -32.83 17.68
C PHE G 70 52.44 -33.85 16.61
N GLY G 71 52.99 -35.05 16.74
CA GLY G 71 52.73 -36.08 15.75
C GLY G 71 52.03 -37.30 16.32
N LYS G 72 52.35 -38.47 15.77
CA LYS G 72 51.76 -39.74 16.20
C LYS G 72 52.41 -40.12 17.53
N ASP G 73 53.51 -39.44 17.82
CA ASP G 73 54.27 -39.69 19.03
C ASP G 73 53.99 -38.72 20.17
N ALA G 74 53.27 -39.23 21.17
CA ALA G 74 52.90 -38.46 22.34
C ALA G 74 54.05 -37.65 22.92
N ARG G 75 54.16 -36.38 22.53
CA ARG G 75 55.20 -35.51 23.06
C ARG G 75 54.58 -34.77 24.23
N LYS G 76 55.37 -34.01 24.97
CA LYS G 76 54.83 -33.25 26.09
C LYS G 76 54.79 -31.78 25.69
N VAL G 77 53.80 -31.06 26.19
CA VAL G 77 53.68 -29.65 25.87
C VAL G 77 54.85 -28.86 26.43
N THR G 78 55.54 -28.16 25.53
CA THR G 78 56.68 -27.34 25.90
C THR G 78 56.24 -26.25 26.87
N GLY G 79 56.46 -26.47 28.16
CA GLY G 79 56.10 -25.49 29.15
C GLY G 79 55.23 -26.12 30.21
N MET G 80 54.76 -27.33 29.93
CA MET G 80 53.90 -28.07 30.84
C MET G 80 54.71 -29.16 31.52
N ASN G 81 54.05 -30.03 32.27
CA ASN G 81 54.77 -31.11 32.95
C ASN G 81 54.01 -32.41 33.03
N ASN G 82 52.71 -32.36 32.77
CA ASN G 82 51.89 -33.57 32.78
C ASN G 82 50.85 -33.56 31.69
N LEU G 83 51.01 -32.65 30.73
CA LEU G 83 50.10 -32.58 29.61
C LEU G 83 50.88 -32.99 28.37
N SER G 84 50.35 -34.00 27.69
CA SER G 84 50.98 -34.51 26.49
C SER G 84 49.95 -34.61 25.38
N CYS G 85 50.28 -34.05 24.22
CA CYS G 85 49.38 -34.07 23.08
C CYS G 85 49.75 -35.13 22.06
N MET G 86 48.74 -35.70 21.44
CA MET G 86 48.94 -36.75 20.45
C MET G 86 47.93 -36.60 19.32
N GLU G 87 48.43 -36.50 18.09
CA GLU G 87 47.58 -36.35 16.91
C GLU G 87 47.72 -37.53 15.95
N ILE G 88 46.66 -38.32 15.81
CA ILE G 88 46.68 -39.48 14.93
C ILE G 88 45.49 -39.50 13.98
N ASP G 89 45.64 -40.26 12.89
CA ASP G 89 44.59 -40.39 11.90
C ASP G 89 44.21 -41.87 11.83
N PRO G 90 43.03 -42.25 12.36
CA PRO G 90 42.54 -43.64 12.36
C PRO G 90 41.93 -44.12 11.03
N SER G 91 41.50 -43.20 10.16
CA SER G 91 40.90 -43.62 8.88
C SER G 91 41.94 -43.72 7.76
N ALA G 92 42.94 -42.84 7.82
CA ALA G 92 44.02 -42.83 6.83
C ALA G 92 45.06 -43.88 7.21
N ALA G 93 45.25 -44.07 8.52
CA ALA G 93 46.21 -45.04 9.05
C ALA G 93 45.57 -46.39 9.35
N LEU G 94 44.41 -46.65 8.75
CA LEU G 94 43.72 -47.92 8.94
C LEU G 94 43.89 -48.69 7.65
N LYS G 95 43.98 -47.96 6.54
CA LYS G 95 44.16 -48.57 5.23
C LYS G 95 45.54 -49.23 5.13
N ASP G 96 46.31 -49.08 6.21
CA ASP G 96 47.65 -49.66 6.28
C ASP G 96 47.60 -50.95 7.11
N MET G 97 46.50 -51.15 7.83
CA MET G 97 46.31 -52.34 8.65
C MET G 97 45.37 -53.28 7.88
N ASN G 98 45.05 -52.88 6.65
CA ASN G 98 44.21 -53.67 5.76
C ASN G 98 45.08 -54.07 4.58
N ASP G 99 46.37 -54.29 4.87
CA ASP G 99 47.38 -54.71 3.90
C ASP G 99 48.42 -55.58 4.63
N MET G 100 48.51 -55.39 5.94
CA MET G 100 49.43 -56.13 6.80
C MET G 100 48.69 -57.12 7.72
N ALA G 101 47.61 -57.71 7.20
CA ALA G 101 46.81 -58.68 7.96
C ALA G 101 45.78 -59.37 7.08
N GLY G 123 38.48 -58.04 12.94
CA GLY G 123 39.93 -58.03 13.06
C GLY G 123 40.64 -57.53 11.81
N GLY G 124 41.09 -58.46 10.99
CA GLY G 124 41.78 -58.10 9.76
C GLY G 124 40.85 -58.25 8.57
N ALA G 125 40.14 -59.38 8.50
CA ALA G 125 39.19 -59.66 7.43
C ALA G 125 37.76 -59.48 7.94
N LEU G 126 37.35 -58.22 8.07
CA LEU G 126 36.02 -57.87 8.57
C LEU G 126 35.67 -56.44 8.12
N ALA G 127 35.93 -56.13 6.85
CA ALA G 127 35.70 -54.81 6.30
C ALA G 127 34.46 -54.58 5.42
N ASP G 128 33.82 -55.64 4.92
CA ASP G 128 32.64 -55.48 4.06
C ASP G 128 31.38 -55.31 4.91
N LEU G 129 31.04 -56.37 5.64
CA LEU G 129 29.93 -56.44 6.60
C LEU G 129 30.00 -55.26 7.57
N THR G 130 30.94 -54.35 7.31
CA THR G 130 31.13 -53.15 8.12
C THR G 130 30.13 -52.08 7.67
N GLY G 131 30.16 -51.75 6.39
CA GLY G 131 29.24 -50.76 5.88
C GLY G 131 27.81 -51.27 5.97
N SER G 132 27.68 -52.58 6.14
CA SER G 132 26.37 -53.21 6.27
C SER G 132 25.80 -52.96 7.66
N ILE G 133 26.66 -53.09 8.67
CA ILE G 133 26.26 -52.87 10.06
C ILE G 133 26.73 -51.50 10.54
N PRO G 134 25.78 -50.63 10.91
CA PRO G 134 26.07 -49.28 11.39
C PRO G 134 26.75 -49.22 12.75
N GLY G 135 27.97 -48.66 12.80
CA GLY G 135 28.67 -48.55 14.06
C GLY G 135 30.01 -49.25 14.11
N ILE G 136 30.22 -50.23 13.24
CA ILE G 136 31.47 -50.95 13.23
C ILE G 136 32.65 -50.03 12.94
N ASP G 137 32.69 -49.50 11.73
CA ASP G 137 33.76 -48.59 11.32
C ASP G 137 34.27 -47.73 12.48
N GLU G 138 33.32 -47.20 13.26
CA GLU G 138 33.65 -46.35 14.40
C GLU G 138 34.36 -47.17 15.48
N ALA G 139 33.68 -48.17 16.00
CA ALA G 139 34.24 -49.03 17.04
C ALA G 139 35.64 -49.49 16.62
N LEU G 140 35.79 -49.80 15.33
CA LEU G 140 37.06 -50.26 14.81
C LEU G 140 38.08 -49.13 14.89
N SER G 141 37.74 -47.99 14.30
CA SER G 141 38.63 -46.82 14.29
C SER G 141 39.00 -46.36 15.70
N PHE G 142 38.09 -46.53 16.65
CA PHE G 142 38.37 -46.11 18.02
C PHE G 142 39.37 -47.01 18.71
N MET G 143 39.17 -48.32 18.61
CA MET G 143 40.09 -49.26 19.24
C MET G 143 41.45 -49.14 18.57
N GLU G 144 41.46 -48.66 17.33
CA GLU G 144 42.72 -48.47 16.61
C GLU G 144 43.46 -47.38 17.34
N VAL G 145 42.71 -46.42 17.89
CA VAL G 145 43.32 -45.31 18.63
C VAL G 145 43.80 -45.86 19.97
N MET G 146 42.87 -46.37 20.78
CA MET G 146 43.21 -46.93 22.08
C MET G 146 44.50 -47.74 22.01
N LYS G 147 44.67 -48.44 20.89
CA LYS G 147 45.86 -49.25 20.67
C LYS G 147 47.07 -48.33 20.65
N HIS G 148 47.08 -47.38 19.71
CA HIS G 148 48.18 -46.43 19.57
C HIS G 148 48.53 -45.74 20.88
N ILE G 149 47.60 -45.75 21.83
CA ILE G 149 47.83 -45.12 23.14
C ILE G 149 48.58 -46.05 24.09
N LYS G 150 48.04 -47.24 24.32
CA LYS G 150 48.67 -48.22 25.22
C LYS G 150 50.08 -48.53 24.71
N ARG G 151 50.28 -48.41 23.41
CA ARG G 151 51.59 -48.65 22.82
C ARG G 151 52.57 -47.61 23.35
N GLN G 152 52.13 -46.35 23.36
CA GLN G 152 52.95 -45.26 23.85
C GLN G 152 53.29 -45.46 25.33
N GLU G 153 52.31 -45.94 26.09
CA GLU G 153 52.47 -46.20 27.52
C GLU G 153 53.43 -47.36 27.77
N GLN G 154 53.78 -48.07 26.70
CA GLN G 154 54.68 -49.21 26.76
C GLN G 154 56.10 -48.74 26.45
N ASP G 155 56.30 -48.25 25.23
CA ASP G 155 57.59 -47.77 24.77
C ASP G 155 58.08 -46.61 25.63
N GLU G 156 57.15 -45.99 26.36
CA GLU G 156 57.47 -44.87 27.22
C GLU G 156 57.37 -45.28 28.69
N GLY G 157 56.69 -46.39 28.95
CA GLY G 157 56.52 -46.87 30.31
C GLY G 157 55.99 -45.77 31.21
N GLU G 158 55.00 -45.05 30.69
CA GLU G 158 54.38 -43.94 31.43
C GLU G 158 52.86 -43.99 31.31
N THR G 159 52.22 -44.37 32.41
CA THR G 159 50.77 -44.50 32.48
C THR G 159 50.01 -43.15 32.55
N PHE G 160 49.03 -42.99 31.65
CA PHE G 160 48.22 -41.79 31.59
C PHE G 160 46.98 -41.96 32.45
N ASP G 161 46.83 -41.09 33.44
CA ASP G 161 45.70 -41.16 34.37
C ASP G 161 44.39 -40.68 33.78
N THR G 162 44.47 -39.69 32.90
CA THR G 162 43.27 -39.17 32.25
C THR G 162 43.58 -38.68 30.84
N VAL G 163 42.68 -39.04 29.93
CA VAL G 163 42.81 -38.67 28.53
C VAL G 163 41.61 -37.82 28.11
N ILE G 164 41.90 -36.77 27.34
CA ILE G 164 40.89 -35.85 26.85
C ILE G 164 40.76 -36.03 25.35
N PHE G 165 39.53 -36.23 24.88
CA PHE G 165 39.30 -36.44 23.47
C PHE G 165 38.74 -35.25 22.72
N ASP G 166 39.51 -34.79 21.75
CA ASP G 166 39.11 -33.66 20.91
C ASP G 166 38.23 -34.30 19.84
N THR G 167 37.05 -34.80 20.24
CA THR G 167 36.13 -35.47 19.31
C THR G 167 36.18 -34.84 17.93
N ALA G 168 36.12 -35.67 16.91
CA ALA G 168 36.17 -35.19 15.53
C ALA G 168 35.00 -34.28 15.21
N PRO G 169 35.25 -33.24 14.40
CA PRO G 169 34.26 -32.24 13.97
C PRO G 169 32.99 -32.78 13.31
N THR G 170 33.16 -33.65 12.31
CA THR G 170 32.03 -34.23 11.60
C THR G 170 31.94 -35.74 11.72
N GLY G 171 30.72 -36.26 11.65
CA GLY G 171 30.52 -37.69 11.79
C GLY G 171 30.27 -37.97 13.25
N HIS G 172 29.62 -39.08 13.54
CA HIS G 172 29.31 -39.45 14.93
C HIS G 172 30.37 -40.37 15.52
N THR G 173 31.61 -39.89 15.48
CA THR G 173 32.79 -40.60 15.99
C THR G 173 32.52 -41.67 17.04
N LEU G 174 31.77 -41.36 18.09
CA LEU G 174 31.52 -42.36 19.12
C LEU G 174 30.07 -42.86 19.16
N ARG G 175 29.65 -43.48 18.06
CA ARG G 175 28.30 -44.03 17.94
C ARG G 175 28.33 -45.51 18.28
N PHE G 176 29.53 -46.10 18.22
CA PHE G 176 29.71 -47.53 18.50
C PHE G 176 29.11 -47.98 19.82
N LEU G 177 28.76 -47.05 20.70
CA LEU G 177 28.18 -47.40 21.98
C LEU G 177 26.85 -48.12 21.82
N GLN G 178 26.29 -48.08 20.61
CA GLN G 178 25.01 -48.75 20.35
C GLN G 178 25.26 -50.11 19.71
N LEU G 179 26.47 -50.30 19.19
CA LEU G 179 26.88 -51.54 18.53
C LEU G 179 26.41 -52.79 19.28
N PRO G 180 26.69 -52.86 20.61
CA PRO G 180 26.27 -54.02 21.39
C PRO G 180 24.79 -54.39 21.23
N ASN G 181 23.91 -53.59 21.83
CA ASN G 181 22.47 -53.79 21.79
C ASN G 181 21.97 -54.23 20.42
N THR G 182 22.52 -53.61 19.38
CA THR G 182 22.11 -53.94 18.01
C THR G 182 22.62 -55.32 17.66
N LEU G 183 23.89 -55.57 17.97
CA LEU G 183 24.48 -56.86 17.67
C LEU G 183 23.88 -57.96 18.54
N SER G 184 23.23 -57.58 19.64
CA SER G 184 22.61 -58.56 20.52
C SER G 184 21.35 -59.09 19.82
N LYS G 185 21.19 -58.75 18.56
CA LYS G 185 20.05 -59.18 17.75
C LYS G 185 20.49 -59.66 16.37
N LEU G 186 21.61 -59.13 15.89
CA LEU G 186 22.15 -59.53 14.59
C LEU G 186 22.94 -60.82 14.79
N LEU G 187 23.03 -61.24 16.05
CA LEU G 187 23.72 -62.46 16.43
C LEU G 187 22.63 -63.52 16.55
N GLU G 188 21.66 -63.20 17.39
CA GLU G 188 20.51 -64.05 17.67
C GLU G 188 19.81 -64.46 16.36
N LYS G 189 19.75 -63.51 15.43
CA LYS G 189 19.14 -63.78 14.14
C LYS G 189 20.18 -64.53 13.30
N PHE G 190 21.45 -64.19 13.50
CA PHE G 190 22.55 -64.80 12.75
C PHE G 190 23.01 -66.18 13.27
N GLY G 191 22.23 -66.77 14.17
CA GLY G 191 22.59 -68.08 14.70
C GLY G 191 21.40 -68.83 15.28
N ASP G 211 30.84 -66.32 8.66
CA ASP G 211 30.16 -65.38 9.54
C ASP G 211 31.04 -65.00 10.72
N ILE G 212 31.96 -65.90 11.09
CA ILE G 212 32.88 -65.67 12.21
C ILE G 212 32.17 -64.92 13.33
N SER G 213 30.97 -65.40 13.69
CA SER G 213 30.17 -64.78 14.75
C SER G 213 31.01 -64.65 16.01
N GLY G 214 32.19 -65.27 15.98
CA GLY G 214 33.10 -65.19 17.12
C GLY G 214 33.68 -63.79 17.15
N LYS G 215 34.12 -63.31 15.98
CA LYS G 215 34.67 -61.98 15.87
C LYS G 215 33.56 -60.98 16.18
N LEU G 216 32.34 -61.32 15.77
CA LEU G 216 31.20 -60.46 16.04
C LEU G 216 31.01 -60.45 17.56
N ASN G 217 30.91 -61.65 18.15
CA ASN G 217 30.74 -61.81 19.60
C ASN G 217 31.95 -61.35 20.40
N GLU G 218 33.10 -61.29 19.75
CA GLU G 218 34.35 -60.87 20.39
C GLU G 218 34.47 -59.34 20.22
N LEU G 219 34.13 -58.85 19.03
CA LEU G 219 34.16 -57.40 18.78
C LEU G 219 33.13 -56.83 19.74
N LYS G 220 32.00 -57.53 19.85
CA LYS G 220 30.91 -57.16 20.74
C LYS G 220 31.41 -57.20 22.18
N ALA G 221 32.29 -58.16 22.46
CA ALA G 221 32.85 -58.32 23.77
C ALA G 221 33.61 -57.06 24.13
N ASN G 222 34.68 -56.80 23.39
CA ASN G 222 35.49 -55.62 23.66
C ASN G 222 34.63 -54.39 23.83
N VAL G 223 33.78 -54.11 22.83
CA VAL G 223 32.91 -52.95 22.90
C VAL G 223 32.10 -52.94 24.18
N GLU G 224 31.56 -54.10 24.55
CA GLU G 224 30.75 -54.21 25.76
C GLU G 224 31.49 -53.79 27.03
N THR G 225 32.82 -53.92 26.99
CA THR G 225 33.64 -53.54 28.13
C THR G 225 33.89 -52.03 28.07
N ILE G 226 34.09 -51.53 26.86
CA ILE G 226 34.33 -50.10 26.65
C ILE G 226 33.02 -49.39 26.97
N ARG G 227 31.92 -50.02 26.59
CA ARG G 227 30.61 -49.43 26.83
C ARG G 227 30.41 -49.29 28.32
N GLN G 228 30.49 -50.40 29.03
CA GLN G 228 30.33 -50.40 30.47
C GLN G 228 31.35 -49.44 31.06
N GLN G 229 32.34 -49.09 30.23
CA GLN G 229 33.40 -48.19 30.63
C GLN G 229 32.94 -46.73 30.54
N PHE G 230 32.74 -46.23 29.32
CA PHE G 230 32.31 -44.84 29.12
C PHE G 230 30.96 -44.52 29.76
N THR G 231 30.01 -45.45 29.70
CA THR G 231 28.68 -45.21 30.27
C THR G 231 28.69 -45.04 31.79
N ASP G 232 29.84 -44.74 32.36
CA ASP G 232 29.93 -44.56 33.81
C ASP G 232 30.27 -43.13 34.19
N PRO G 233 29.32 -42.44 34.83
CA PRO G 233 29.54 -41.05 35.23
C PRO G 233 30.95 -40.77 35.76
N ASP G 234 31.20 -41.17 37.01
CA ASP G 234 32.50 -40.94 37.65
C ASP G 234 33.77 -41.27 36.88
N LEU G 235 33.65 -41.87 35.70
CA LEU G 235 34.86 -42.22 34.97
C LEU G 235 35.00 -41.40 33.70
N THR G 236 33.88 -41.09 33.07
CA THR G 236 33.88 -40.34 31.82
C THR G 236 32.69 -39.41 31.71
N THR G 237 32.91 -38.29 31.04
CA THR G 237 31.86 -37.30 30.83
C THR G 237 32.17 -36.54 29.54
N PHE G 238 31.15 -35.86 29.00
CA PHE G 238 31.29 -35.11 27.75
C PHE G 238 31.00 -33.63 28.03
N VAL G 239 31.74 -32.75 27.36
CA VAL G 239 31.53 -31.32 27.51
C VAL G 239 31.24 -30.77 26.13
N CYS G 240 30.11 -30.10 26.00
CA CYS G 240 29.73 -29.54 24.71
C CYS G 240 30.13 -28.10 24.57
N VAL G 241 30.66 -27.77 23.41
CA VAL G 241 31.08 -26.42 23.14
C VAL G 241 30.06 -25.88 22.17
N CYS G 242 29.66 -24.63 22.35
CA CYS G 242 28.68 -24.05 21.44
C CYS G 242 28.79 -22.55 21.52
N ILE G 243 28.37 -21.89 20.44
CA ILE G 243 28.36 -20.44 20.37
C ILE G 243 26.91 -20.13 20.71
N SER G 244 26.61 -18.91 21.17
CA SER G 244 25.24 -18.59 21.56
C SER G 244 24.33 -18.01 20.47
N GLU G 245 24.05 -18.81 19.45
CA GLU G 245 23.21 -18.40 18.33
C GLU G 245 22.24 -19.54 18.15
N PHE G 246 21.20 -19.37 17.33
CA PHE G 246 20.25 -20.47 17.18
C PHE G 246 20.79 -21.73 16.53
N LEU G 247 21.24 -21.65 15.30
CA LEU G 247 21.73 -22.86 14.65
C LEU G 247 22.71 -23.67 15.49
N SER G 248 23.36 -23.04 16.46
CA SER G 248 24.32 -23.75 17.29
C SER G 248 23.65 -24.35 18.53
N LEU G 249 22.81 -23.58 19.20
CA LEU G 249 22.14 -24.10 20.38
C LEU G 249 21.29 -25.28 19.98
N TYR G 250 20.96 -25.35 18.70
CA TYR G 250 20.17 -26.44 18.15
C TYR G 250 21.10 -27.62 18.02
N GLU G 251 22.06 -27.50 17.10
CA GLU G 251 23.00 -28.58 16.88
C GLU G 251 23.50 -29.20 18.17
N THR G 252 23.67 -28.41 19.23
CA THR G 252 24.16 -28.99 20.48
C THR G 252 23.02 -29.66 21.24
N GLU G 253 21.81 -29.13 21.15
CA GLU G 253 20.68 -29.76 21.82
C GLU G 253 20.58 -31.15 21.19
N ARG G 254 20.81 -31.20 19.89
CA ARG G 254 20.76 -32.46 19.18
C ARG G 254 21.82 -33.35 19.80
N LEU G 255 23.05 -32.88 19.81
CA LEU G 255 24.16 -33.64 20.37
C LEU G 255 23.87 -34.18 21.76
N ILE G 256 23.42 -33.31 22.64
CA ILE G 256 23.12 -33.76 23.99
C ILE G 256 22.14 -34.92 23.94
N GLN G 257 21.23 -34.93 22.97
CA GLN G 257 20.30 -36.05 22.87
C GLN G 257 21.02 -37.27 22.38
N GLU G 258 21.84 -37.12 21.34
CA GLU G 258 22.60 -38.25 20.81
C GLU G 258 23.42 -38.88 21.93
N LEU G 259 23.96 -38.06 22.82
CA LEU G 259 24.77 -38.60 23.91
C LEU G 259 23.87 -39.26 24.95
N ILE G 260 22.75 -38.62 25.30
CA ILE G 260 21.87 -39.22 26.28
C ILE G 260 21.45 -40.61 25.83
N SER G 261 21.20 -40.77 24.54
CA SER G 261 20.81 -42.07 24.02
C SER G 261 21.91 -43.10 24.28
N TYR G 262 23.15 -42.73 23.96
CA TYR G 262 24.28 -43.64 24.17
C TYR G 262 24.50 -43.94 25.66
N ASP G 263 23.74 -43.26 26.51
CA ASP G 263 23.85 -43.41 27.96
C ASP G 263 25.19 -42.89 28.50
N MET G 264 25.75 -41.91 27.77
CA MET G 264 27.00 -41.26 28.13
C MET G 264 26.59 -40.08 29.02
N ASP G 265 27.53 -39.54 29.77
CA ASP G 265 27.15 -38.44 30.62
C ASP G 265 27.45 -37.04 30.09
N VAL G 266 26.38 -36.27 29.95
CA VAL G 266 26.46 -34.89 29.46
C VAL G 266 25.96 -34.02 30.58
N ASN G 267 26.85 -33.20 31.11
CA ASN G 267 26.50 -32.36 32.23
C ASN G 267 26.93 -30.90 32.09
N SER G 268 27.85 -30.64 31.17
CA SER G 268 28.35 -29.29 31.03
C SER G 268 28.47 -28.80 29.60
N ILE G 269 28.08 -27.55 29.40
CA ILE G 269 28.14 -26.93 28.10
C ILE G 269 28.91 -25.62 28.26
N ILE G 270 29.93 -25.40 27.44
CA ILE G 270 30.68 -24.16 27.53
C ILE G 270 30.25 -23.28 26.37
N VAL G 271 29.58 -22.15 26.68
CA VAL G 271 29.10 -21.23 25.66
C VAL G 271 30.21 -20.24 25.34
N ASN G 272 30.85 -20.44 24.20
CA ASN G 272 31.99 -19.65 23.80
C ASN G 272 31.71 -18.42 22.94
N GLN G 273 32.72 -17.55 22.82
CA GLN G 273 32.67 -16.33 22.02
C GLN G 273 31.61 -15.31 22.41
N LEU G 274 31.26 -15.30 23.69
CA LEU G 274 30.25 -14.38 24.22
C LEU G 274 30.84 -12.99 24.31
N LEU G 275 30.36 -12.07 23.49
CA LEU G 275 30.90 -10.72 23.55
C LEU G 275 30.04 -9.84 24.43
N PHE G 276 30.44 -9.68 25.69
CA PHE G 276 29.71 -8.83 26.61
C PHE G 276 29.93 -7.41 26.13
N ALA G 277 29.99 -7.26 24.80
CA ALA G 277 30.20 -5.98 24.11
C ALA G 277 29.42 -4.84 24.75
N GLU G 278 28.38 -5.21 25.51
CA GLU G 278 27.60 -4.22 26.20
C GLU G 278 28.62 -3.56 27.15
N ASN G 279 29.39 -4.40 27.85
CA ASN G 279 30.42 -3.96 28.83
C ASN G 279 31.85 -4.44 28.55
N ASP G 280 32.63 -3.61 27.87
CA ASP G 280 34.02 -3.92 27.53
C ASP G 280 34.76 -2.60 27.27
N GLN G 281 36.09 -2.60 27.47
CA GLN G 281 36.89 -1.40 27.23
C GLN G 281 37.01 -1.21 25.72
N GLU G 282 37.01 0.05 25.28
CA GLU G 282 37.11 0.42 23.86
C GLU G 282 35.76 0.27 23.18
N HIS G 283 34.81 -0.33 23.89
CA HIS G 283 33.47 -0.57 23.37
C HIS G 283 32.74 0.73 23.04
N ASN G 284 32.98 1.24 21.83
CA ASN G 284 32.37 2.47 21.33
C ASN G 284 31.73 2.17 19.97
N CYS G 285 31.85 0.91 19.54
CA CYS G 285 31.32 0.41 18.26
C CYS G 285 29.86 -0.07 18.37
N LYS G 286 29.02 0.41 17.44
CA LYS G 286 27.59 0.11 17.40
C LYS G 286 27.18 -1.30 17.00
N ARG G 287 27.46 -1.66 15.76
CA ARG G 287 27.10 -2.98 15.19
C ARG G 287 27.14 -4.22 16.08
N CYS G 288 28.26 -4.39 16.80
CA CYS G 288 28.50 -5.53 17.68
C CYS G 288 27.58 -5.56 18.90
N GLN G 289 27.24 -4.39 19.42
CA GLN G 289 26.36 -4.29 20.58
C GLN G 289 25.02 -4.97 20.32
N ALA G 290 24.54 -4.90 19.06
CA ALA G 290 23.26 -5.46 18.65
C ALA G 290 23.31 -6.97 18.78
N ARG G 291 24.47 -7.57 18.50
CA ARG G 291 24.61 -9.00 18.62
C ARG G 291 24.57 -9.44 20.07
N TRP G 292 25.27 -8.73 20.94
CA TRP G 292 25.25 -9.07 22.34
C TRP G 292 23.81 -9.20 22.80
N LYS G 293 22.97 -8.24 22.37
CA LYS G 293 21.57 -8.25 22.74
C LYS G 293 20.93 -9.60 22.43
N MET G 294 21.26 -10.15 21.26
CA MET G 294 20.71 -11.43 20.86
C MET G 294 21.32 -12.58 21.68
N GLN G 295 22.64 -12.59 21.83
CA GLN G 295 23.28 -13.64 22.59
C GLN G 295 22.67 -13.69 23.98
N LYS G 296 22.58 -12.53 24.63
CA LYS G 296 22.01 -12.46 25.96
C LYS G 296 20.67 -13.13 25.99
N LYS G 297 19.87 -12.89 24.97
CA LYS G 297 18.56 -13.50 24.90
C LYS G 297 18.63 -15.01 24.98
N TYR G 298 19.47 -15.62 24.16
CA TYR G 298 19.58 -17.06 24.20
C TYR G 298 20.26 -17.61 25.45
N LEU G 299 21.21 -16.88 26.03
CA LEU G 299 21.86 -17.35 27.25
C LEU G 299 20.80 -17.64 28.28
N ASP G 300 19.92 -16.66 28.47
CA ASP G 300 18.83 -16.79 29.43
C ASP G 300 18.00 -18.02 29.14
N GLN G 301 17.81 -18.32 27.86
CA GLN G 301 17.05 -19.49 27.47
C GLN G 301 17.83 -20.76 27.78
N ILE G 302 19.13 -20.77 27.49
CA ILE G 302 19.96 -21.94 27.79
C ILE G 302 19.90 -22.23 29.27
N ASP G 303 20.04 -21.18 30.07
CA ASP G 303 20.00 -21.34 31.52
C ASP G 303 18.68 -21.97 31.95
N GLU G 304 17.59 -21.54 31.31
CA GLU G 304 16.27 -22.06 31.63
C GLU G 304 16.14 -23.49 31.13
N LEU G 305 16.68 -23.78 29.96
CA LEU G 305 16.58 -25.11 29.40
C LEU G 305 17.38 -26.16 30.15
N TYR G 306 18.59 -25.81 30.55
CA TYR G 306 19.46 -26.73 31.28
C TYR G 306 19.79 -26.19 32.68
N GLU G 307 18.88 -26.38 33.64
CA GLU G 307 19.10 -25.87 34.98
C GLU G 307 20.08 -26.73 35.79
N ASP G 308 20.11 -28.01 35.46
CA ASP G 308 20.97 -28.99 36.13
C ASP G 308 22.36 -29.07 35.51
N PHE G 309 22.57 -28.28 34.45
CA PHE G 309 23.85 -28.29 33.76
C PHE G 309 24.83 -27.20 34.18
N HIS G 310 26.10 -27.43 33.89
CA HIS G 310 27.13 -26.45 34.19
C HIS G 310 27.27 -25.60 32.94
N VAL G 311 26.60 -24.46 32.92
CA VAL G 311 26.66 -23.58 31.75
C VAL G 311 27.80 -22.61 31.91
N VAL G 312 28.89 -22.82 31.18
CA VAL G 312 30.06 -21.96 31.29
C VAL G 312 30.19 -20.86 30.24
N LYS G 313 30.13 -19.61 30.67
CA LYS G 313 30.24 -18.49 29.74
C LYS G 313 31.69 -18.07 29.53
N MET G 314 32.12 -18.07 28.27
CA MET G 314 33.48 -17.70 27.91
C MET G 314 33.42 -16.43 27.07
N PRO G 315 34.28 -15.44 27.34
CA PRO G 315 34.33 -14.18 26.62
C PRO G 315 35.05 -14.29 25.30
N LEU G 316 34.70 -13.39 24.38
CA LEU G 316 35.32 -13.37 23.06
C LEU G 316 36.49 -12.40 23.12
N CYS G 317 37.70 -12.93 22.98
CA CYS G 317 38.91 -12.12 23.03
C CYS G 317 39.23 -11.52 21.67
N ALA G 318 40.00 -10.43 21.69
CA ALA G 318 40.38 -9.77 20.45
C ALA G 318 41.45 -10.57 19.74
N GLY G 319 41.06 -11.25 18.68
CA GLY G 319 42.02 -12.05 17.93
C GLY G 319 42.41 -13.38 18.53
N GLU G 320 43.01 -14.22 17.71
CA GLU G 320 43.41 -15.56 18.14
C GLU G 320 43.87 -15.77 19.56
N ILE G 321 43.70 -17.01 20.01
CA ILE G 321 44.12 -17.45 21.33
C ILE G 321 44.96 -18.67 21.02
N ARG G 322 46.21 -18.41 20.68
CA ARG G 322 47.13 -19.46 20.32
C ARG G 322 48.31 -19.50 21.29
N GLY G 323 48.90 -20.69 21.42
CA GLY G 323 50.05 -20.84 22.30
C GLY G 323 49.77 -20.84 23.79
N LEU G 324 50.41 -21.77 24.49
CA LEU G 324 50.24 -21.96 25.93
C LEU G 324 50.08 -20.72 26.82
N ASN G 325 50.87 -19.68 26.60
CA ASN G 325 50.77 -18.48 27.42
C ASN G 325 49.39 -17.85 27.40
N ASN G 326 48.67 -18.04 26.29
CA ASN G 326 47.32 -17.48 26.15
C ASN G 326 46.28 -18.55 26.44
N LEU G 327 46.46 -19.74 25.88
CA LEU G 327 45.50 -20.80 26.13
C LEU G 327 45.33 -20.92 27.63
N THR G 328 46.43 -20.76 28.36
CA THR G 328 46.34 -20.85 29.80
C THR G 328 45.53 -19.67 30.33
N LYS G 329 46.00 -18.46 30.07
CA LYS G 329 45.28 -17.27 30.54
C LYS G 329 43.78 -17.34 30.25
N PHE G 330 43.40 -17.78 29.06
CA PHE G 330 42.00 -17.89 28.68
C PHE G 330 41.31 -19.02 29.40
N SER G 331 42.02 -20.14 29.52
CA SER G 331 41.46 -21.33 30.14
C SER G 331 41.07 -21.22 31.60
N GLN G 332 41.63 -20.26 32.31
CA GLN G 332 41.31 -20.13 33.73
C GLN G 332 39.84 -19.78 33.97
N PHE G 333 39.19 -19.26 32.94
CA PHE G 333 37.79 -18.87 33.05
C PHE G 333 36.84 -20.06 32.95
N LEU G 334 37.41 -21.28 33.02
CA LEU G 334 36.62 -22.50 32.99
C LEU G 334 36.55 -22.96 34.42
N ASN G 335 37.43 -22.39 35.22
CA ASN G 335 37.52 -22.71 36.63
C ASN G 335 36.74 -21.69 37.42
N LYS G 336 37.30 -20.49 37.51
CA LYS G 336 36.63 -19.41 38.21
C LYS G 336 35.93 -18.67 37.08
N GLU G 337 34.60 -18.62 37.11
CA GLU G 337 33.85 -17.98 36.06
C GLU G 337 34.26 -16.54 35.77
N TYR G 338 34.31 -16.23 34.48
CA TYR G 338 34.71 -14.92 34.01
C TYR G 338 33.73 -13.84 34.43
N ASN G 339 34.27 -12.75 34.97
CA ASN G 339 33.47 -11.62 35.39
C ASN G 339 33.85 -10.47 34.47
N PRO G 340 32.92 -10.04 33.60
CA PRO G 340 33.09 -8.97 32.62
C PRO G 340 33.64 -7.66 33.19
N ILE G 341 33.27 -7.38 34.43
CA ILE G 341 33.72 -6.17 35.13
C ILE G 341 35.20 -6.27 35.42
N THR G 342 35.51 -7.04 36.45
CA THR G 342 36.87 -7.25 36.91
C THR G 342 37.85 -7.76 35.85
N ASP G 343 37.55 -8.93 35.32
CA ASP G 343 38.41 -9.58 34.32
C ASP G 343 38.44 -8.94 32.94
N GLY G 344 37.71 -7.85 32.74
CA GLY G 344 37.69 -7.20 31.45
C GLY G 344 39.03 -6.99 30.77
N LYS G 345 40.06 -6.75 31.57
CA LYS G 345 41.39 -6.51 31.05
C LYS G 345 42.02 -7.78 30.47
N VAL G 346 42.09 -8.81 31.30
CA VAL G 346 42.67 -10.11 30.95
C VAL G 346 42.31 -10.67 29.57
N ILE G 347 41.26 -10.13 28.94
CA ILE G 347 40.87 -10.61 27.61
C ILE G 347 41.47 -9.72 26.52
N TYR G 348 42.37 -8.83 26.94
CA TYR G 348 43.04 -7.91 26.02
C TYR G 348 44.55 -8.08 26.08
N GLU G 349 45.01 -9.02 26.89
CA GLU G 349 46.44 -9.29 27.02
C GLU G 349 46.79 -10.26 25.90
N LEU G 350 45.77 -10.58 25.10
CA LEU G 350 45.88 -11.50 23.97
C LEU G 350 45.59 -10.79 22.65
N GLU G 351 46.55 -9.99 22.18
CA GLU G 351 46.38 -9.23 20.94
C GLU G 351 47.36 -9.62 19.85
N PRO H 14 -5.64 -54.71 21.98
CA PRO H 14 -6.49 -55.43 21.01
C PRO H 14 -7.59 -54.54 20.41
N GLY H 15 -8.80 -54.67 20.96
CA GLY H 15 -9.91 -53.85 20.48
C GLY H 15 -10.15 -52.74 21.47
N ASN H 16 -9.20 -52.59 22.41
CA ASN H 16 -9.27 -51.58 23.46
C ASN H 16 -7.96 -50.79 23.63
N GLU H 17 -6.83 -51.49 23.69
CA GLU H 17 -5.55 -50.81 23.88
C GLU H 17 -4.87 -50.39 22.57
N LEU H 18 -5.19 -51.05 21.48
CA LEU H 18 -4.60 -50.68 20.20
C LEU H 18 -5.46 -49.60 19.52
N SER H 19 -6.52 -49.18 20.19
CA SER H 19 -7.40 -48.14 19.66
C SER H 19 -7.38 -46.92 20.56
N LYS H 20 -7.77 -47.11 21.82
CA LYS H 20 -7.79 -45.99 22.76
C LYS H 20 -6.40 -45.41 23.01
N LYS H 21 -5.36 -46.20 22.71
CA LYS H 21 -3.99 -45.74 22.90
C LYS H 21 -3.46 -45.11 21.60
N TYR H 22 -3.42 -45.90 20.54
CA TYR H 22 -2.94 -45.42 19.25
C TYR H 22 -3.66 -44.16 18.81
N LEU H 23 -4.70 -43.76 19.54
CA LEU H 23 -5.43 -42.56 19.23
C LEU H 23 -5.10 -41.45 20.22
N ALA H 24 -5.26 -41.74 21.51
CA ALA H 24 -4.96 -40.76 22.56
C ALA H 24 -3.60 -40.12 22.27
N LYS H 25 -2.61 -40.95 21.93
CA LYS H 25 -1.26 -40.48 21.62
C LYS H 25 -1.21 -39.76 20.28
N VAL H 26 -1.37 -40.49 19.18
CA VAL H 26 -1.34 -39.89 17.85
C VAL H 26 -2.19 -38.63 17.80
N LYS H 27 -3.17 -38.53 18.70
CA LYS H 27 -4.02 -37.36 18.75
C LYS H 27 -3.37 -36.27 19.59
N GLU H 28 -2.86 -36.62 20.78
CA GLU H 28 -2.21 -35.64 21.64
C GLU H 28 -0.98 -35.08 20.96
N ARG H 29 -0.23 -35.94 20.29
CA ARG H 29 0.97 -35.52 19.57
C ARG H 29 0.57 -34.48 18.55
N HIS H 30 -0.48 -34.80 17.80
CA HIS H 30 -1.00 -33.93 16.77
C HIS H 30 -1.60 -32.67 17.39
N GLU H 31 -1.84 -32.70 18.69
CA GLU H 31 -2.41 -31.56 19.40
C GLU H 31 -1.27 -30.69 19.90
N LEU H 32 -0.13 -31.31 20.14
CA LEU H 32 1.04 -30.58 20.63
C LEU H 32 1.72 -29.95 19.44
N LYS H 33 1.97 -30.75 18.41
CA LYS H 33 2.62 -30.29 17.19
C LYS H 33 2.01 -29.01 16.70
N GLU H 34 0.69 -28.87 16.86
CA GLU H 34 0.01 -27.66 16.43
C GLU H 34 0.23 -26.53 17.42
N PHE H 35 0.53 -26.89 18.67
CA PHE H 35 0.77 -25.88 19.70
C PHE H 35 2.20 -25.36 19.62
N ASN H 36 3.11 -26.23 19.18
CA ASN H 36 4.52 -25.85 19.06
C ASN H 36 4.69 -24.82 17.95
N ASN H 37 3.89 -24.94 16.90
CA ASN H 37 3.98 -24.01 15.78
C ASN H 37 3.23 -22.73 16.07
N SER H 38 3.21 -22.32 17.33
CA SER H 38 2.52 -21.10 17.72
C SER H 38 3.38 -20.27 18.66
N ILE H 39 4.63 -20.71 18.85
CA ILE H 39 5.57 -20.01 19.71
C ILE H 39 6.89 -19.82 18.96
N SER H 40 7.61 -18.76 19.30
CA SER H 40 8.88 -18.48 18.66
C SER H 40 9.97 -19.39 19.17
N ALA H 41 10.44 -20.27 18.30
CA ALA H 41 11.50 -21.18 18.67
C ALA H 41 12.69 -20.32 19.04
N GLN H 42 12.54 -19.01 18.82
CA GLN H 42 13.61 -18.09 19.13
C GLN H 42 13.39 -17.38 20.47
N ASP H 43 12.18 -16.89 20.70
CA ASP H 43 11.89 -16.19 21.95
C ASP H 43 11.55 -17.12 23.08
N ASN H 44 11.18 -18.35 22.75
CA ASN H 44 10.83 -19.33 23.76
C ASN H 44 11.61 -20.62 23.52
N TYR H 45 12.86 -20.48 23.08
CA TYR H 45 13.70 -21.63 22.83
C TYR H 45 13.46 -22.65 23.91
N ALA H 46 13.36 -22.15 25.13
CA ALA H 46 13.12 -22.94 26.32
C ALA H 46 12.04 -23.97 26.06
N LYS H 47 10.79 -23.51 26.16
CA LYS H 47 9.60 -24.34 25.95
C LYS H 47 9.71 -25.10 24.66
N TRP H 48 9.88 -24.37 23.56
CA TRP H 48 9.98 -24.98 22.24
C TRP H 48 10.77 -26.28 22.25
N THR H 49 12.00 -26.23 22.76
CA THR H 49 12.83 -27.43 22.78
C THR H 49 12.28 -28.50 23.70
N LYS H 50 11.57 -28.08 24.75
CA LYS H 50 10.96 -29.01 25.68
C LYS H 50 9.93 -29.80 24.87
N ASN H 51 8.95 -29.08 24.34
CA ASN H 51 7.90 -29.67 23.54
C ASN H 51 8.45 -30.60 22.49
N ASN H 52 9.53 -30.20 21.81
CA ASN H 52 10.09 -31.06 20.80
C ASN H 52 10.51 -32.39 21.42
N ARG H 53 11.26 -32.31 22.51
CA ARG H 53 11.72 -33.52 23.19
C ARG H 53 10.55 -34.47 23.42
N LYS H 54 9.43 -33.88 23.83
CA LYS H 54 8.22 -34.66 24.08
C LYS H 54 7.79 -35.32 22.77
N LEU H 55 7.52 -34.51 21.75
CA LEU H 55 7.11 -35.04 20.45
C LEU H 55 8.07 -36.10 19.93
N ASP H 56 9.26 -36.18 20.49
CA ASP H 56 10.24 -37.16 20.03
C ASP H 56 10.03 -38.49 20.72
N SER H 57 9.31 -38.46 21.84
CA SER H 57 9.00 -39.67 22.59
C SER H 57 7.74 -40.27 21.97
N LEU H 58 6.68 -39.47 21.95
CA LEU H 58 5.42 -39.90 21.39
C LEU H 58 5.65 -40.46 20.00
N ASP H 59 6.66 -39.95 19.31
CA ASP H 59 6.99 -40.45 17.98
C ASP H 59 7.51 -41.87 18.06
N LYS H 60 8.06 -42.24 19.20
CA LYS H 60 8.59 -43.59 19.38
C LYS H 60 7.54 -44.53 19.96
N GLU H 61 6.80 -44.06 20.98
CA GLU H 61 5.77 -44.90 21.61
C GLU H 61 4.49 -44.97 20.81
N ILE H 62 4.55 -44.50 19.57
CA ILE H 62 3.41 -44.55 18.66
C ILE H 62 3.93 -45.43 17.53
N ASN H 63 5.25 -45.57 17.51
CA ASN H 63 5.89 -46.41 16.52
C ASN H 63 6.14 -47.75 17.19
N ASN H 64 5.73 -47.85 18.46
CA ASN H 64 5.85 -49.09 19.21
C ASN H 64 4.48 -49.76 19.18
N LEU H 65 3.44 -48.97 19.39
CA LEU H 65 2.08 -49.47 19.35
C LEU H 65 1.75 -49.87 17.92
N LYS H 66 2.66 -49.56 17.00
CA LYS H 66 2.50 -49.90 15.59
C LYS H 66 3.02 -51.31 15.39
N ASP H 67 3.89 -51.75 16.30
CA ASP H 67 4.46 -53.08 16.24
C ASP H 67 3.73 -54.00 17.24
N GLU H 68 3.14 -53.39 18.26
CA GLU H 68 2.39 -54.12 19.27
C GLU H 68 1.07 -54.54 18.64
N ILE H 69 0.59 -53.70 17.74
CA ILE H 69 -0.66 -53.92 17.03
C ILE H 69 -0.36 -54.72 15.76
N GLN H 70 0.92 -54.82 15.40
CA GLN H 70 1.29 -55.54 14.19
C GLN H 70 1.80 -56.96 14.40
N SER H 71 2.31 -57.25 15.59
CA SER H 71 2.80 -58.59 15.90
C SER H 71 1.62 -59.42 16.46
N GLU H 72 0.51 -58.73 16.69
CA GLU H 72 -0.73 -59.31 17.20
C GLU H 72 -1.63 -59.76 16.04
N ASN H 73 -1.28 -59.33 14.82
CA ASN H 73 -2.03 -59.70 13.62
C ASN H 73 -1.15 -60.63 12.77
N LYS H 74 -0.15 -61.22 13.43
CA LYS H 74 0.78 -62.15 12.81
C LYS H 74 0.57 -63.53 13.44
N ALA H 75 0.54 -63.56 14.77
CA ALA H 75 0.34 -64.80 15.52
C ALA H 75 -1.16 -65.14 15.56
N PHE H 76 -1.99 -64.10 15.73
CA PHE H 76 -3.44 -64.24 15.75
C PHE H 76 -3.84 -64.66 14.33
N GLN H 77 -2.83 -65.00 13.53
CA GLN H 77 -3.00 -65.44 12.16
C GLN H 77 -1.79 -66.29 11.75
#